data_4K1W
#
_entry.id   4K1W
#
_cell.length_a   116.223
_cell.length_b   165.363
_cell.length_c   167.197
_cell.angle_alpha   90.00
_cell.angle_beta   90.00
_cell.angle_gamma   90.00
#
_symmetry.space_group_name_H-M   'C 2 2 21'
#
loop_
_entity.id
_entity.type
_entity.pdbx_description
1 polymer 'Mandelate racemase/muconate lactonizing enzyme, N-terminal domain protein'
2 non-polymer 'MAGNESIUM ION'
3 non-polymer 'D-MANNONIC ACID'
4 non-polymer 'TRIETHYLENE GLYCOL'
5 non-polymer 'CARBON DIOXIDE'
6 non-polymer 1,3-PROPANDIOL
7 non-polymer 'CARBONATE ION'
8 water water
#
_entity_poly.entity_id   1
_entity_poly.type   'polypeptide(L)'
_entity_poly.pdbx_seq_one_letter_code
;HHHHHHSSGLVPRGSHMKITAARVIITCPGRNFVTLKIETDQGVYGIGDATLNGRELSVVAYLQEHVAPCLIGMDPRRIE
DIWQYVYRGAYWRRGPVTMRAIAAVDMALWDIKAKMAGMPLYQLLGGRSRDGIMVYGHANGSDIAETVEAVGHYIDMGYK
AIRAQTGVPGIKDAYGVGRGKLYYEPADASLPSVTGWDTRKALNYVPKLFEELRKTYGFDHHLLHDGHHRYTPQEAANLG
KMLEPYQLFWLEDCTPAENQEAFRLVRQHTVTPLAVGEIFNTIWDAKDLIQNQLIDYIRATVVGAGGLTHLRRIADLASL
YQVRTGCHGPTDLSPVTMGCALHFDTWVPNFGIQEYMRHTEETDAVFPHDYWFEKGELFVGETPGHGVDIDEELAAKYPY
KPAYLPVARLEDGTMWNW
;
_entity_poly.pdbx_strand_id   A,B,C,D
#
# COMPACT_ATOMS: atom_id res chain seq x y z
N SER A 7 -11.73 -9.61 30.04
CA SER A 7 -11.64 -8.17 29.84
C SER A 7 -11.06 -7.46 31.06
N SER A 8 -10.27 -6.43 30.80
CA SER A 8 -9.67 -5.62 31.86
C SER A 8 -10.71 -4.62 32.38
N GLY A 9 -11.87 -4.62 31.73
CA GLY A 9 -12.96 -3.72 32.09
C GLY A 9 -13.29 -2.78 30.96
N LEU A 10 -14.51 -2.87 30.47
CA LEU A 10 -14.99 -1.95 29.45
C LEU A 10 -15.58 -0.72 30.13
N VAL A 11 -15.46 0.43 29.47
CA VAL A 11 -16.12 1.64 29.92
C VAL A 11 -17.61 1.50 29.60
N PRO A 12 -18.49 1.93 30.50
CA PRO A 12 -19.93 1.89 30.18
C PRO A 12 -20.24 2.63 28.88
N ARG A 13 -21.16 2.08 28.10
CA ARG A 13 -21.64 2.69 26.87
C ARG A 13 -22.10 4.13 27.16
N GLY A 14 -21.53 5.09 26.44
CA GLY A 14 -21.88 6.48 26.62
C GLY A 14 -21.04 7.20 27.67
N SER A 15 -20.04 6.50 28.20
CA SER A 15 -19.15 7.10 29.18
C SER A 15 -17.77 7.34 28.55
N HIS A 16 -16.99 8.23 29.18
CA HIS A 16 -15.72 8.62 28.59
C HIS A 16 -14.56 7.96 29.29
N MET A 17 -13.42 7.93 28.61
CA MET A 17 -12.20 7.35 29.14
C MET A 17 -11.09 8.35 28.85
N LYS A 18 -10.23 8.60 29.82
CA LYS A 18 -9.16 9.58 29.66
C LYS A 18 -7.79 9.04 30.05
N ILE A 19 -6.77 9.47 29.32
CA ILE A 19 -5.40 9.26 29.77
C ILE A 19 -5.13 10.18 30.97
N THR A 20 -4.66 9.61 32.05
CA THR A 20 -4.40 10.36 33.27
C THR A 20 -2.91 10.63 33.44
N ALA A 21 -2.09 9.80 32.82
CA ALA A 21 -0.64 9.95 32.91
C ALA A 21 0.07 9.24 31.76
N ALA A 22 1.18 9.83 31.32
CA ALA A 22 2.01 9.22 30.30
C ALA A 22 3.46 9.35 30.76
N ARG A 23 3.93 8.33 31.46
CA ARG A 23 5.21 8.39 32.18
C ARG A 23 6.33 7.65 31.46
N VAL A 24 7.52 8.26 31.44
CA VAL A 24 8.69 7.62 30.85
C VAL A 24 9.54 7.00 31.95
N ILE A 25 9.91 5.74 31.76
CA ILE A 25 10.70 4.99 32.72
C ILE A 25 11.98 4.56 32.01
N ILE A 26 13.11 4.81 32.66
CA ILE A 26 14.43 4.48 32.09
C ILE A 26 15.10 3.46 32.98
N THR A 27 15.69 2.44 32.38
CA THR A 27 16.35 1.40 33.15
C THR A 27 17.50 0.79 32.34
N CYS A 28 18.51 0.29 33.03
CA CYS A 28 19.65 -0.32 32.34
C CYS A 28 20.01 -1.69 32.91
N PRO A 29 19.13 -2.69 32.69
CA PRO A 29 19.38 -4.05 33.19
C PRO A 29 20.22 -4.83 32.20
N GLY A 30 21.46 -4.40 32.00
CA GLY A 30 22.32 -5.00 31.00
C GLY A 30 22.59 -4.06 29.84
N ARG A 31 21.59 -3.23 29.53
CA ARG A 31 21.72 -2.17 28.53
C ARG A 31 20.53 -1.24 28.71
N ASN A 32 20.61 -0.05 28.10
CA ASN A 32 19.58 0.97 28.26
C ASN A 32 18.26 0.65 27.57
N PHE A 33 17.16 0.81 28.30
CA PHE A 33 15.82 0.75 27.72
C PHE A 33 14.95 1.90 28.20
N VAL A 34 14.16 2.45 27.28
CA VAL A 34 13.23 3.51 27.61
C VAL A 34 11.82 3.01 27.36
N THR A 35 10.94 3.22 28.32
CA THR A 35 9.58 2.72 28.27
C THR A 35 8.59 3.82 28.61
N LEU A 36 7.51 3.88 27.84
CA LEU A 36 6.41 4.79 28.13
C LEU A 36 5.28 3.98 28.76
N LYS A 37 4.72 4.49 29.85
CA LYS A 37 3.57 3.86 30.46
C LYS A 37 2.40 4.83 30.44
N ILE A 38 1.35 4.46 29.71
CA ILE A 38 0.14 5.26 29.64
C ILE A 38 -0.90 4.74 30.63
N GLU A 39 -1.26 5.56 31.61
CA GLU A 39 -2.25 5.21 32.60
C GLU A 39 -3.59 5.90 32.32
N THR A 40 -4.68 5.27 32.74
CA THR A 40 -6.02 5.78 32.42
C THR A 40 -6.87 5.93 33.66
N ASP A 41 -7.97 6.67 33.53
CA ASP A 41 -8.87 6.86 34.65
C ASP A 41 -9.74 5.62 34.91
N GLN A 42 -9.73 4.67 33.97
CA GLN A 42 -10.44 3.41 34.16
C GLN A 42 -9.64 2.49 35.06
N GLY A 43 -8.31 2.61 35.01
CA GLY A 43 -7.45 1.75 35.79
C GLY A 43 -6.45 1.01 34.93
N VAL A 44 -6.90 0.57 33.75
CA VAL A 44 -6.03 -0.16 32.84
C VAL A 44 -4.90 0.74 32.36
N TYR A 45 -3.72 0.17 32.16
CA TYR A 45 -2.60 0.88 31.59
C TYR A 45 -1.99 0.10 30.45
N GLY A 46 -1.14 0.78 29.68
CA GLY A 46 -0.42 0.15 28.59
C GLY A 46 1.02 0.63 28.58
N ILE A 47 1.92 -0.17 28.04
CA ILE A 47 3.31 0.25 27.91
C ILE A 47 3.88 0.06 26.51
N GLY A 48 4.83 0.93 26.15
CA GLY A 48 5.44 0.87 24.84
C GLY A 48 6.94 1.13 24.91
N ASP A 49 7.69 0.53 24.00
CA ASP A 49 9.13 0.72 23.94
C ASP A 49 9.43 2.01 23.19
N ALA A 50 10.40 2.76 23.69
CA ALA A 50 10.82 4.02 23.08
C ALA A 50 12.34 4.03 22.87
N THR A 51 12.97 2.87 23.05
CA THR A 51 14.43 2.78 23.04
C THR A 51 15.06 3.09 21.69
N LEU A 52 15.95 4.08 21.66
CA LEU A 52 16.73 4.39 20.45
C LEU A 52 18.21 4.27 20.80
N ASN A 53 18.81 3.16 20.39
CA ASN A 53 20.17 2.79 20.82
C ASN A 53 21.21 3.86 20.49
N GLY A 54 21.88 4.35 21.53
CA GLY A 54 22.93 5.35 21.37
C GLY A 54 22.45 6.78 21.40
N ARG A 55 21.13 6.98 21.41
CA ARG A 55 20.55 8.31 21.45
C ARG A 55 19.32 8.32 22.37
N GLU A 56 19.35 7.51 23.43
CA GLU A 56 18.13 7.20 24.18
C GLU A 56 17.44 8.39 24.81
N LEU A 57 18.24 9.34 25.28
CA LEU A 57 17.71 10.43 26.08
C LEU A 57 17.02 11.52 25.24
N SER A 58 17.29 11.52 23.93
CA SER A 58 16.55 12.40 23.03
C SER A 58 15.08 12.01 22.94
N VAL A 59 14.81 10.71 22.95
CA VAL A 59 13.43 10.23 22.92
C VAL A 59 12.75 10.47 24.26
N VAL A 60 13.48 10.24 25.35
CA VAL A 60 12.98 10.58 26.68
C VAL A 60 12.45 12.01 26.73
N ALA A 61 13.22 12.95 26.19
CA ALA A 61 12.85 14.37 26.23
C ALA A 61 11.69 14.68 25.28
N TYR A 62 11.73 14.07 24.10
CA TYR A 62 10.66 14.23 23.12
C TYR A 62 9.32 13.87 23.77
N LEU A 63 9.28 12.72 24.43
CA LEU A 63 8.09 12.24 25.11
C LEU A 63 7.74 13.05 26.37
N GLN A 64 8.66 13.10 27.31
CA GLN A 64 8.41 13.75 28.60
C GLN A 64 8.08 15.23 28.49
N GLU A 65 8.84 15.95 27.69
CA GLU A 65 8.70 17.41 27.66
C GLU A 65 7.68 17.89 26.64
N HIS A 66 7.40 17.08 25.64
CA HIS A 66 6.56 17.56 24.54
C HIS A 66 5.31 16.73 24.31
N VAL A 67 5.46 15.44 24.02
CA VAL A 67 4.30 14.62 23.64
C VAL A 67 3.37 14.27 24.81
N ALA A 68 3.94 13.74 25.88
CA ALA A 68 3.16 13.32 27.03
C ALA A 68 2.15 14.36 27.58
N PRO A 69 2.59 15.63 27.77
CA PRO A 69 1.61 16.60 28.25
C PRO A 69 0.41 16.79 27.30
N CYS A 70 0.59 16.50 26.01
CA CYS A 70 -0.51 16.62 25.05
C CYS A 70 -1.49 15.46 25.17
N LEU A 71 -0.99 14.32 25.65
CA LEU A 71 -1.79 13.10 25.71
C LEU A 71 -2.79 13.11 26.84
N ILE A 72 -2.45 13.82 27.92
CA ILE A 72 -3.28 13.84 29.11
C ILE A 72 -4.68 14.35 28.78
N GLY A 73 -5.69 13.58 29.16
CA GLY A 73 -7.07 13.93 28.91
C GLY A 73 -7.62 13.33 27.63
N MET A 74 -6.74 12.83 26.76
CA MET A 74 -7.19 12.21 25.52
C MET A 74 -7.82 10.84 25.75
N ASP A 75 -8.65 10.43 24.80
CA ASP A 75 -9.32 9.13 24.83
C ASP A 75 -8.38 8.09 24.26
N PRO A 76 -7.83 7.23 25.13
CA PRO A 76 -6.79 6.26 24.72
C PRO A 76 -7.31 5.21 23.75
N ARG A 77 -8.63 5.10 23.62
CA ARG A 77 -9.21 4.17 22.67
C ARG A 77 -9.02 4.64 21.23
N ARG A 78 -8.75 5.92 21.05
CA ARG A 78 -8.61 6.49 19.70
C ARG A 78 -7.18 6.35 19.20
N ILE A 79 -6.76 5.12 18.92
CA ILE A 79 -5.38 4.84 18.55
C ILE A 79 -4.96 5.58 17.28
N GLU A 80 -5.77 5.45 16.25
CA GLU A 80 -5.48 6.05 14.95
C GLU A 80 -5.45 7.57 15.06
N ASP A 81 -6.42 8.15 15.75
CA ASP A 81 -6.46 9.61 15.91
C ASP A 81 -5.23 10.12 16.63
N ILE A 82 -4.82 9.40 17.67
CA ILE A 82 -3.67 9.83 18.45
C ILE A 82 -2.39 9.65 17.62
N TRP A 83 -2.33 8.57 16.85
CA TRP A 83 -1.19 8.38 15.95
C TRP A 83 -1.09 9.56 15.00
N GLN A 84 -2.20 9.94 14.38
CA GLN A 84 -2.20 11.05 13.42
C GLN A 84 -1.87 12.36 14.13
N TYR A 85 -2.34 12.49 15.37
CA TYR A 85 -2.09 13.69 16.15
C TYR A 85 -0.60 13.88 16.37
N VAL A 86 0.06 12.83 16.84
N VAL A 86 0.09 12.84 16.83
CA VAL A 86 1.49 12.91 17.15
CA VAL A 86 1.52 13.00 17.13
C VAL A 86 2.32 13.02 15.87
C VAL A 86 2.38 12.98 15.87
N TYR A 87 1.90 12.31 14.82
CA TYR A 87 2.63 12.29 13.56
C TYR A 87 2.50 13.59 12.79
N ARG A 88 1.27 13.98 12.47
CA ARG A 88 1.03 15.22 11.77
C ARG A 88 1.32 16.43 12.66
N GLY A 89 0.90 16.35 13.93
CA GLY A 89 0.99 17.47 14.84
C GLY A 89 2.40 17.91 15.15
N ALA A 90 3.36 17.00 15.01
CA ALA A 90 4.78 17.31 15.22
C ALA A 90 5.23 18.46 14.33
N TYR A 91 4.57 18.60 13.18
CA TYR A 91 4.89 19.57 12.12
C TYR A 91 6.14 19.16 11.36
N TRP A 92 7.23 18.96 12.09
CA TRP A 92 8.44 18.37 11.53
C TRP A 92 8.26 16.85 11.53
N ARG A 93 8.15 16.26 10.35
CA ARG A 93 7.66 14.87 10.25
C ARG A 93 8.77 13.87 10.05
N ARG A 94 8.49 12.62 10.46
CA ARG A 94 9.36 11.46 10.28
C ARG A 94 10.58 11.57 11.20
N GLY A 95 11.52 10.63 11.09
CA GLY A 95 12.75 10.69 11.87
C GLY A 95 12.90 9.66 12.98
N PRO A 96 14.15 9.33 13.32
CA PRO A 96 14.38 8.27 14.32
C PRO A 96 13.78 8.59 15.69
N VAL A 97 13.98 9.81 16.17
CA VAL A 97 13.53 10.21 17.49
C VAL A 97 12.01 10.33 17.47
N THR A 98 11.50 11.06 16.49
CA THR A 98 10.06 11.27 16.32
C THR A 98 9.28 9.96 16.30
N MET A 99 9.72 9.03 15.47
CA MET A 99 8.97 7.79 15.28
C MET A 99 9.12 6.82 16.43
N ARG A 100 10.23 6.89 17.15
CA ARG A 100 10.34 6.12 18.40
C ARG A 100 9.28 6.58 19.41
N ALA A 101 9.06 7.89 19.48
CA ALA A 101 8.10 8.44 20.43
C ALA A 101 6.69 8.01 20.03
N ILE A 102 6.41 8.13 18.73
CA ILE A 102 5.13 7.69 18.21
C ILE A 102 4.91 6.20 18.44
N ALA A 103 5.97 5.42 18.20
CA ALA A 103 5.89 3.97 18.38
C ALA A 103 5.58 3.59 19.82
N ALA A 104 6.17 4.31 20.75
CA ALA A 104 5.97 4.03 22.18
C ALA A 104 4.51 4.29 22.56
N VAL A 105 3.96 5.38 22.06
CA VAL A 105 2.56 5.72 22.31
C VAL A 105 1.66 4.66 21.69
N ASP A 106 1.95 4.30 20.43
CA ASP A 106 1.12 3.35 19.71
C ASP A 106 1.11 1.96 20.37
N MET A 107 2.28 1.47 20.74
CA MET A 107 2.36 0.20 21.44
C MET A 107 1.55 0.21 22.74
N ALA A 108 1.68 1.29 23.51
CA ALA A 108 0.98 1.39 24.78
C ALA A 108 -0.53 1.39 24.57
N LEU A 109 -0.98 2.09 23.53
CA LEU A 109 -2.41 2.17 23.26
C LEU A 109 -2.99 0.82 22.75
N TRP A 110 -2.24 0.11 21.92
CA TRP A 110 -2.70 -1.21 21.46
C TRP A 110 -2.69 -2.21 22.62
N ASP A 111 -1.73 -2.05 23.53
CA ASP A 111 -1.69 -2.80 24.78
C ASP A 111 -3.00 -2.58 25.55
N ILE A 112 -3.40 -1.33 25.70
CA ILE A 112 -4.64 -0.99 26.40
C ILE A 112 -5.87 -1.58 25.70
N LYS A 113 -5.92 -1.46 24.37
CA LYS A 113 -7.08 -1.97 23.62
C LYS A 113 -7.22 -3.48 23.71
N ALA A 114 -6.10 -4.20 23.64
CA ALA A 114 -6.14 -5.65 23.78
C ALA A 114 -6.53 -6.09 25.20
N LYS A 115 -6.00 -5.40 26.20
CA LYS A 115 -6.42 -5.64 27.59
C LYS A 115 -7.92 -5.43 27.76
N MET A 116 -8.44 -4.33 27.24
CA MET A 116 -9.86 -4.02 27.39
C MET A 116 -10.72 -5.04 26.65
N ALA A 117 -10.21 -5.53 25.52
CA ALA A 117 -10.93 -6.52 24.72
C ALA A 117 -10.86 -7.91 25.33
N GLY A 118 -9.98 -8.08 26.32
CA GLY A 118 -9.76 -9.38 26.94
C GLY A 118 -9.08 -10.36 26.01
N MET A 119 -8.31 -9.84 25.07
CA MET A 119 -7.67 -10.66 24.04
C MET A 119 -6.18 -10.40 23.92
N PRO A 120 -5.40 -11.43 23.55
CA PRO A 120 -4.03 -11.17 23.14
C PRO A 120 -4.01 -10.31 21.89
N LEU A 121 -3.03 -9.42 21.76
CA LEU A 121 -3.01 -8.45 20.68
C LEU A 121 -3.21 -9.03 19.27
N TYR A 122 -2.63 -10.19 18.97
CA TYR A 122 -2.75 -10.73 17.61
C TYR A 122 -4.20 -10.96 17.19
N GLN A 123 -5.08 -11.24 18.15
CA GLN A 123 -6.50 -11.41 17.84
C GLN A 123 -7.13 -10.13 17.30
N LEU A 124 -6.73 -8.96 17.84
CA LEU A 124 -7.26 -7.68 17.37
C LEU A 124 -6.77 -7.32 15.98
N LEU A 125 -5.57 -7.80 15.64
CA LEU A 125 -4.98 -7.47 14.34
C LEU A 125 -5.61 -8.31 13.23
N GLY A 126 -6.30 -9.39 13.59
CA GLY A 126 -6.93 -10.25 12.60
C GLY A 126 -6.77 -11.74 12.88
N GLY A 127 -6.19 -12.08 14.01
CA GLY A 127 -6.11 -13.47 14.43
C GLY A 127 -4.84 -14.15 13.93
N ARG A 128 -4.62 -15.39 14.34
CA ARG A 128 -3.35 -16.04 14.00
C ARG A 128 -3.35 -16.61 12.59
N SER A 129 -2.21 -16.48 11.93
CA SER A 129 -1.99 -17.01 10.60
C SER A 129 -1.01 -18.18 10.65
N ARG A 130 -0.36 -18.35 11.80
CA ARG A 130 0.66 -19.37 11.96
C ARG A 130 0.84 -19.70 13.43
N ASP A 131 1.54 -20.78 13.73
CA ASP A 131 1.80 -21.16 15.10
C ASP A 131 3.08 -20.51 15.60
N GLY A 132 4.21 -21.15 15.33
CA GLY A 132 5.51 -20.63 15.75
C GLY A 132 6.05 -19.59 14.79
N ILE A 133 6.97 -18.77 15.28
CA ILE A 133 7.56 -17.68 14.51
C ILE A 133 9.02 -18.01 14.23
N MET A 134 9.35 -18.26 12.97
CA MET A 134 10.72 -18.66 12.64
C MET A 134 11.68 -17.52 12.93
N VAL A 135 12.77 -17.84 13.61
CA VAL A 135 13.76 -16.84 13.91
C VAL A 135 15.09 -17.18 13.26
N TYR A 136 15.98 -16.20 13.22
CA TYR A 136 17.38 -16.49 12.97
C TYR A 136 18.23 -16.00 14.14
N GLY A 137 19.33 -16.69 14.37
CA GLY A 137 20.31 -16.31 15.37
C GLY A 137 21.58 -15.81 14.70
N HIS A 138 22.55 -15.40 15.53
CA HIS A 138 23.77 -14.71 15.09
C HIS A 138 25.02 -15.55 15.32
N ALA A 139 25.51 -16.16 14.25
CA ALA A 139 26.75 -16.91 14.29
C ALA A 139 27.87 -15.98 13.84
N ASN A 140 28.73 -15.60 14.79
CA ASN A 140 29.83 -14.69 14.54
C ASN A 140 31.16 -15.39 14.75
N GLY A 141 32.15 -15.04 13.94
CA GLY A 141 33.50 -15.57 14.14
C GLY A 141 34.52 -14.56 13.67
N SER A 142 35.73 -14.63 14.23
CA SER A 142 36.77 -13.69 13.82
C SER A 142 37.33 -14.05 12.45
N ASP A 143 37.16 -15.31 12.05
CA ASP A 143 37.53 -15.77 10.72
C ASP A 143 36.55 -16.84 10.20
N ILE A 144 36.81 -17.38 9.03
CA ILE A 144 35.89 -18.33 8.43
C ILE A 144 35.73 -19.60 9.29
N ALA A 145 36.85 -20.18 9.71
CA ALA A 145 36.82 -21.40 10.53
C ALA A 145 35.91 -21.21 11.75
N GLU A 146 36.11 -20.11 12.46
CA GLU A 146 35.35 -19.82 13.68
C GLU A 146 33.87 -19.55 13.38
N THR A 147 33.60 -18.84 12.29
CA THR A 147 32.21 -18.55 11.92
C THR A 147 31.49 -19.83 11.52
N VAL A 148 32.21 -20.70 10.82
CA VAL A 148 31.69 -22.03 10.47
C VAL A 148 31.30 -22.82 11.72
N GLU A 149 32.18 -22.84 12.72
CA GLU A 149 31.87 -23.53 13.97
C GLU A 149 30.66 -22.90 14.68
N ALA A 150 30.55 -21.58 14.61
CA ALA A 150 29.42 -20.88 15.21
C ALA A 150 28.10 -21.22 14.52
N VAL A 151 28.13 -21.33 13.20
CA VAL A 151 26.93 -21.73 12.47
C VAL A 151 26.51 -23.15 12.90
N GLY A 152 27.49 -24.03 13.11
CA GLY A 152 27.17 -25.37 13.56
C GLY A 152 26.46 -25.39 14.90
N HIS A 153 26.85 -24.46 15.78
CA HIS A 153 26.25 -24.36 17.10
C HIS A 153 24.77 -24.00 16.98
N TYR A 154 24.46 -23.03 16.14
CA TYR A 154 23.06 -22.64 15.93
C TYR A 154 22.27 -23.76 15.28
N ILE A 155 22.91 -24.48 14.37
CA ILE A 155 22.30 -25.66 13.77
C ILE A 155 21.96 -26.71 14.84
N ASP A 156 22.90 -26.95 15.75
CA ASP A 156 22.66 -27.91 16.84
C ASP A 156 21.47 -27.49 17.70
N MET A 157 21.34 -26.19 17.90
CA MET A 157 20.28 -25.64 18.76
C MET A 157 18.90 -25.66 18.10
N GLY A 158 18.84 -26.14 16.86
CA GLY A 158 17.58 -26.27 16.15
C GLY A 158 17.14 -25.05 15.36
N TYR A 159 18.03 -24.08 15.17
CA TYR A 159 17.69 -22.94 14.33
C TYR A 159 17.54 -23.40 12.89
N LYS A 160 16.48 -22.94 12.24
CA LYS A 160 16.29 -23.22 10.83
C LYS A 160 17.03 -22.20 9.97
N ALA A 161 17.36 -21.06 10.58
CA ALA A 161 17.98 -19.93 9.89
C ALA A 161 19.09 -19.35 10.75
N ILE A 162 20.20 -19.02 10.11
CA ILE A 162 21.37 -18.52 10.83
C ILE A 162 22.01 -17.39 10.04
N ARG A 163 22.28 -16.27 10.71
CA ARG A 163 23.06 -15.21 10.10
C ARG A 163 24.52 -15.46 10.37
N ALA A 164 25.34 -15.48 9.32
CA ALA A 164 26.77 -15.71 9.45
C ALA A 164 27.57 -14.47 9.14
N GLN A 165 28.37 -14.04 10.11
CA GLN A 165 29.23 -12.86 9.95
C GLN A 165 30.63 -13.24 10.39
N THR A 166 31.61 -12.89 9.57
CA THR A 166 32.99 -13.19 9.87
C THR A 166 33.82 -11.91 9.86
N GLY A 167 34.81 -11.85 10.75
CA GLY A 167 35.83 -10.83 10.67
C GLY A 167 36.62 -11.10 9.39
N VAL A 168 37.29 -10.08 8.89
CA VAL A 168 38.12 -10.23 7.70
C VAL A 168 39.57 -9.95 8.10
N PRO A 169 40.47 -10.90 7.79
CA PRO A 169 41.91 -10.71 8.02
C PRO A 169 42.40 -9.44 7.33
N GLY A 170 43.12 -8.60 8.08
CA GLY A 170 43.58 -7.32 7.53
C GLY A 170 42.64 -6.17 7.85
N ILE A 171 41.50 -6.50 8.46
CA ILE A 171 40.53 -5.46 8.83
C ILE A 171 40.34 -5.49 10.34
N LYS A 172 40.32 -4.31 10.97
CA LYS A 172 40.08 -4.22 12.40
C LYS A 172 38.59 -4.26 12.73
N SER A 190 31.80 4.98 28.11
CA SER A 190 31.66 4.55 26.72
C SER A 190 31.63 5.74 25.76
N LEU A 191 32.56 5.73 24.82
CA LEU A 191 32.51 6.61 23.66
C LEU A 191 32.49 5.65 22.46
N PRO A 192 32.11 6.15 21.27
CA PRO A 192 32.02 5.22 20.14
C PRO A 192 33.36 4.57 19.79
N SER A 193 33.38 3.24 19.77
CA SER A 193 34.54 2.49 19.29
C SER A 193 34.75 2.79 17.82
N VAL A 194 36.00 2.94 17.40
CA VAL A 194 36.27 3.14 15.98
C VAL A 194 36.76 1.84 15.36
N THR A 195 36.08 1.37 14.32
CA THR A 195 36.49 0.16 13.62
C THR A 195 36.95 0.48 12.21
N GLY A 196 37.61 -0.49 11.58
CA GLY A 196 38.14 -0.29 10.25
C GLY A 196 37.34 -1.05 9.22
N TRP A 197 37.52 -0.70 7.96
CA TRP A 197 36.87 -1.40 6.87
C TRP A 197 37.67 -1.24 5.59
N ASP A 198 37.69 -2.30 4.79
CA ASP A 198 38.18 -2.23 3.42
C ASP A 198 37.38 -3.18 2.53
N THR A 199 36.84 -2.63 1.44
CA THR A 199 35.85 -3.38 0.66
C THR A 199 36.47 -4.51 -0.17
N ARG A 200 37.59 -4.22 -0.83
CA ARG A 200 38.27 -5.26 -1.60
C ARG A 200 38.63 -6.47 -0.72
N LYS A 201 39.18 -6.21 0.47
CA LYS A 201 39.47 -7.33 1.39
C LYS A 201 38.23 -8.18 1.65
N ALA A 202 37.09 -7.53 1.83
CA ALA A 202 35.85 -8.23 2.16
C ALA A 202 35.28 -8.96 0.96
N LEU A 203 35.30 -8.31 -0.19
CA LEU A 203 34.83 -8.94 -1.40
C LEU A 203 35.57 -10.23 -1.73
N ASN A 204 36.85 -10.28 -1.34
CA ASN A 204 37.69 -11.45 -1.61
C ASN A 204 37.47 -12.58 -0.61
N TYR A 205 36.85 -12.26 0.53
CA TYR A 205 36.82 -13.17 1.66
C TYR A 205 35.41 -13.67 1.97
N VAL A 206 34.45 -12.76 1.94
CA VAL A 206 33.07 -13.13 2.30
C VAL A 206 32.47 -14.28 1.46
N PRO A 207 32.68 -14.28 0.14
CA PRO A 207 32.09 -15.41 -0.59
C PRO A 207 32.69 -16.75 -0.16
N LYS A 208 33.92 -16.76 0.32
CA LYS A 208 34.54 -18.00 0.76
C LYS A 208 33.90 -18.53 2.05
N LEU A 209 33.38 -17.63 2.88
CA LEU A 209 32.62 -18.05 4.06
C LEU A 209 31.44 -18.91 3.63
N PHE A 210 30.65 -18.38 2.69
CA PHE A 210 29.42 -19.08 2.29
C PHE A 210 29.71 -20.33 1.49
N GLU A 211 30.82 -20.33 0.78
CA GLU A 211 31.29 -21.55 0.12
C GLU A 211 31.60 -22.62 1.15
N GLU A 212 32.32 -22.27 2.20
CA GLU A 212 32.68 -23.23 3.24
CA GLU A 212 32.68 -23.23 3.24
C GLU A 212 31.46 -23.69 4.02
N LEU A 213 30.53 -22.77 4.27
CA LEU A 213 29.30 -23.14 4.97
C LEU A 213 28.49 -24.18 4.20
N ARG A 214 28.37 -24.02 2.89
CA ARG A 214 27.59 -24.97 2.10
C ARG A 214 28.33 -26.29 1.91
N LYS A 215 29.65 -26.23 1.84
CA LYS A 215 30.46 -27.44 1.78
C LYS A 215 30.28 -28.24 3.06
N THR A 216 30.17 -27.53 4.18
CA THR A 216 30.19 -28.16 5.48
C THR A 216 28.81 -28.65 5.92
N TYR A 217 27.80 -27.82 5.69
CA TYR A 217 26.45 -28.11 6.19
C TYR A 217 25.42 -28.42 5.12
N GLY A 218 25.78 -28.27 3.85
CA GLY A 218 24.83 -28.44 2.77
C GLY A 218 23.81 -27.31 2.69
N PHE A 219 22.70 -27.57 2.00
CA PHE A 219 21.78 -26.50 1.61
C PHE A 219 20.44 -26.44 2.37
N ASP A 220 20.25 -27.30 3.37
CA ASP A 220 18.98 -27.32 4.09
C ASP A 220 18.68 -26.09 4.92
N HIS A 221 19.72 -25.48 5.49
CA HIS A 221 19.52 -24.36 6.40
C HIS A 221 19.49 -23.03 5.68
N HIS A 222 18.63 -22.14 6.16
CA HIS A 222 18.59 -20.77 5.66
C HIS A 222 19.84 -20.01 6.15
N LEU A 223 20.61 -19.44 5.23
CA LEU A 223 21.80 -18.68 5.62
C LEU A 223 21.67 -17.22 5.27
N LEU A 224 21.93 -16.36 6.25
CA LEU A 224 21.72 -14.92 6.08
C LEU A 224 23.04 -14.16 6.22
N HIS A 225 23.15 -13.03 5.51
CA HIS A 225 24.33 -12.18 5.66
C HIS A 225 23.95 -10.71 5.73
N ASP A 226 24.56 -9.99 6.66
CA ASP A 226 24.30 -8.55 6.83
C ASP A 226 25.52 -7.78 6.28
N GLY A 227 25.32 -7.09 5.17
CA GLY A 227 26.38 -6.29 4.56
C GLY A 227 26.65 -5.01 5.31
N HIS A 228 25.73 -4.66 6.20
CA HIS A 228 25.92 -3.56 7.15
C HIS A 228 26.38 -2.25 6.49
N HIS A 229 25.74 -1.92 5.37
CA HIS A 229 25.86 -0.64 4.69
C HIS A 229 27.23 -0.38 4.06
N ARG A 230 28.06 -1.41 3.92
CA ARG A 230 29.46 -1.20 3.58
C ARG A 230 29.77 -1.00 2.10
N TYR A 231 28.86 -1.43 1.22
CA TYR A 231 29.15 -1.55 -0.21
C TYR A 231 28.44 -0.49 -1.04
N THR A 232 29.03 -0.12 -2.18
CA THR A 232 28.31 0.66 -3.19
C THR A 232 27.32 -0.26 -3.91
N PRO A 233 26.39 0.33 -4.69
CA PRO A 233 25.47 -0.57 -5.40
C PRO A 233 26.20 -1.54 -6.33
N GLN A 234 27.18 -1.07 -7.08
CA GLN A 234 27.90 -1.98 -7.96
C GLN A 234 28.61 -3.08 -7.18
N GLU A 235 29.21 -2.71 -6.06
CA GLU A 235 29.89 -3.70 -5.23
C GLU A 235 28.92 -4.71 -4.64
N ALA A 236 27.75 -4.24 -4.25
CA ALA A 236 26.72 -5.15 -3.73
C ALA A 236 26.24 -6.11 -4.82
N ALA A 237 26.12 -5.62 -6.05
CA ALA A 237 25.77 -6.45 -7.20
C ALA A 237 26.81 -7.55 -7.39
N ASN A 238 28.07 -7.15 -7.33
CA ASN A 238 29.22 -8.03 -7.47
C ASN A 238 29.13 -9.12 -6.41
N LEU A 239 29.01 -8.68 -5.15
CA LEU A 239 28.91 -9.60 -4.02
C LEU A 239 27.70 -10.54 -4.15
N GLY A 240 26.55 -9.97 -4.50
CA GLY A 240 25.33 -10.74 -4.66
C GLY A 240 25.50 -11.84 -5.70
N LYS A 241 26.10 -11.51 -6.84
CA LYS A 241 26.40 -12.52 -7.85
C LYS A 241 27.33 -13.59 -7.30
N MET A 242 28.40 -13.19 -6.62
CA MET A 242 29.34 -14.18 -6.10
C MET A 242 28.70 -15.11 -5.05
N LEU A 243 27.64 -14.64 -4.41
CA LEU A 243 26.96 -15.43 -3.40
C LEU A 243 25.88 -16.35 -3.98
N GLU A 244 25.50 -16.13 -5.23
CA GLU A 244 24.43 -16.93 -5.86
C GLU A 244 24.57 -18.47 -5.74
N PRO A 245 25.79 -19.00 -5.92
CA PRO A 245 25.87 -20.46 -5.82
C PRO A 245 25.54 -20.99 -4.43
N TYR A 246 25.52 -20.12 -3.42
CA TYR A 246 25.32 -20.60 -2.05
C TYR A 246 23.91 -20.39 -1.51
N GLN A 247 23.03 -19.85 -2.35
CA GLN A 247 21.58 -19.81 -2.07
C GLN A 247 21.24 -19.19 -0.73
N LEU A 248 21.59 -17.92 -0.55
CA LEU A 248 21.34 -17.28 0.73
C LEU A 248 19.88 -16.95 0.92
N PHE A 249 19.47 -16.87 2.19
CA PHE A 249 18.12 -16.45 2.53
C PHE A 249 17.97 -14.96 2.23
N TRP A 250 18.97 -14.19 2.63
CA TRP A 250 19.08 -12.80 2.21
C TRP A 250 20.48 -12.25 2.36
N LEU A 251 20.74 -11.19 1.58
CA LEU A 251 21.84 -10.28 1.80
C LEU A 251 21.19 -8.96 2.22
N GLU A 252 21.54 -8.52 3.42
CA GLU A 252 20.83 -7.43 4.11
C GLU A 252 21.63 -6.14 4.10
N ASP A 253 20.92 -5.02 4.03
CA ASP A 253 21.51 -3.68 4.12
C ASP A 253 22.78 -3.56 3.30
N CYS A 254 22.73 -4.00 2.04
CA CYS A 254 23.96 -4.13 1.26
C CYS A 254 24.63 -2.79 0.98
N THR A 255 23.82 -1.76 0.79
CA THR A 255 24.29 -0.40 0.46
C THR A 255 23.40 0.62 1.14
N PRO A 256 23.94 1.82 1.47
CA PRO A 256 23.07 2.82 2.11
C PRO A 256 21.84 3.10 1.25
N ALA A 257 20.69 3.24 1.90
CA ALA A 257 19.43 3.30 1.17
C ALA A 257 18.63 4.59 1.37
N GLU A 258 19.28 5.68 1.79
CA GLU A 258 18.55 6.96 1.87
C GLU A 258 18.10 7.34 0.47
N ASN A 259 18.92 6.99 -0.53
CA ASN A 259 18.51 7.10 -1.92
C ASN A 259 17.85 5.76 -2.28
N GLN A 260 16.54 5.73 -2.48
CA GLN A 260 15.89 4.43 -2.72
C GLN A 260 16.22 3.87 -4.08
N GLU A 261 16.89 4.64 -4.92
CA GLU A 261 17.36 4.10 -6.20
C GLU A 261 18.64 3.29 -6.03
N ALA A 262 19.24 3.33 -4.83
CA ALA A 262 20.52 2.68 -4.62
C ALA A 262 20.44 1.16 -4.82
N PHE A 263 19.26 0.55 -4.63
CA PHE A 263 19.16 -0.89 -4.84
C PHE A 263 18.94 -1.33 -6.30
N ARG A 264 18.77 -0.36 -7.21
CA ARG A 264 18.42 -0.72 -8.58
C ARG A 264 19.47 -1.58 -9.30
N LEU A 265 20.73 -1.18 -9.22
N LEU A 265 20.73 -1.17 -9.23
CA LEU A 265 21.80 -1.93 -9.87
CA LEU A 265 21.81 -1.92 -9.85
C LEU A 265 21.99 -3.30 -9.23
C LEU A 265 21.95 -3.30 -9.23
N VAL A 266 21.77 -3.38 -7.91
CA VAL A 266 21.93 -4.64 -7.20
C VAL A 266 20.87 -5.61 -7.71
N ARG A 267 19.63 -5.15 -7.74
CA ARG A 267 18.50 -6.00 -8.13
C ARG A 267 18.59 -6.43 -9.61
N GLN A 268 19.14 -5.56 -10.44
CA GLN A 268 19.28 -5.83 -11.86
C GLN A 268 20.28 -6.97 -12.12
N HIS A 269 21.25 -7.11 -11.23
CA HIS A 269 22.39 -7.99 -11.47
C HIS A 269 22.45 -9.29 -10.69
N THR A 270 21.66 -9.44 -9.62
CA THR A 270 21.72 -10.65 -8.82
C THR A 270 20.34 -11.19 -8.44
N VAL A 271 20.26 -12.51 -8.28
CA VAL A 271 19.08 -13.19 -7.76
C VAL A 271 19.25 -13.61 -6.30
N THR A 272 20.35 -13.20 -5.68
CA THR A 272 20.48 -13.31 -4.22
C THR A 272 19.40 -12.41 -3.59
N PRO A 273 18.63 -12.95 -2.63
CA PRO A 273 17.52 -12.15 -2.11
C PRO A 273 18.07 -10.97 -1.33
N LEU A 274 17.34 -9.87 -1.31
CA LEU A 274 17.81 -8.65 -0.66
C LEU A 274 16.88 -8.23 0.47
N ALA A 275 17.45 -7.73 1.57
CA ALA A 275 16.63 -7.23 2.68
C ALA A 275 17.15 -5.87 3.09
N VAL A 276 16.27 -5.02 3.62
CA VAL A 276 16.70 -3.70 4.09
C VAL A 276 15.70 -3.18 5.09
N GLY A 277 16.13 -2.27 5.97
CA GLY A 277 15.20 -1.37 6.61
C GLY A 277 15.16 -1.31 8.12
N GLU A 278 16.09 -1.96 8.82
CA GLU A 278 16.11 -1.86 10.28
C GLU A 278 16.17 -0.42 10.75
N ILE A 279 16.84 0.44 9.99
CA ILE A 279 16.93 1.85 10.39
C ILE A 279 15.85 2.74 9.78
N PHE A 280 14.88 2.16 9.08
CA PHE A 280 13.80 2.97 8.52
C PHE A 280 12.82 3.37 9.63
N ASN A 281 12.17 4.51 9.46
CA ASN A 281 11.18 4.91 10.44
C ASN A 281 9.78 5.22 9.93
N THR A 282 9.60 5.28 8.60
CA THR A 282 8.25 5.39 8.02
C THR A 282 8.18 4.65 6.69
N ILE A 283 6.96 4.47 6.21
CA ILE A 283 6.71 3.84 4.93
C ILE A 283 7.37 4.65 3.80
N TRP A 284 7.60 5.93 4.03
CA TRP A 284 8.17 6.81 3.03
C TRP A 284 9.65 6.48 2.76
N ASP A 285 10.28 5.77 3.69
CA ASP A 285 11.64 5.30 3.49
C ASP A 285 11.70 4.06 2.59
N ALA A 286 10.56 3.41 2.39
CA ALA A 286 10.56 2.09 1.77
C ALA A 286 9.66 1.97 0.55
N LYS A 287 8.80 2.97 0.32
CA LYS A 287 7.76 2.82 -0.72
C LYS A 287 8.33 2.50 -2.10
N ASP A 288 9.45 3.10 -2.47
CA ASP A 288 9.99 2.87 -3.80
C ASP A 288 10.79 1.58 -3.88
N LEU A 289 11.52 1.27 -2.81
CA LEU A 289 12.20 -0.03 -2.73
C LEU A 289 11.19 -1.17 -2.88
N ILE A 290 10.00 -0.98 -2.31
CA ILE A 290 8.97 -2.01 -2.42
C ILE A 290 8.29 -2.00 -3.81
N GLN A 291 7.78 -0.85 -4.21
CA GLN A 291 7.00 -0.79 -5.46
C GLN A 291 7.83 -1.08 -6.70
N ASN A 292 9.11 -0.74 -6.66
CA ASN A 292 10.02 -1.06 -7.76
C ASN A 292 10.59 -2.46 -7.67
N GLN A 293 10.13 -3.22 -6.68
CA GLN A 293 10.55 -4.60 -6.47
C GLN A 293 12.06 -4.74 -6.36
N LEU A 294 12.63 -4.00 -5.43
CA LEU A 294 14.07 -4.01 -5.26
C LEU A 294 14.51 -4.80 -4.03
N ILE A 295 13.54 -5.25 -3.23
CA ILE A 295 13.85 -6.01 -2.03
C ILE A 295 12.88 -7.16 -1.83
N ASP A 296 13.31 -8.15 -1.06
CA ASP A 296 12.48 -9.31 -0.78
C ASP A 296 11.97 -9.31 0.64
N TYR A 297 12.69 -8.66 1.54
CA TYR A 297 12.27 -8.59 2.93
C TYR A 297 12.42 -7.17 3.43
N ILE A 298 11.38 -6.69 4.12
CA ILE A 298 11.38 -5.37 4.75
C ILE A 298 11.61 -5.56 6.26
N ARG A 299 12.65 -4.91 6.76
CA ARG A 299 13.18 -5.15 8.10
C ARG A 299 12.70 -4.16 9.14
N ALA A 300 11.82 -3.24 8.75
CA ALA A 300 11.30 -2.23 9.68
C ALA A 300 10.61 -2.88 10.90
N THR A 301 10.67 -2.21 12.04
CA THR A 301 10.19 -2.81 13.28
C THR A 301 9.09 -1.98 13.93
N VAL A 302 8.42 -2.57 14.92
CA VAL A 302 7.37 -1.87 15.63
C VAL A 302 7.91 -0.60 16.31
N VAL A 303 9.11 -0.67 16.89
CA VAL A 303 9.66 0.50 17.59
C VAL A 303 10.28 1.51 16.63
N GLY A 304 10.86 1.03 15.53
CA GLY A 304 11.55 1.93 14.62
C GLY A 304 10.60 2.72 13.75
N ALA A 305 9.49 2.10 13.37
CA ALA A 305 8.64 2.65 12.34
C ALA A 305 7.22 2.93 12.78
N GLY A 306 7.07 3.45 14.00
CA GLY A 306 5.80 4.05 14.39
C GLY A 306 4.71 3.13 14.91
N GLY A 307 5.10 2.00 15.49
CA GLY A 307 4.16 1.09 16.12
C GLY A 307 3.40 0.12 15.21
N LEU A 308 2.45 -0.60 15.78
CA LEU A 308 1.60 -1.52 15.01
C LEU A 308 0.82 -0.79 13.93
N THR A 309 0.27 0.37 14.26
CA THR A 309 -0.53 1.16 13.32
C THR A 309 0.22 1.38 11.99
N HIS A 310 1.49 1.76 12.07
CA HIS A 310 2.23 2.09 10.85
C HIS A 310 2.93 0.90 10.22
N LEU A 311 3.46 0.00 11.06
CA LEU A 311 4.14 -1.20 10.55
C LEU A 311 3.18 -2.04 9.73
N ARG A 312 1.91 -2.06 10.11
CA ARG A 312 0.89 -2.79 9.35
C ARG A 312 0.78 -2.25 7.91
N ARG A 313 0.83 -0.93 7.77
N ARG A 313 0.88 -0.94 7.77
CA ARG A 313 0.78 -0.29 6.47
CA ARG A 313 0.77 -0.30 6.47
C ARG A 313 1.97 -0.75 5.63
C ARG A 313 2.00 -0.56 5.59
N ILE A 314 3.16 -0.69 6.23
CA ILE A 314 4.38 -1.10 5.53
C ILE A 314 4.27 -2.55 5.07
N ALA A 315 3.82 -3.43 5.97
CA ALA A 315 3.68 -4.84 5.62
C ALA A 315 2.66 -5.05 4.49
N ASP A 316 1.57 -4.30 4.53
CA ASP A 316 0.54 -4.42 3.50
CA ASP A 316 0.55 -4.42 3.50
C ASP A 316 1.03 -3.94 2.13
N LEU A 317 1.76 -2.82 2.10
CA LEU A 317 2.31 -2.38 0.82
C LEU A 317 3.27 -3.45 0.27
N ALA A 318 4.10 -4.00 1.16
CA ALA A 318 5.07 -5.03 0.77
C ALA A 318 4.33 -6.23 0.18
N SER A 319 3.22 -6.61 0.80
CA SER A 319 2.47 -7.79 0.36
CA SER A 319 2.45 -7.78 0.36
C SER A 319 2.00 -7.70 -1.10
N LEU A 320 1.73 -6.49 -1.57
CA LEU A 320 1.26 -6.28 -2.94
CA LEU A 320 1.27 -6.30 -2.95
C LEU A 320 2.30 -6.79 -3.95
N TYR A 321 3.56 -6.77 -3.55
CA TYR A 321 4.67 -7.17 -4.41
C TYR A 321 5.33 -8.44 -3.93
N GLN A 322 4.64 -9.15 -3.04
CA GLN A 322 5.16 -10.39 -2.46
C GLN A 322 6.44 -10.21 -1.65
N VAL A 323 6.69 -8.98 -1.20
CA VAL A 323 7.77 -8.72 -0.26
C VAL A 323 7.30 -9.14 1.15
N ARG A 324 8.19 -9.77 1.91
CA ARG A 324 7.83 -10.35 3.21
C ARG A 324 8.43 -9.57 4.38
N THR A 325 7.87 -9.76 5.57
CA THR A 325 8.44 -9.10 6.74
C THR A 325 9.65 -9.85 7.27
N GLY A 326 10.66 -9.11 7.71
CA GLY A 326 11.83 -9.70 8.35
C GLY A 326 12.31 -8.80 9.47
N CYS A 327 11.42 -8.55 10.44
CA CYS A 327 11.67 -7.59 11.50
C CYS A 327 13.03 -7.78 12.19
N HIS A 328 13.80 -6.70 12.19
CA HIS A 328 15.00 -6.54 12.99
C HIS A 328 14.68 -6.77 14.47
N GLY A 329 15.62 -7.33 15.21
CA GLY A 329 15.35 -7.76 16.57
C GLY A 329 16.59 -7.95 17.42
N PRO A 330 17.43 -6.92 17.50
CA PRO A 330 18.63 -6.99 18.34
C PRO A 330 18.23 -6.79 19.79
N THR A 331 19.18 -6.83 20.71
CA THR A 331 18.82 -6.69 22.11
C THR A 331 18.38 -5.26 22.45
N ASP A 332 18.69 -4.30 21.58
CA ASP A 332 18.35 -2.90 21.86
C ASP A 332 16.90 -2.53 21.54
N LEU A 333 16.13 -3.53 21.10
CA LEU A 333 14.68 -3.45 21.09
C LEU A 333 14.23 -4.25 22.32
N SER A 334 13.56 -3.60 23.26
CA SER A 334 13.23 -4.22 24.53
C SER A 334 12.22 -5.35 24.36
N PRO A 335 12.03 -6.17 25.41
CA PRO A 335 10.98 -7.20 25.35
C PRO A 335 9.58 -6.65 25.04
N VAL A 336 9.32 -5.37 25.33
CA VAL A 336 8.02 -4.79 24.99
C VAL A 336 7.89 -4.76 23.48
N THR A 337 8.95 -4.34 22.80
CA THR A 337 8.98 -4.40 21.35
C THR A 337 8.84 -5.84 20.87
N MET A 338 9.58 -6.77 21.48
CA MET A 338 9.51 -8.16 21.03
C MET A 338 8.10 -8.71 21.17
N GLY A 339 7.44 -8.37 22.27
CA GLY A 339 6.07 -8.80 22.49
C GLY A 339 5.17 -8.32 21.37
N CYS A 340 5.25 -7.03 21.06
CA CYS A 340 4.44 -6.50 19.97
C CYS A 340 4.82 -7.13 18.64
N ALA A 341 6.11 -7.30 18.43
CA ALA A 341 6.61 -7.89 17.18
C ALA A 341 6.09 -9.29 16.96
N LEU A 342 6.01 -10.07 18.04
CA LEU A 342 5.53 -11.43 17.94
C LEU A 342 4.01 -11.51 17.70
N HIS A 343 3.28 -10.58 18.29
CA HIS A 343 1.84 -10.51 17.99
C HIS A 343 1.64 -10.16 16.51
N PHE A 344 2.38 -9.16 16.06
CA PHE A 344 2.39 -8.77 14.65
C PHE A 344 2.75 -9.97 13.75
N ASP A 345 3.85 -10.66 14.10
CA ASP A 345 4.36 -11.79 13.31
C ASP A 345 3.37 -12.95 13.27
N THR A 346 2.61 -13.11 14.34
CA THR A 346 1.66 -14.22 14.44
C THR A 346 0.49 -14.04 13.48
N TRP A 347 0.14 -12.78 13.23
CA TRP A 347 -0.99 -12.45 12.39
C TRP A 347 -0.60 -12.20 10.92
N VAL A 348 0.48 -11.47 10.71
CA VAL A 348 0.74 -10.88 9.39
C VAL A 348 0.86 -11.93 8.28
N PRO A 349 0.09 -11.77 7.20
CA PRO A 349 0.05 -12.85 6.20
C PRO A 349 1.38 -13.05 5.50
N ASN A 350 2.08 -11.95 5.20
CA ASN A 350 3.35 -12.02 4.47
C ASN A 350 4.56 -12.03 5.41
N PHE A 351 4.45 -12.77 6.51
CA PHE A 351 5.58 -12.99 7.40
C PHE A 351 6.71 -13.72 6.68
N GLY A 352 7.93 -13.25 6.87
CA GLY A 352 9.10 -13.96 6.38
C GLY A 352 9.95 -14.60 7.48
N ILE A 353 10.42 -13.77 8.40
CA ILE A 353 11.28 -14.23 9.48
C ILE A 353 11.34 -13.18 10.58
N GLN A 354 11.80 -13.56 11.76
CA GLN A 354 11.98 -12.63 12.87
C GLN A 354 13.39 -12.76 13.43
N GLU A 355 14.11 -11.65 13.51
CA GLU A 355 15.43 -11.68 14.12
C GLU A 355 15.27 -11.84 15.63
N TYR A 356 16.12 -12.66 16.26
CA TYR A 356 16.06 -12.85 17.70
C TYR A 356 17.45 -12.90 18.33
N MET A 357 17.79 -11.86 19.08
CA MET A 357 18.97 -11.88 19.95
C MET A 357 18.48 -11.90 21.39
N ARG A 358 18.97 -12.83 22.19
CA ARG A 358 18.44 -13.01 23.54
C ARG A 358 18.83 -11.88 24.48
N HIS A 359 17.87 -11.42 25.26
CA HIS A 359 18.11 -10.40 26.27
C HIS A 359 18.77 -11.01 27.49
N THR A 360 19.37 -10.18 28.32
CA THR A 360 19.93 -10.65 29.58
C THR A 360 18.82 -11.09 30.52
N GLU A 361 19.22 -11.86 31.52
CA GLU A 361 18.29 -12.39 32.51
C GLU A 361 17.66 -11.25 33.26
N GLU A 362 18.46 -10.22 33.54
CA GLU A 362 18.00 -9.04 34.26
C GLU A 362 16.95 -8.28 33.46
N THR A 363 17.18 -8.20 32.15
CA THR A 363 16.23 -7.55 31.25
C THR A 363 14.89 -8.29 31.28
N ASP A 364 14.94 -9.62 31.20
CA ASP A 364 13.71 -10.42 31.23
C ASP A 364 12.96 -10.23 32.54
N ALA A 365 13.71 -10.10 33.64
CA ALA A 365 13.09 -9.89 34.94
C ALA A 365 12.39 -8.52 35.06
N VAL A 366 13.01 -7.49 34.48
CA VAL A 366 12.45 -6.15 34.50
C VAL A 366 11.21 -6.06 33.61
N PHE A 367 11.20 -6.87 32.56
CA PHE A 367 10.12 -6.86 31.58
C PHE A 367 9.48 -8.23 31.44
N PRO A 368 8.74 -8.68 32.47
CA PRO A 368 8.12 -10.01 32.40
C PRO A 368 7.19 -10.09 31.18
N HIS A 369 7.23 -11.20 30.47
CA HIS A 369 6.53 -11.29 29.19
C HIS A 369 5.97 -12.68 28.90
N ASP A 370 4.94 -12.71 28.06
CA ASP A 370 4.28 -13.96 27.69
C ASP A 370 4.65 -14.30 26.27
N TYR A 371 5.94 -14.56 26.06
CA TYR A 371 6.40 -15.19 24.84
C TYR A 371 7.54 -16.11 25.24
N TRP A 372 7.83 -17.12 24.42
CA TRP A 372 8.90 -18.05 24.72
C TRP A 372 9.57 -18.60 23.47
N PHE A 373 10.75 -19.16 23.64
CA PHE A 373 11.52 -19.71 22.53
C PHE A 373 11.57 -21.23 22.62
N GLU A 374 11.46 -21.91 21.48
CA GLU A 374 11.62 -23.35 21.46
C GLU A 374 12.08 -23.85 20.09
N LYS A 375 13.26 -24.47 20.06
CA LYS A 375 13.78 -25.11 18.86
C LYS A 375 13.68 -24.24 17.60
N GLY A 376 14.24 -23.04 17.67
CA GLY A 376 14.35 -22.17 16.51
C GLY A 376 13.08 -21.40 16.19
N GLU A 377 12.12 -21.40 17.10
CA GLU A 377 10.91 -20.60 16.93
C GLU A 377 10.55 -19.82 18.18
N LEU A 378 9.99 -18.63 18.01
CA LEU A 378 9.38 -17.88 19.11
C LEU A 378 7.88 -18.12 19.05
N PHE A 379 7.23 -18.06 20.20
CA PHE A 379 5.79 -18.25 20.26
C PHE A 379 5.25 -17.14 21.14
N VAL A 380 4.14 -16.52 20.74
CA VAL A 380 3.52 -15.51 21.57
C VAL A 380 2.43 -16.14 22.44
N GLY A 381 2.22 -15.60 23.63
CA GLY A 381 1.25 -16.15 24.57
C GLY A 381 -0.14 -15.55 24.43
N GLU A 382 -1.05 -16.00 25.27
CA GLU A 382 -2.47 -15.64 25.13
C GLU A 382 -2.90 -14.55 26.11
N THR A 383 -1.95 -14.01 26.87
CA THR A 383 -2.23 -12.95 27.83
C THR A 383 -2.78 -11.73 27.11
N PRO A 384 -3.94 -11.21 27.56
CA PRO A 384 -4.51 -9.99 26.99
C PRO A 384 -3.54 -8.81 27.06
N GLY A 385 -3.49 -8.00 26.01
CA GLY A 385 -2.48 -6.96 25.87
C GLY A 385 -1.44 -7.48 24.90
N HIS A 386 -0.27 -6.83 24.83
CA HIS A 386 0.84 -7.43 24.07
C HIS A 386 1.58 -8.47 24.91
N GLY A 387 1.15 -8.64 26.15
CA GLY A 387 1.67 -9.70 27.00
C GLY A 387 2.93 -9.36 27.78
N VAL A 388 3.39 -8.12 27.65
CA VAL A 388 4.59 -7.69 28.35
C VAL A 388 4.19 -6.66 29.40
N ASP A 389 4.95 -6.62 30.50
CA ASP A 389 4.76 -5.58 31.50
C ASP A 389 6.13 -5.11 32.00
N ILE A 390 6.14 -4.13 32.89
CA ILE A 390 7.40 -3.62 33.42
C ILE A 390 7.36 -3.58 34.93
N ASP A 391 8.37 -4.17 35.56
CA ASP A 391 8.49 -4.14 37.01
C ASP A 391 9.22 -2.85 37.37
N GLU A 392 8.47 -1.83 37.74
CA GLU A 392 9.04 -0.51 37.97
C GLU A 392 9.97 -0.50 39.18
N GLU A 393 9.63 -1.27 40.20
CA GLU A 393 10.45 -1.35 41.40
C GLU A 393 11.83 -1.92 41.06
N LEU A 394 11.83 -2.98 40.26
CA LEU A 394 13.07 -3.62 39.85
C LEU A 394 13.84 -2.77 38.86
N ALA A 395 13.14 -2.09 37.98
CA ALA A 395 13.78 -1.27 36.96
C ALA A 395 14.62 -0.16 37.60
N ALA A 396 14.12 0.39 38.71
CA ALA A 396 14.80 1.49 39.40
C ALA A 396 16.14 1.07 40.02
N LYS A 397 16.37 -0.23 40.11
CA LYS A 397 17.62 -0.75 40.65
C LYS A 397 18.75 -0.76 39.63
N TYR A 398 18.42 -0.50 38.37
CA TYR A 398 19.41 -0.47 37.30
C TYR A 398 19.46 0.90 36.63
N PRO A 399 20.31 1.81 37.13
CA PRO A 399 20.34 3.17 36.59
C PRO A 399 20.93 3.28 35.19
N TYR A 400 20.50 4.31 34.46
CA TYR A 400 20.97 4.60 33.12
C TYR A 400 22.50 4.68 33.05
N LYS A 401 23.08 4.19 31.97
CA LYS A 401 24.52 4.28 31.75
C LYS A 401 24.79 4.50 30.26
N PRO A 402 25.44 5.63 29.93
CA PRO A 402 25.67 5.96 28.51
C PRO A 402 26.48 4.90 27.74
N ALA A 403 25.99 4.57 26.55
CA ALA A 403 26.65 3.61 25.67
C ALA A 403 26.37 3.94 24.21
N TYR A 404 27.42 3.93 23.40
CA TYR A 404 27.32 4.32 21.99
C TYR A 404 27.52 3.16 21.02
N LEU A 405 26.93 3.29 19.83
CA LEU A 405 27.23 2.40 18.72
C LEU A 405 28.59 2.75 18.14
N PRO A 406 29.30 1.73 17.59
CA PRO A 406 30.61 1.97 16.99
C PRO A 406 30.47 2.82 15.73
N VAL A 407 31.59 3.35 15.27
CA VAL A 407 31.67 3.97 13.95
C VAL A 407 32.74 3.27 13.14
N ALA A 408 32.68 3.44 11.84
CA ALA A 408 33.67 2.79 10.97
C ALA A 408 34.40 3.82 10.13
N ARG A 409 35.68 3.58 9.88
CA ARG A 409 36.45 4.43 8.99
C ARG A 409 37.17 3.55 7.98
N LEU A 410 37.33 4.04 6.75
CA LEU A 410 38.16 3.34 5.78
C LEU A 410 39.63 3.38 6.21
N GLU A 411 40.48 2.66 5.50
CA GLU A 411 41.90 2.61 5.83
C GLU A 411 42.60 3.96 5.75
N ASP A 412 42.14 4.86 4.87
CA ASP A 412 42.72 6.20 4.81
C ASP A 412 42.13 7.15 5.86
N GLY A 413 41.11 6.68 6.57
CA GLY A 413 40.51 7.46 7.64
C GLY A 413 39.15 8.04 7.27
N THR A 414 38.73 7.81 6.02
CA THR A 414 37.42 8.29 5.56
C THR A 414 36.32 7.80 6.47
N MET A 415 35.51 8.73 6.97
CA MET A 415 34.33 8.34 7.72
C MET A 415 33.44 7.48 6.84
N TRP A 416 33.02 6.32 7.35
CA TRP A 416 32.23 5.39 6.56
C TRP A 416 30.95 4.99 7.28
N ASN A 417 30.24 4.00 6.72
CA ASN A 417 29.00 3.55 7.31
C ASN A 417 29.26 2.32 8.17
N TRP A 418 29.12 2.45 9.49
CA TRP A 418 29.32 1.28 10.33
C TRP A 418 28.19 0.30 10.13
N HIS B 16 47.32 18.72 17.71
CA HIS B 16 46.50 19.66 16.95
C HIS B 16 45.51 20.41 17.84
N MET B 17 44.78 21.33 17.22
CA MET B 17 43.69 22.07 17.84
C MET B 17 42.59 21.10 18.30
N LYS B 18 41.99 21.36 19.46
CA LYS B 18 40.97 20.47 20.01
C LYS B 18 39.73 21.20 20.55
N ILE B 19 38.56 20.58 20.36
CA ILE B 19 37.35 21.00 21.07
C ILE B 19 37.51 20.69 22.56
N THR B 20 37.23 21.67 23.40
CA THR B 20 37.35 21.50 24.85
C THR B 20 35.97 21.41 25.53
N ALA B 21 34.97 21.98 24.88
CA ALA B 21 33.59 21.92 25.35
C ALA B 21 32.60 22.11 24.20
N ALA B 22 31.42 21.55 24.35
CA ALA B 22 30.32 21.79 23.43
C ALA B 22 29.06 21.93 24.28
N ARG B 23 28.67 23.17 24.54
CA ARG B 23 27.68 23.44 25.58
C ARG B 23 26.35 23.85 24.97
N VAL B 24 25.25 23.40 25.59
CA VAL B 24 23.94 23.77 25.09
C VAL B 24 23.39 24.88 25.98
N ILE B 25 22.96 25.96 25.34
CA ILE B 25 22.38 27.10 26.02
C ILE B 25 20.93 27.25 25.58
N ILE B 26 20.04 27.44 26.55
CA ILE B 26 18.61 27.57 26.26
C ILE B 26 18.12 28.92 26.76
N THR B 27 17.30 29.60 25.97
CA THR B 27 16.82 30.92 26.40
C THR B 27 15.48 31.22 25.73
N CYS B 28 14.66 32.05 26.37
CA CYS B 28 13.35 32.40 25.80
C CYS B 28 13.11 33.90 25.79
N PRO B 29 13.89 34.66 24.98
CA PRO B 29 13.66 36.10 24.91
C PRO B 29 12.51 36.41 23.94
N GLY B 30 11.30 36.00 24.31
CA GLY B 30 10.14 36.16 23.44
C GLY B 30 9.63 34.83 22.90
N ARG B 31 10.54 33.90 22.67
CA ARG B 31 10.21 32.53 22.30
C ARG B 31 11.46 31.70 22.55
N ASN B 32 11.34 30.38 22.51
CA ASN B 32 12.46 29.50 22.84
C ASN B 32 13.52 29.39 21.75
N PHE B 33 14.78 29.43 22.17
CA PHE B 33 15.89 29.16 21.27
C PHE B 33 16.90 28.26 21.98
N VAL B 34 17.47 27.32 21.23
CA VAL B 34 18.51 26.47 21.72
C VAL B 34 19.76 26.71 20.89
N THR B 35 20.90 26.87 21.56
CA THR B 35 22.14 27.23 20.90
C THR B 35 23.25 26.29 21.38
N LEU B 36 24.10 25.86 20.45
CA LEU B 36 25.28 25.07 20.80
C LEU B 36 26.51 25.96 20.70
N LYS B 37 27.34 25.96 21.73
CA LYS B 37 28.58 26.71 21.71
C LYS B 37 29.74 25.73 21.80
N ILE B 38 30.56 25.66 20.74
CA ILE B 38 31.74 24.81 20.71
C ILE B 38 32.98 25.64 21.05
N GLU B 39 33.63 25.28 22.16
CA GLU B 39 34.81 25.99 22.63
C GLU B 39 36.05 25.18 22.31
N THR B 40 37.19 25.85 22.15
CA THR B 40 38.41 25.16 21.75
C THR B 40 39.57 25.53 22.66
N ASP B 41 40.67 24.80 22.53
CA ASP B 41 41.85 25.10 23.33
C ASP B 41 42.70 26.21 22.70
N GLN B 42 42.20 26.80 21.62
CA GLN B 42 42.85 27.93 20.96
C GLN B 42 42.07 29.23 21.20
N GLY B 43 41.19 29.21 22.19
CA GLY B 43 40.44 30.40 22.55
C GLY B 43 39.20 30.64 21.72
N VAL B 44 39.32 30.45 20.41
CA VAL B 44 38.22 30.71 19.49
C VAL B 44 37.05 29.76 19.76
N TYR B 45 35.82 30.28 19.69
CA TYR B 45 34.64 29.42 19.79
C TYR B 45 33.72 29.71 18.62
N GLY B 46 32.71 28.87 18.45
CA GLY B 46 31.71 29.09 17.42
C GLY B 46 30.37 28.71 18.00
N ILE B 47 29.28 29.24 17.43
CA ILE B 47 27.94 28.88 17.88
C ILE B 47 27.04 28.46 16.73
N GLY B 48 26.05 27.63 17.04
CA GLY B 48 25.14 27.11 16.03
C GLY B 48 23.75 27.02 16.60
N ASP B 49 22.73 27.23 15.76
CA ASP B 49 21.34 27.15 16.20
C ASP B 49 20.91 25.70 16.22
N ALA B 50 20.15 25.33 17.24
CA ALA B 50 19.65 23.97 17.39
C ALA B 50 18.14 23.96 17.60
N THR B 51 17.50 25.11 17.39
CA THR B 51 16.09 25.27 17.75
C THR B 51 15.13 24.44 16.90
N LEU B 52 14.32 23.61 17.54
CA LEU B 52 13.27 22.86 16.85
C LEU B 52 11.93 23.22 17.47
N ASN B 53 11.17 24.09 16.79
CA ASN B 53 9.96 24.69 17.38
C ASN B 53 8.96 23.63 17.83
N GLY B 54 8.67 23.63 19.13
CA GLY B 54 7.64 22.77 19.71
C GLY B 54 8.16 21.42 20.18
N ARG B 55 9.44 21.17 19.91
CA ARG B 55 10.10 19.93 20.36
C ARG B 55 11.52 20.25 20.81
N GLU B 56 11.71 21.46 21.34
CA GLU B 56 13.05 22.00 21.58
C GLU B 56 13.95 21.11 22.43
N LEU B 57 13.41 20.54 23.50
CA LEU B 57 14.20 19.85 24.50
C LEU B 57 14.73 18.50 24.01
N SER B 58 14.11 17.96 22.98
CA SER B 58 14.57 16.71 22.36
CA SER B 58 14.58 16.72 22.37
C SER B 58 15.96 16.90 21.74
N VAL B 59 16.17 18.06 21.12
CA VAL B 59 17.47 18.37 20.52
C VAL B 59 18.48 18.69 21.62
N VAL B 60 18.02 19.37 22.67
CA VAL B 60 18.89 19.65 23.81
C VAL B 60 19.51 18.36 24.32
N ALA B 61 18.68 17.34 24.48
CA ALA B 61 19.15 16.05 24.99
C ALA B 61 20.03 15.32 23.97
N TYR B 62 19.60 15.34 22.71
CA TYR B 62 20.36 14.71 21.63
C TYR B 62 21.80 15.25 21.66
N LEU B 63 21.94 16.57 21.76
CA LEU B 63 23.26 17.19 21.84
C LEU B 63 23.98 16.94 23.16
N GLN B 64 23.35 17.30 24.26
CA GLN B 64 24.02 17.32 25.55
C GLN B 64 24.33 15.92 26.07
N GLU B 65 23.45 14.97 25.81
CA GLU B 65 23.61 13.65 26.37
C GLU B 65 24.32 12.69 25.44
N HIS B 66 24.41 13.04 24.15
CA HIS B 66 24.94 12.08 23.18
C HIS B 66 26.03 12.64 22.28
N VAL B 67 25.72 13.65 21.46
CA VAL B 67 26.69 14.15 20.49
C VAL B 67 27.86 14.91 21.13
N ALA B 68 27.57 15.85 22.02
CA ALA B 68 28.60 16.70 22.60
C ALA B 68 29.75 15.95 23.28
N PRO B 69 29.45 14.88 24.04
CA PRO B 69 30.57 14.14 24.64
C PRO B 69 31.53 13.51 23.61
N CYS B 70 31.03 13.20 22.41
CA CYS B 70 31.86 12.64 21.34
C CYS B 70 32.72 13.70 20.69
N LEU B 71 32.28 14.95 20.75
CA LEU B 71 33.03 16.02 20.11
C LEU B 71 34.30 16.40 20.88
N ILE B 72 34.29 16.16 22.20
CA ILE B 72 35.40 16.61 23.02
C ILE B 72 36.69 15.96 22.54
N GLY B 73 37.70 16.78 22.29
CA GLY B 73 38.98 16.30 21.82
C GLY B 73 39.14 16.20 20.30
N MET B 74 38.04 16.32 19.57
CA MET B 74 38.11 16.31 18.11
C MET B 74 38.71 17.61 17.58
N ASP B 75 39.23 17.55 16.36
CA ASP B 75 39.84 18.69 15.69
C ASP B 75 38.72 19.49 15.02
N PRO B 76 38.41 20.70 15.53
CA PRO B 76 37.25 21.42 15.01
C PRO B 76 37.43 21.91 13.58
N ARG B 77 38.66 21.86 13.07
CA ARG B 77 38.93 22.28 11.70
C ARG B 77 38.32 21.29 10.70
N ARG B 78 38.08 20.06 11.16
CA ARG B 78 37.62 19.00 10.26
C ARG B 78 36.10 19.01 10.12
N ILE B 79 35.57 20.06 9.48
CA ILE B 79 34.13 20.24 9.41
C ILE B 79 33.44 19.06 8.74
N GLU B 80 33.93 18.70 7.57
CA GLU B 80 33.33 17.63 6.79
C GLU B 80 33.37 16.31 7.54
N ASP B 81 34.53 15.95 8.09
CA ASP B 81 34.68 14.72 8.83
C ASP B 81 33.70 14.64 10.00
N ILE B 82 33.60 15.73 10.74
CA ILE B 82 32.69 15.78 11.88
C ILE B 82 31.23 15.66 11.43
N TRP B 83 30.88 16.32 10.33
CA TRP B 83 29.53 16.20 9.78
C TRP B 83 29.22 14.73 9.47
N GLN B 84 30.17 14.05 8.82
CA GLN B 84 29.98 12.67 8.43
C GLN B 84 29.96 11.77 9.67
N TYR B 85 30.75 12.12 10.67
CA TYR B 85 30.75 11.39 11.93
C TYR B 85 29.39 11.46 12.61
N VAL B 86 28.86 12.67 12.77
CA VAL B 86 27.56 12.76 13.43
C VAL B 86 26.44 12.24 12.53
N TYR B 87 26.57 12.41 11.22
CA TYR B 87 25.52 11.94 10.32
C TYR B 87 25.50 10.43 10.17
N ARG B 88 26.62 9.84 9.74
CA ARG B 88 26.70 8.39 9.56
C ARG B 88 26.74 7.71 10.93
N GLY B 89 27.48 8.30 11.86
CA GLY B 89 27.72 7.69 13.16
C GLY B 89 26.48 7.51 14.01
N ALA B 90 25.46 8.34 13.75
CA ALA B 90 24.18 8.22 14.45
C ALA B 90 23.56 6.84 14.26
N TYR B 91 23.89 6.24 13.12
CA TYR B 91 23.35 4.95 12.68
C TYR B 91 21.91 5.03 12.20
N TRP B 92 21.05 5.59 13.05
CA TRP B 92 19.69 5.95 12.65
C TRP B 92 19.79 7.34 12.00
N ARG B 93 19.58 7.40 10.68
CA ARG B 93 19.92 8.58 9.90
C ARG B 93 18.71 9.47 9.59
N ARG B 94 19.01 10.73 9.29
CA ARG B 94 18.03 11.76 8.92
C ARG B 94 17.13 12.11 10.11
N GLY B 95 16.15 12.99 9.89
CA GLY B 95 15.15 13.30 10.91
C GLY B 95 15.25 14.71 11.48
N PRO B 96 14.12 15.26 11.94
CA PRO B 96 14.07 16.63 12.48
C PRO B 96 15.04 16.89 13.64
N VAL B 97 15.03 16.00 14.64
CA VAL B 97 15.87 16.17 15.83
C VAL B 97 17.33 15.93 15.46
N THR B 98 17.59 14.78 14.82
CA THR B 98 18.91 14.44 14.33
C THR B 98 19.59 15.55 13.55
N MET B 99 18.87 16.10 12.57
CA MET B 99 19.50 17.09 11.68
C MET B 99 19.64 18.48 12.32
N ARG B 100 18.78 18.80 13.29
CA ARG B 100 18.95 20.06 14.04
C ARG B 100 20.25 20.00 14.83
N ALA B 101 20.54 18.84 15.40
CA ALA B 101 21.76 18.67 16.19
C ALA B 101 22.98 18.75 15.29
N ILE B 102 22.90 18.09 14.14
CA ILE B 102 23.98 18.14 13.17
C ILE B 102 24.19 19.57 12.68
N ALA B 103 23.10 20.26 12.39
CA ALA B 103 23.16 21.63 11.91
C ALA B 103 23.84 22.55 12.90
N ALA B 104 23.54 22.37 14.19
CA ALA B 104 24.10 23.21 15.22
C ALA B 104 25.62 23.03 15.30
N VAL B 105 26.07 21.78 15.24
CA VAL B 105 27.49 21.49 15.18
C VAL B 105 28.12 22.15 13.95
N ASP B 106 27.51 21.94 12.79
CA ASP B 106 28.05 22.46 11.54
C ASP B 106 28.15 23.99 11.50
N MET B 107 27.10 24.68 11.94
CA MET B 107 27.17 26.14 12.02
C MET B 107 28.31 26.61 12.92
N ALA B 108 28.44 25.97 14.08
CA ALA B 108 29.46 26.37 15.06
C ALA B 108 30.87 26.14 14.51
N LEU B 109 31.06 25.07 13.75
CA LEU B 109 32.36 24.78 13.16
C LEU B 109 32.68 25.72 12.02
N TRP B 110 31.68 26.06 11.19
CA TRP B 110 31.91 27.05 10.14
C TRP B 110 32.20 28.41 10.74
N ASP B 111 31.54 28.71 11.85
CA ASP B 111 31.81 29.95 12.60
C ASP B 111 33.29 30.00 13.03
N ILE B 112 33.79 28.90 13.58
CA ILE B 112 35.19 28.84 14.00
C ILE B 112 36.14 28.96 12.81
N LYS B 113 35.80 28.31 11.72
CA LYS B 113 36.64 28.33 10.53
C LYS B 113 36.77 29.75 9.96
N ALA B 114 35.64 30.45 9.86
CA ALA B 114 35.62 31.82 9.35
C ALA B 114 36.35 32.76 10.30
N LYS B 115 36.17 32.56 11.60
CA LYS B 115 36.92 33.36 12.57
C LYS B 115 38.43 33.14 12.40
N MET B 116 38.84 31.88 12.26
CA MET B 116 40.25 31.56 12.11
C MET B 116 40.85 32.08 10.80
N ALA B 117 40.02 32.12 9.76
CA ALA B 117 40.38 32.70 8.46
C ALA B 117 40.43 34.23 8.47
N GLY B 118 39.88 34.85 9.51
CA GLY B 118 39.75 36.29 9.54
C GLY B 118 38.78 36.85 8.50
N MET B 119 37.79 36.05 8.12
CA MET B 119 36.85 36.46 7.07
C MET B 119 35.40 36.26 7.49
N PRO B 120 34.49 37.08 6.95
CA PRO B 120 33.09 36.74 7.13
C PRO B 120 32.81 35.44 6.37
N LEU B 121 31.90 34.63 6.89
CA LEU B 121 31.61 33.31 6.34
C LEU B 121 31.36 33.26 4.82
N TYR B 122 30.65 34.24 4.25
CA TYR B 122 30.34 34.15 2.81
C TYR B 122 31.61 34.09 1.96
N GLN B 123 32.69 34.69 2.46
CA GLN B 123 33.97 34.64 1.76
C GLN B 123 34.53 33.22 1.61
N LEU B 124 34.35 32.38 2.63
CA LEU B 124 34.84 31.00 2.59
C LEU B 124 34.02 30.12 1.66
N LEU B 125 32.74 30.47 1.49
CA LEU B 125 31.82 29.69 0.68
C LEU B 125 32.07 29.91 -0.81
N GLY B 126 32.79 31.00 -1.15
CA GLY B 126 32.98 31.35 -2.54
C GLY B 126 32.87 32.84 -2.83
N GLY B 127 32.64 33.65 -1.80
CA GLY B 127 32.59 35.10 -2.01
C GLY B 127 31.20 35.56 -2.41
N ARG B 128 31.03 36.87 -2.54
CA ARG B 128 29.69 37.40 -2.75
C ARG B 128 29.24 37.34 -4.20
N SER B 129 27.98 36.98 -4.39
CA SER B 129 27.37 36.95 -5.71
C SER B 129 26.37 38.09 -5.87
N ARG B 130 26.06 38.76 -4.76
CA ARG B 130 25.06 39.83 -4.78
C ARG B 130 25.28 40.76 -3.60
N ASP B 131 24.59 41.90 -3.62
CA ASP B 131 24.71 42.87 -2.55
C ASP B 131 23.66 42.53 -1.50
N GLY B 132 22.46 43.04 -1.67
CA GLY B 132 21.40 42.78 -0.73
C GLY B 132 20.67 41.48 -1.00
N ILE B 133 19.92 41.04 0.01
CA ILE B 133 19.21 39.77 -0.05
C ILE B 133 17.72 40.07 -0.06
N MET B 134 17.06 39.81 -1.18
CA MET B 134 15.64 40.09 -1.26
C MET B 134 14.86 39.22 -0.27
N VAL B 135 13.98 39.86 0.50
CA VAL B 135 13.13 39.14 1.45
C VAL B 135 11.64 39.27 1.10
N TYR B 136 10.83 38.45 1.74
CA TYR B 136 9.40 38.72 1.79
C TYR B 136 8.95 38.73 3.25
N GLY B 137 7.89 39.48 3.50
CA GLY B 137 7.29 39.55 4.82
C GLY B 137 5.88 38.98 4.80
N HIS B 138 5.21 39.04 5.95
CA HIS B 138 3.93 38.35 6.10
C HIS B 138 2.77 39.32 6.27
N ALA B 139 2.00 39.50 5.20
CA ALA B 139 0.77 40.28 5.29
C ALA B 139 -0.36 39.31 5.60
N ASN B 140 -0.88 39.37 6.83
CA ASN B 140 -1.96 38.49 7.25
C ASN B 140 -3.21 39.30 7.53
N GLY B 141 -4.37 38.67 7.30
CA GLY B 141 -5.64 39.31 7.62
C GLY B 141 -6.69 38.26 7.95
N SER B 142 -7.73 38.64 8.67
CA SER B 142 -8.78 37.69 9.01
C SER B 142 -9.72 37.48 7.83
N ASP B 143 -9.76 38.46 6.93
CA ASP B 143 -10.52 38.34 5.67
C ASP B 143 -9.80 39.06 4.53
N ILE B 144 -10.37 38.99 3.33
CA ILE B 144 -9.70 39.59 2.18
C ILE B 144 -9.42 41.10 2.37
N ALA B 145 -10.39 41.85 2.86
CA ALA B 145 -10.20 43.29 3.04
C ALA B 145 -9.02 43.61 3.96
N GLU B 146 -8.95 42.88 5.07
CA GLU B 146 -7.87 43.08 6.05
C GLU B 146 -6.53 42.67 5.45
N THR B 147 -6.54 41.59 4.66
CA THR B 147 -5.30 41.11 4.07
C THR B 147 -4.79 42.11 3.01
N VAL B 148 -5.70 42.66 2.23
CA VAL B 148 -5.37 43.70 1.25
C VAL B 148 -4.73 44.93 1.93
N GLU B 149 -5.31 45.34 3.05
CA GLU B 149 -4.72 46.45 3.81
C GLU B 149 -3.31 46.11 4.25
N ALA B 150 -3.11 44.90 4.75
CA ALA B 150 -1.79 44.48 5.22
C ALA B 150 -0.74 44.43 4.11
N VAL B 151 -1.12 43.95 2.92
CA VAL B 151 -0.18 43.95 1.80
C VAL B 151 0.23 45.39 1.49
N GLY B 152 -0.73 46.30 1.55
CA GLY B 152 -0.46 47.71 1.33
C GLY B 152 0.57 48.24 2.30
N HIS B 153 0.45 47.85 3.56
CA HIS B 153 1.41 48.23 4.59
C HIS B 153 2.81 47.72 4.26
N TYR B 154 2.93 46.45 3.85
CA TYR B 154 4.24 45.92 3.49
C TYR B 154 4.81 46.62 2.26
N ILE B 155 3.94 46.95 1.31
CA ILE B 155 4.36 47.72 0.16
C ILE B 155 4.89 49.08 0.60
N ASP B 156 4.16 49.73 1.52
CA ASP B 156 4.59 51.05 2.02
C ASP B 156 5.95 50.99 2.71
N MET B 157 6.26 49.88 3.36
CA MET B 157 7.53 49.69 4.03
C MET B 157 8.69 49.40 3.07
N GLY B 158 8.41 49.32 1.78
CA GLY B 158 9.44 49.08 0.78
C GLY B 158 9.75 47.61 0.51
N TYR B 159 8.86 46.72 0.92
CA TYR B 159 9.01 45.31 0.55
C TYR B 159 8.76 45.09 -0.94
N LYS B 160 9.58 44.25 -1.56
CA LYS B 160 9.46 43.95 -2.98
C LYS B 160 8.57 42.72 -3.16
N ALA B 161 8.45 41.96 -2.09
CA ALA B 161 7.78 40.65 -2.12
C ALA B 161 7.01 40.47 -0.84
N ILE B 162 5.79 39.95 -0.97
CA ILE B 162 4.88 39.89 0.18
C ILE B 162 4.10 38.60 0.12
N ARG B 163 4.07 37.87 1.23
CA ARG B 163 3.27 36.68 1.32
C ARG B 163 1.91 37.09 1.86
N ALA B 164 0.83 36.75 1.16
CA ALA B 164 -0.50 37.14 1.61
C ALA B 164 -1.29 35.93 2.10
N GLN B 165 -1.77 35.99 3.34
CA GLN B 165 -2.56 34.90 3.91
C GLN B 165 -3.81 35.49 4.51
N THR B 166 -4.96 34.91 4.18
CA THR B 166 -6.23 35.35 4.73
C THR B 166 -6.91 34.24 5.50
N GLY B 167 -7.61 34.62 6.57
CA GLY B 167 -8.53 33.72 7.21
C GLY B 167 -9.66 33.47 6.23
N VAL B 168 -10.39 32.37 6.41
CA VAL B 168 -11.51 32.05 5.53
C VAL B 168 -12.79 32.05 6.34
N PRO B 169 -13.77 32.87 5.93
CA PRO B 169 -15.06 32.89 6.64
C PRO B 169 -15.69 31.50 6.64
N GLY B 170 -16.10 31.02 7.82
CA GLY B 170 -16.60 29.66 7.95
C GLY B 170 -15.57 28.67 8.46
N ILE B 171 -14.32 29.13 8.57
CA ILE B 171 -13.24 28.31 9.11
C ILE B 171 -12.61 28.99 10.33
N LYS B 172 -12.47 28.24 11.43
CA LYS B 172 -11.91 28.83 12.66
C LYS B 172 -10.39 28.70 12.71
N SER B 190 1.17 26.23 27.94
CA SER B 190 0.71 26.13 26.56
C SER B 190 0.55 24.69 26.11
N LEU B 191 -0.53 24.44 25.37
CA LEU B 191 -0.75 23.18 24.69
C LEU B 191 -1.16 23.55 23.26
N PRO B 192 -1.09 22.60 22.32
CA PRO B 192 -1.40 22.98 20.93
C PRO B 192 -2.84 23.46 20.76
N SER B 193 -3.01 24.61 20.12
CA SER B 193 -4.32 25.10 19.73
C SER B 193 -4.87 24.18 18.65
N VAL B 194 -6.18 23.94 18.68
CA VAL B 194 -6.83 23.15 17.64
C VAL B 194 -7.59 24.06 16.68
N THR B 195 -7.09 24.19 15.46
CA THR B 195 -7.73 25.03 14.45
C THR B 195 -8.55 24.16 13.50
N GLY B 196 -9.51 24.78 12.81
CA GLY B 196 -10.34 24.06 11.85
C GLY B 196 -9.87 24.30 10.42
N TRP B 197 -10.39 23.48 9.51
CA TRP B 197 -10.09 23.65 8.09
C TRP B 197 -11.18 23.06 7.22
N ASP B 198 -11.44 23.71 6.08
CA ASP B 198 -12.32 23.14 5.06
C ASP B 198 -11.84 23.56 3.68
N THR B 199 -11.48 22.56 2.88
CA THR B 199 -10.84 22.80 1.60
C THR B 199 -11.74 23.52 0.60
N ARG B 200 -12.99 23.07 0.48
CA ARG B 200 -13.93 23.69 -0.45
C ARG B 200 -14.12 25.18 -0.12
N LYS B 201 -14.28 25.50 1.15
CA LYS B 201 -14.40 26.91 1.54
C LYS B 201 -13.18 27.72 1.11
N ALA B 202 -11.99 27.15 1.30
CA ALA B 202 -10.77 27.83 0.89
C ALA B 202 -10.62 27.93 -0.62
N LEU B 203 -10.93 26.87 -1.35
CA LEU B 203 -10.78 26.93 -2.80
C LEU B 203 -11.68 28.01 -3.40
N ASN B 204 -12.79 28.29 -2.71
CA ASN B 204 -13.76 29.27 -3.15
C ASN B 204 -13.35 30.70 -2.82
N TYR B 205 -12.38 30.86 -1.92
CA TYR B 205 -12.11 32.18 -1.33
C TYR B 205 -10.68 32.67 -1.63
N VAL B 206 -9.70 31.77 -1.54
CA VAL B 206 -8.30 32.16 -1.76
C VAL B 206 -8.03 32.85 -3.11
N PRO B 207 -8.55 32.32 -4.22
CA PRO B 207 -8.28 33.00 -5.50
C PRO B 207 -8.80 34.43 -5.53
N LYS B 208 -9.91 34.69 -4.84
CA LYS B 208 -10.45 36.04 -4.76
C LYS B 208 -9.52 37.02 -4.02
N LEU B 209 -8.74 36.51 -3.08
CA LEU B 209 -7.74 37.36 -2.40
C LEU B 209 -6.75 37.88 -3.43
N PHE B 210 -6.25 36.98 -4.27
CA PHE B 210 -5.22 37.37 -5.22
C PHE B 210 -5.77 38.20 -6.36
N GLU B 211 -7.03 37.96 -6.70
CA GLU B 211 -7.72 38.83 -7.65
C GLU B 211 -7.75 40.26 -7.12
N GLU B 212 -8.10 40.40 -5.86
CA GLU B 212 -8.26 41.73 -5.29
C GLU B 212 -6.90 42.42 -5.11
N LEU B 213 -5.90 41.64 -4.77
CA LEU B 213 -4.56 42.17 -4.63
C LEU B 213 -4.05 42.74 -5.94
N ARG B 214 -4.24 42.01 -7.05
CA ARG B 214 -3.79 42.53 -8.34
C ARG B 214 -4.64 43.70 -8.83
N LYS B 215 -5.94 43.67 -8.57
CA LYS B 215 -6.82 44.80 -8.88
C LYS B 215 -6.38 46.06 -8.14
N THR B 216 -5.96 45.90 -6.89
CA THR B 216 -5.61 47.04 -6.04
C THR B 216 -4.16 47.55 -6.22
N TYR B 217 -3.22 46.61 -6.37
CA TYR B 217 -1.80 46.97 -6.35
C TYR B 217 -1.06 46.73 -7.66
N GLY B 218 -1.77 46.18 -8.64
CA GLY B 218 -1.13 45.84 -9.91
C GLY B 218 -0.14 44.68 -9.81
N PHE B 219 0.70 44.54 -10.84
CA PHE B 219 1.55 43.37 -10.98
C PHE B 219 3.04 43.60 -10.69
N ASP B 220 3.38 44.76 -10.13
CA ASP B 220 4.80 45.06 -9.89
C ASP B 220 5.40 44.23 -8.76
N HIS B 221 4.62 43.96 -7.73
CA HIS B 221 5.14 43.31 -6.52
C HIS B 221 5.06 41.80 -6.57
N HIS B 222 6.04 41.13 -6.00
CA HIS B 222 6.02 39.67 -5.95
C HIS B 222 5.02 39.28 -4.89
N LEU B 223 4.06 38.42 -5.24
CA LEU B 223 3.07 37.97 -4.28
C LEU B 223 3.18 36.46 -4.05
N LEU B 224 3.24 36.09 -2.78
CA LEU B 224 3.47 34.70 -2.38
C LEU B 224 2.30 34.17 -1.58
N HIS B 225 2.10 32.86 -1.63
CA HIS B 225 1.06 32.25 -0.82
C HIS B 225 1.52 30.91 -0.26
N ASP B 226 1.19 30.65 1.00
CA ASP B 226 1.54 29.40 1.66
C ASP B 226 0.29 28.54 1.82
N GLY B 227 0.23 27.44 1.08
CA GLY B 227 -0.86 26.49 1.19
C GLY B 227 -0.86 25.67 2.47
N HIS B 228 0.29 25.64 3.14
CA HIS B 228 0.43 25.08 4.48
C HIS B 228 -0.13 23.66 4.56
N HIS B 229 0.21 22.87 3.55
CA HIS B 229 -0.04 21.42 3.54
C HIS B 229 -1.50 20.98 3.49
N ARG B 230 -2.42 21.89 3.14
CA ARG B 230 -3.84 21.62 3.33
C ARG B 230 -4.50 20.81 2.23
N TYR B 231 -3.89 20.78 1.05
CA TYR B 231 -4.59 20.33 -0.16
C TYR B 231 -4.04 18.99 -0.64
N THR B 232 -4.88 18.22 -1.32
CA THR B 232 -4.42 17.05 -2.08
C THR B 232 -3.76 17.52 -3.38
N PRO B 233 -3.03 16.61 -4.06
CA PRO B 233 -2.37 17.06 -5.29
C PRO B 233 -3.37 17.62 -6.32
N GLN B 234 -4.50 16.96 -6.50
CA GLN B 234 -5.50 17.45 -7.44
C GLN B 234 -6.02 18.83 -7.02
N GLU B 235 -6.27 19.01 -5.73
CA GLU B 235 -6.75 20.30 -5.24
C GLU B 235 -5.72 21.42 -5.40
N ALA B 236 -4.46 21.09 -5.19
CA ALA B 236 -3.37 22.03 -5.40
C ALA B 236 -3.27 22.42 -6.87
N ALA B 237 -3.47 21.44 -7.76
CA ALA B 237 -3.48 21.70 -9.19
C ALA B 237 -4.61 22.67 -9.54
N ASN B 238 -5.78 22.40 -9.00
CA ASN B 238 -6.96 23.24 -9.16
C ASN B 238 -6.68 24.67 -8.66
N LEU B 239 -6.18 24.79 -7.44
CA LEU B 239 -5.84 26.11 -6.89
C LEU B 239 -4.79 26.83 -7.74
N GLY B 240 -3.73 26.11 -8.09
CA GLY B 240 -2.68 26.65 -8.92
C GLY B 240 -3.21 27.25 -10.23
N LYS B 241 -4.07 26.52 -10.93
CA LYS B 241 -4.68 27.04 -12.15
C LYS B 241 -5.50 28.31 -11.90
N MET B 242 -6.28 28.29 -10.83
CA MET B 242 -7.11 29.44 -10.49
C MET B 242 -6.27 30.67 -10.17
N LEU B 243 -5.04 30.43 -9.69
CA LEU B 243 -4.14 31.53 -9.32
C LEU B 243 -3.32 32.04 -10.49
N GLU B 244 -3.31 31.30 -11.62
CA GLU B 244 -2.50 31.70 -12.78
C GLU B 244 -2.66 33.15 -13.28
N PRO B 245 -3.90 33.67 -13.34
CA PRO B 245 -4.05 35.05 -13.84
C PRO B 245 -3.37 36.09 -12.96
N TYR B 246 -3.03 35.71 -11.73
CA TYR B 246 -2.51 36.66 -10.76
C TYR B 246 -0.99 36.59 -10.61
N GLN B 247 -0.35 35.69 -11.37
CA GLN B 247 1.12 35.71 -11.51
C GLN B 247 1.84 35.70 -10.15
N LEU B 248 1.61 34.67 -9.36
CA LEU B 248 2.24 34.57 -8.06
C LEU B 248 3.74 34.25 -8.18
N PHE B 249 4.48 34.70 -7.18
CA PHE B 249 5.89 34.38 -7.06
C PHE B 249 6.04 32.90 -6.71
N TRP B 250 5.18 32.43 -5.81
CA TRP B 250 5.09 30.99 -5.54
C TRP B 250 3.83 30.62 -4.81
N LEU B 251 3.45 29.36 -4.97
CA LEU B 251 2.50 28.68 -4.10
C LEU B 251 3.30 27.64 -3.35
N GLU B 252 3.29 27.75 -2.03
CA GLU B 252 4.20 26.99 -1.17
C GLU B 252 3.50 25.86 -0.42
N ASP B 253 4.22 24.76 -0.24
CA ASP B 253 3.78 23.61 0.55
C ASP B 253 2.34 23.23 0.25
N CYS B 254 2.02 23.12 -1.03
CA CYS B 254 0.61 23.01 -1.40
C CYS B 254 -0.02 21.71 -0.94
N THR B 255 0.79 20.66 -0.86
CA THR B 255 0.31 19.32 -0.48
C THR B 255 1.43 18.63 0.29
N PRO B 256 1.09 17.72 1.24
CA PRO B 256 2.14 17.03 2.00
C PRO B 256 3.10 16.32 1.04
N ALA B 257 4.40 16.35 1.35
CA ALA B 257 5.40 15.91 0.38
C ALA B 257 6.32 14.77 0.87
N GLU B 258 5.89 14.03 1.89
CA GLU B 258 6.66 12.84 2.30
C GLU B 258 6.74 11.91 1.11
N ASN B 259 5.67 11.90 0.31
CA ASN B 259 5.71 11.20 -0.97
C ASN B 259 6.16 12.22 -2.02
N GLN B 260 7.39 12.10 -2.52
CA GLN B 260 7.87 13.08 -3.48
C GLN B 260 7.15 13.06 -4.82
N GLU B 261 6.35 12.04 -5.06
CA GLU B 261 5.49 12.04 -6.25
C GLU B 261 4.26 12.94 -6.08
N ALA B 262 4.02 13.44 -4.87
CA ALA B 262 2.77 14.17 -4.60
C ALA B 262 2.66 15.44 -5.45
N PHE B 263 3.79 15.99 -5.86
CA PHE B 263 3.77 17.24 -6.63
C PHE B 263 3.58 16.98 -8.14
N ARG B 264 3.58 15.73 -8.57
CA ARG B 264 3.51 15.45 -10.01
C ARG B 264 2.26 16.01 -10.69
N LEU B 265 1.09 15.73 -10.11
CA LEU B 265 -0.15 16.23 -10.68
C LEU B 265 -0.22 17.74 -10.67
N VAL B 266 0.30 18.37 -9.62
CA VAL B 266 0.28 19.82 -9.53
C VAL B 266 1.09 20.41 -10.69
N ARG B 267 2.31 19.90 -10.87
CA ARG B 267 3.25 20.46 -11.84
C ARG B 267 2.72 20.24 -13.25
N GLN B 268 2.05 19.12 -13.45
CA GLN B 268 1.48 18.79 -14.75
C GLN B 268 0.43 19.79 -15.17
N HIS B 269 -0.31 20.32 -14.20
CA HIS B 269 -1.52 21.09 -14.50
C HIS B 269 -1.43 22.61 -14.35
N THR B 270 -0.41 23.10 -13.65
CA THR B 270 -0.31 24.55 -13.46
C THR B 270 1.08 25.12 -13.74
N VAL B 271 1.12 26.37 -14.22
CA VAL B 271 2.38 27.12 -14.32
C VAL B 271 2.60 28.10 -13.16
N THR B 272 1.71 28.09 -12.17
CA THR B 272 1.99 28.85 -10.94
C THR B 272 3.22 28.24 -10.31
N PRO B 273 4.24 29.07 -9.95
CA PRO B 273 5.49 28.49 -9.43
C PRO B 273 5.24 27.78 -8.09
N LEU B 274 5.98 26.71 -7.85
CA LEU B 274 5.81 25.89 -6.65
C LEU B 274 7.04 25.94 -5.76
N ALA B 275 6.82 26.02 -4.45
CA ALA B 275 7.88 25.98 -3.47
C ALA B 275 7.55 24.92 -2.42
N VAL B 276 8.60 24.35 -1.83
CA VAL B 276 8.39 23.38 -0.75
C VAL B 276 9.68 23.22 0.04
N GLY B 277 9.56 22.77 1.29
CA GLY B 277 10.72 22.21 1.96
C GLY B 277 11.15 22.76 3.28
N GLU B 278 10.38 23.69 3.87
CA GLU B 278 10.78 24.20 5.19
C GLU B 278 10.94 23.08 6.22
N ILE B 279 10.13 22.03 6.12
CA ILE B 279 10.22 20.94 7.08
C ILE B 279 11.16 19.81 6.66
N PHE B 280 11.85 19.96 5.53
CA PHE B 280 12.79 18.92 5.10
C PHE B 280 14.04 19.01 5.96
N ASN B 281 14.74 17.89 6.08
CA ASN B 281 15.98 17.90 6.85
C ASN B 281 17.19 17.26 6.17
N THR B 282 16.99 16.66 5.00
CA THR B 282 18.13 16.20 4.19
C THR B 282 17.81 16.31 2.71
N ILE B 283 18.84 16.19 1.89
CA ILE B 283 18.71 16.19 0.45
C ILE B 283 17.83 15.03 -0.02
N TRP B 284 17.74 13.99 0.80
CA TRP B 284 16.93 12.81 0.46
C TRP B 284 15.43 13.09 0.44
N ASP B 285 15.03 14.19 1.08
CA ASP B 285 13.63 14.61 1.10
C ASP B 285 13.24 15.33 -0.18
N ALA B 286 14.24 15.78 -0.95
CA ALA B 286 13.97 16.71 -2.04
C ALA B 286 14.55 16.28 -3.37
N LYS B 287 15.34 15.20 -3.38
CA LYS B 287 16.08 14.86 -4.59
C LYS B 287 15.16 14.62 -5.79
N ASP B 288 14.03 13.95 -5.58
CA ASP B 288 13.11 13.64 -6.68
C ASP B 288 12.27 14.86 -7.06
N LEU B 289 11.88 15.65 -6.08
CA LEU B 289 11.14 16.87 -6.36
C LEU B 289 11.98 17.80 -7.23
N ILE B 290 13.29 17.81 -6.99
CA ILE B 290 14.20 18.60 -7.79
C ILE B 290 14.46 17.98 -9.17
N GLN B 291 14.91 16.72 -9.19
CA GLN B 291 15.33 16.10 -10.44
C GLN B 291 14.19 15.90 -11.42
N ASN B 292 12.99 15.70 -10.88
CA ASN B 292 11.81 15.60 -11.73
C ASN B 292 11.20 16.94 -12.08
N GLN B 293 11.85 18.03 -11.66
CA GLN B 293 11.41 19.40 -11.96
C GLN B 293 9.98 19.67 -11.53
N LEU B 294 9.70 19.36 -10.26
CA LEU B 294 8.36 19.55 -9.71
C LEU B 294 8.25 20.82 -8.86
N ILE B 295 9.38 21.50 -8.62
CA ILE B 295 9.38 22.72 -7.82
C ILE B 295 10.30 23.80 -8.38
N ASP B 296 10.01 25.05 -8.05
CA ASP B 296 10.84 26.17 -8.48
C ASP B 296 11.75 26.71 -7.40
N TYR B 297 11.31 26.56 -6.15
CA TYR B 297 12.08 27.03 -4.99
C TYR B 297 12.16 25.95 -3.93
N ILE B 298 13.38 25.73 -3.43
CA ILE B 298 13.59 24.78 -2.35
C ILE B 298 13.78 25.58 -1.05
N ARG B 299 12.97 25.25 -0.04
CA ARG B 299 12.80 26.05 1.16
C ARG B 299 13.62 25.59 2.36
N ALA B 300 14.42 24.54 2.16
CA ALA B 300 15.22 23.96 3.24
C ALA B 300 16.14 25.02 3.84
N THR B 301 16.43 24.90 5.13
CA THR B 301 17.21 25.92 5.84
C THR B 301 18.51 25.39 6.43
N VAL B 302 19.39 26.31 6.85
CA VAL B 302 20.63 25.93 7.49
C VAL B 302 20.40 25.08 8.75
N VAL B 303 19.41 25.46 9.56
CA VAL B 303 19.10 24.70 10.78
C VAL B 303 18.29 23.44 10.51
N GLY B 304 17.42 23.47 9.51
CA GLY B 304 16.54 22.34 9.29
C GLY B 304 17.27 21.19 8.64
N ALA B 305 18.18 21.52 7.73
CA ALA B 305 18.77 20.51 6.85
C ALA B 305 20.27 20.36 7.01
N GLY B 306 20.74 20.38 8.26
CA GLY B 306 22.11 19.97 8.57
C GLY B 306 23.27 20.92 8.26
N GLY B 307 23.04 22.22 8.39
CA GLY B 307 24.12 23.20 8.31
C GLY B 307 24.50 23.67 6.92
N LEU B 308 25.54 24.49 6.86
CA LEU B 308 26.06 24.98 5.59
C LEU B 308 26.54 23.81 4.74
N THR B 309 27.16 22.81 5.38
CA THR B 309 27.74 21.68 4.67
C THR B 309 26.69 20.98 3.80
N HIS B 310 25.53 20.72 4.41
CA HIS B 310 24.51 19.97 3.69
C HIS B 310 23.61 20.87 2.84
N LEU B 311 23.30 22.08 3.31
CA LEU B 311 22.43 22.95 2.53
C LEU B 311 23.08 23.31 1.19
N ARG B 312 24.40 23.47 1.19
CA ARG B 312 25.14 23.71 -0.04
C ARG B 312 24.87 22.62 -1.09
N ARG B 313 24.84 21.38 -0.63
CA ARG B 313 24.58 20.24 -1.53
C ARG B 313 23.18 20.31 -2.10
N ILE B 314 22.21 20.64 -1.25
CA ILE B 314 20.83 20.79 -1.70
C ILE B 314 20.74 21.90 -2.75
N ALA B 315 21.39 23.04 -2.50
CA ALA B 315 21.27 24.17 -3.42
C ALA B 315 21.92 23.84 -4.75
N ASP B 316 23.02 23.10 -4.69
CA ASP B 316 23.75 22.72 -5.90
CA ASP B 316 23.74 22.71 -5.88
C ASP B 316 22.94 21.75 -6.76
N LEU B 317 22.30 20.77 -6.12
CA LEU B 317 21.41 19.89 -6.88
C LEU B 317 20.30 20.72 -7.54
N ALA B 318 19.68 21.59 -6.75
CA ALA B 318 18.64 22.48 -7.27
C ALA B 318 19.11 23.29 -8.50
N SER B 319 20.35 23.81 -8.44
CA SER B 319 20.88 24.64 -9.53
C SER B 319 20.91 23.92 -10.87
N LEU B 320 21.12 22.59 -10.86
CA LEU B 320 21.22 21.84 -12.09
CA LEU B 320 21.22 21.80 -12.08
C LEU B 320 19.93 21.92 -12.88
N TYR B 321 18.83 22.15 -12.17
CA TYR B 321 17.49 22.20 -12.78
C TYR B 321 16.89 23.59 -12.71
N GLN B 322 17.75 24.56 -12.43
CA GLN B 322 17.35 25.98 -12.31
C GLN B 322 16.34 26.22 -11.19
N VAL B 323 16.30 25.31 -10.23
CA VAL B 323 15.56 25.50 -8.99
C VAL B 323 16.35 26.45 -8.09
N ARG B 324 15.67 27.39 -7.44
CA ARG B 324 16.37 28.43 -6.68
C ARG B 324 16.14 28.28 -5.19
N THR B 325 16.99 28.91 -4.38
CA THR B 325 16.78 28.81 -2.93
C THR B 325 15.69 29.77 -2.48
N GLY B 326 14.88 29.31 -1.53
CA GLY B 326 13.86 30.15 -0.93
C GLY B 326 13.80 29.89 0.57
N CYS B 327 14.94 30.03 1.23
CA CYS B 327 15.04 29.60 2.62
C CYS B 327 13.92 30.14 3.52
N HIS B 328 13.27 29.21 4.20
CA HIS B 328 12.33 29.48 5.28
C HIS B 328 13.03 30.29 6.39
N GLY B 329 12.30 31.22 7.01
CA GLY B 329 12.91 32.16 7.94
C GLY B 329 11.93 32.80 8.90
N PRO B 330 11.20 31.98 9.68
CA PRO B 330 10.27 32.49 10.68
C PRO B 330 11.04 32.87 11.94
N THR B 331 10.35 33.35 12.98
CA THR B 331 11.05 33.71 14.21
C THR B 331 11.64 32.52 14.96
N ASP B 332 11.14 31.32 14.68
CA ASP B 332 11.63 30.13 15.38
C ASP B 332 12.97 29.60 14.85
N LEU B 333 13.54 30.28 13.85
CA LEU B 333 14.95 30.11 13.53
C LEU B 333 15.66 31.31 14.16
N SER B 334 16.64 31.06 15.03
CA SER B 334 17.28 32.12 15.81
C SER B 334 18.14 32.99 14.90
N PRO B 335 18.58 34.16 15.40
CA PRO B 335 19.50 35.00 14.62
C PRO B 335 20.78 34.27 14.20
N VAL B 336 21.18 33.23 14.93
CA VAL B 336 22.34 32.42 14.51
C VAL B 336 22.08 31.76 13.15
N THR B 337 20.90 31.15 13.00
CA THR B 337 20.49 30.63 11.70
C THR B 337 20.41 31.76 10.67
N MET B 338 19.82 32.89 11.05
CA MET B 338 19.67 33.98 10.07
C MET B 338 21.03 34.47 9.59
N GLY B 339 21.98 34.58 10.51
CA GLY B 339 23.33 34.97 10.13
C GLY B 339 23.91 33.99 9.11
N CYS B 340 23.86 32.71 9.44
CA CYS B 340 24.34 31.68 8.52
C CYS B 340 23.57 31.69 7.21
N ALA B 341 22.26 31.88 7.28
CA ALA B 341 21.44 31.87 6.07
C ALA B 341 21.81 33.03 5.15
N LEU B 342 22.08 34.19 5.74
CA LEU B 342 22.45 35.37 4.96
C LEU B 342 23.85 35.26 4.34
N HIS B 343 24.78 34.62 5.04
CA HIS B 343 26.07 34.33 4.41
C HIS B 343 25.91 33.41 3.23
N PHE B 344 25.14 32.35 3.44
CA PHE B 344 24.78 31.42 2.38
C PHE B 344 24.09 32.16 1.20
N ASP B 345 23.09 32.99 1.51
CA ASP B 345 22.30 33.69 0.48
C ASP B 345 23.17 34.68 -0.31
N THR B 346 24.18 35.23 0.36
CA THR B 346 25.04 36.24 -0.25
C THR B 346 25.96 35.62 -1.31
N TRP B 347 26.37 34.38 -1.05
CA TRP B 347 27.21 33.63 -1.98
C TRP B 347 26.43 32.81 -3.04
N VAL B 348 25.39 32.11 -2.62
CA VAL B 348 24.81 31.04 -3.44
C VAL B 348 24.36 31.55 -4.82
N PRO B 349 24.85 30.91 -5.89
CA PRO B 349 24.49 31.47 -7.21
C PRO B 349 23.00 31.45 -7.53
N ASN B 350 22.32 30.36 -7.20
CA ASN B 350 20.90 30.22 -7.50
C ASN B 350 19.98 30.69 -6.38
N PHE B 351 20.30 31.84 -5.78
CA PHE B 351 19.43 32.45 -4.80
C PHE B 351 18.10 32.87 -5.40
N GLY B 352 16.99 32.61 -4.69
CA GLY B 352 15.69 33.11 -5.11
C GLY B 352 15.15 34.22 -4.21
N ILE B 353 14.96 33.87 -2.94
CA ILE B 353 14.42 34.81 -1.95
C ILE B 353 14.74 34.29 -0.55
N GLN B 354 14.68 35.18 0.44
CA GLN B 354 14.84 34.80 1.84
C GLN B 354 13.61 35.22 2.63
N GLU B 355 13.02 34.29 3.36
CA GLU B 355 11.92 34.64 4.23
C GLU B 355 12.45 35.42 5.42
N TYR B 356 11.69 36.43 5.85
CA TYR B 356 12.11 37.24 6.99
C TYR B 356 10.93 37.61 7.89
N MET B 357 10.93 37.05 9.10
CA MET B 357 10.01 37.47 10.17
C MET B 357 10.89 38.08 11.24
N ARG B 358 10.56 39.29 11.68
CA ARG B 358 11.40 40.01 12.62
C ARG B 358 11.40 39.39 14.02
N HIS B 359 12.58 39.21 14.58
CA HIS B 359 12.69 38.81 15.98
C HIS B 359 12.38 39.98 16.91
N THR B 360 12.15 39.67 18.18
CA THR B 360 11.87 40.71 19.15
C THR B 360 13.18 41.43 19.48
N GLU B 361 13.08 42.62 20.07
CA GLU B 361 14.26 43.35 20.52
C GLU B 361 15.08 42.52 21.49
N GLU B 362 14.40 41.84 22.40
CA GLU B 362 15.04 40.99 23.38
C GLU B 362 15.91 39.92 22.72
N THR B 363 15.40 39.33 21.64
CA THR B 363 16.12 38.31 20.89
C THR B 363 17.38 38.89 20.22
N ASP B 364 17.25 40.08 19.61
CA ASP B 364 18.40 40.74 18.99
C ASP B 364 19.50 41.06 20.01
N ALA B 365 19.11 41.40 21.23
CA ALA B 365 20.08 41.70 22.29
C ALA B 365 20.77 40.43 22.79
N VAL B 366 20.02 39.33 22.87
CA VAL B 366 20.60 38.08 23.34
C VAL B 366 21.55 37.50 22.29
N PHE B 367 21.24 37.74 21.02
CA PHE B 367 22.08 37.25 19.92
C PHE B 367 22.64 38.39 19.07
N PRO B 368 23.69 39.09 19.57
CA PRO B 368 24.31 40.18 18.81
C PRO B 368 24.68 39.71 17.41
N HIS B 369 24.25 40.42 16.38
CA HIS B 369 24.56 39.99 15.01
C HIS B 369 24.92 41.14 14.08
N ASP B 370 25.67 40.79 13.04
CA ASP B 370 26.08 41.74 12.02
CA ASP B 370 26.06 41.76 12.03
C ASP B 370 25.28 41.49 10.74
N TYR B 371 23.98 41.67 10.82
CA TYR B 371 23.16 41.70 9.64
C TYR B 371 22.10 42.72 9.96
N TRP B 372 21.52 43.32 8.92
CA TRP B 372 20.51 44.34 9.13
C TRP B 372 19.53 44.37 7.97
N PHE B 373 18.41 45.02 8.19
CA PHE B 373 17.35 45.11 7.19
C PHE B 373 17.20 46.54 6.69
N GLU B 374 17.04 46.69 5.38
CA GLU B 374 16.85 48.00 4.81
C GLU B 374 16.09 47.89 3.50
N LYS B 375 14.95 48.59 3.43
CA LYS B 375 14.20 48.75 2.20
C LYS B 375 13.97 47.44 1.45
N GLY B 376 13.43 46.44 2.14
CA GLY B 376 13.04 45.19 1.53
C GLY B 376 14.16 44.20 1.31
N GLU B 377 15.34 44.48 1.87
CA GLU B 377 16.49 43.59 1.71
C GLU B 377 17.21 43.39 3.04
N LEU B 378 17.74 42.18 3.23
CA LEU B 378 18.66 41.93 4.32
C LEU B 378 20.10 42.03 3.80
N PHE B 379 21.03 42.39 4.67
CA PHE B 379 22.43 42.53 4.32
C PHE B 379 23.27 41.87 5.39
N VAL B 380 24.20 41.02 4.98
CA VAL B 380 25.13 40.45 5.97
C VAL B 380 26.34 41.35 6.15
N GLY B 381 26.89 41.38 7.37
CA GLY B 381 28.04 42.22 7.66
C GLY B 381 29.35 41.50 7.42
N GLU B 382 30.45 42.18 7.74
CA GLU B 382 31.78 41.70 7.39
C GLU B 382 32.53 41.08 8.58
N THR B 383 31.87 40.94 9.72
CA THR B 383 32.50 40.37 10.92
C THR B 383 32.98 38.94 10.67
N PRO B 384 34.24 38.62 11.05
CA PRO B 384 34.68 37.22 10.88
C PRO B 384 33.80 36.24 11.67
N GLY B 385 33.56 35.08 11.08
CA GLY B 385 32.60 34.13 11.62
C GLY B 385 31.33 34.25 10.81
N HIS B 386 30.22 33.70 11.29
CA HIS B 386 28.92 34.01 10.70
C HIS B 386 28.35 35.35 11.20
N GLY B 387 29.09 36.01 12.09
CA GLY B 387 28.72 37.33 12.55
C GLY B 387 27.70 37.39 13.66
N VAL B 388 27.29 36.22 14.16
CA VAL B 388 26.38 36.20 15.30
C VAL B 388 27.10 35.67 16.54
N ASP B 389 26.70 36.14 17.71
CA ASP B 389 27.25 35.62 18.94
C ASP B 389 26.07 35.47 19.90
N ILE B 390 26.34 35.03 21.13
CA ILE B 390 25.31 34.96 22.14
C ILE B 390 25.80 35.53 23.46
N ASP B 391 24.98 36.37 24.08
CA ASP B 391 25.27 36.92 25.39
C ASP B 391 24.69 35.96 26.42
N GLU B 392 25.55 35.11 26.98
CA GLU B 392 25.10 34.06 27.89
C GLU B 392 24.53 34.62 29.20
N GLU B 393 25.09 35.72 29.66
CA GLU B 393 24.62 36.36 30.88
C GLU B 393 23.20 36.87 30.68
N LEU B 394 22.95 37.54 29.56
CA LEU B 394 21.62 38.04 29.25
C LEU B 394 20.65 36.89 28.93
N ALA B 395 21.13 35.89 28.21
CA ALA B 395 20.31 34.72 27.87
C ALA B 395 19.76 34.04 29.13
N ALA B 396 20.54 34.04 30.20
CA ALA B 396 20.13 33.41 31.45
C ALA B 396 18.95 34.13 32.12
N LYS B 397 18.65 35.35 31.67
CA LYS B 397 17.57 36.15 32.28
C LYS B 397 16.20 35.87 31.67
N TYR B 398 16.19 35.05 30.61
CA TYR B 398 14.95 34.65 29.95
C TYR B 398 14.81 33.14 29.97
N PRO B 399 14.18 32.59 31.02
CA PRO B 399 14.04 31.14 31.16
C PRO B 399 13.11 30.50 30.12
N TYR B 400 13.43 29.26 29.78
CA TYR B 400 12.65 28.43 28.87
C TYR B 400 11.18 28.39 29.26
N LYS B 401 10.30 28.44 28.26
CA LYS B 401 8.85 28.36 28.48
C LYS B 401 8.19 27.55 27.36
N PRO B 402 7.65 26.38 27.71
CA PRO B 402 7.01 25.46 26.76
C PRO B 402 5.97 26.14 25.85
N ALA B 403 6.09 25.93 24.55
CA ALA B 403 5.12 26.44 23.58
C ALA B 403 5.01 25.49 22.40
N TYR B 404 3.77 25.22 21.99
CA TYR B 404 3.49 24.26 20.94
C TYR B 404 3.00 24.92 19.66
N LEU B 405 3.26 24.27 18.52
CA LEU B 405 2.62 24.64 17.28
C LEU B 405 1.17 24.16 17.31
N PRO B 406 0.28 24.86 16.58
CA PRO B 406 -1.12 24.44 16.52
C PRO B 406 -1.28 23.12 15.76
N VAL B 407 -2.46 22.52 15.90
CA VAL B 407 -2.84 21.40 15.05
C VAL B 407 -4.09 21.78 14.28
N ALA B 408 -4.38 21.07 13.20
CA ALA B 408 -5.60 21.33 12.43
C ALA B 408 -6.44 20.08 12.31
N ARG B 409 -7.75 20.26 12.36
CA ARG B 409 -8.70 19.18 12.13
C ARG B 409 -9.73 19.62 11.11
N LEU B 410 -10.23 18.67 10.31
CA LEU B 410 -11.33 18.97 9.40
C LEU B 410 -12.61 19.17 10.19
N GLU B 411 -13.66 19.63 9.50
CA GLU B 411 -14.92 19.92 10.16
C GLU B 411 -15.51 18.71 10.87
N ASP B 412 -15.20 17.51 10.39
CA ASP B 412 -15.75 16.29 11.00
C ASP B 412 -14.88 15.74 12.12
N GLY B 413 -13.78 16.42 12.40
CA GLY B 413 -12.88 16.00 13.48
C GLY B 413 -11.63 15.30 12.99
N THR B 414 -11.56 15.00 11.70
CA THR B 414 -10.37 14.34 11.13
C THR B 414 -9.07 15.09 11.39
N MET B 415 -8.09 14.40 11.96
CA MET B 415 -6.78 14.99 12.12
C MET B 415 -6.21 15.36 10.76
N TRP B 416 -5.81 16.62 10.62
CA TRP B 416 -5.29 17.10 9.34
C TRP B 416 -3.90 17.72 9.47
N ASN B 417 -3.47 18.38 8.41
CA ASN B 417 -2.11 18.94 8.36
C ASN B 417 -2.16 20.43 8.64
N TRP B 418 -1.73 20.86 9.82
CA TRP B 418 -1.70 22.29 10.11
C TRP B 418 -0.73 23.02 9.18
N HIS C 16 -37.07 -13.38 -37.39
CA HIS C 16 -35.80 -14.11 -37.31
C HIS C 16 -35.94 -15.38 -36.48
N MET C 17 -34.88 -16.18 -36.42
CA MET C 17 -34.88 -17.35 -35.55
C MET C 17 -34.60 -16.92 -34.11
N LYS C 18 -35.00 -17.76 -33.16
CA LYS C 18 -34.96 -17.37 -31.75
C LYS C 18 -34.49 -18.48 -30.84
N ILE C 19 -33.92 -18.10 -29.70
CA ILE C 19 -33.59 -19.05 -28.63
C ILE C 19 -34.89 -19.43 -27.92
N THR C 20 -35.17 -20.72 -27.87
CA THR C 20 -36.37 -21.20 -27.20
C THR C 20 -36.09 -21.68 -25.79
N ALA C 21 -34.87 -22.16 -25.56
CA ALA C 21 -34.47 -22.63 -24.24
C ALA C 21 -32.96 -22.56 -24.05
N ALA C 22 -32.54 -22.33 -22.81
CA ALA C 22 -31.12 -22.37 -22.44
C ALA C 22 -30.99 -23.19 -21.17
N ARG C 23 -30.76 -24.49 -21.34
CA ARG C 23 -30.83 -25.42 -20.23
C ARG C 23 -29.47 -25.81 -19.71
N VAL C 24 -29.36 -25.89 -18.39
CA VAL C 24 -28.13 -26.29 -17.72
C VAL C 24 -28.24 -27.77 -17.34
N ILE C 25 -27.22 -28.53 -17.69
CA ILE C 25 -27.19 -29.97 -17.43
C ILE C 25 -25.98 -30.32 -16.55
N ILE C 26 -26.23 -31.04 -15.47
CA ILE C 26 -25.18 -31.38 -14.51
C ILE C 26 -24.96 -32.89 -14.44
N THR C 27 -23.70 -33.32 -14.54
CA THR C 27 -23.41 -34.75 -14.52
C THR C 27 -22.02 -35.01 -13.92
N CYS C 28 -21.84 -36.19 -13.34
CA CYS C 28 -20.55 -36.56 -12.74
C CYS C 28 -20.06 -37.93 -13.18
N PRO C 29 -19.70 -38.08 -14.47
CA PRO C 29 -19.19 -39.37 -14.96
C PRO C 29 -17.71 -39.52 -14.66
N GLY C 30 -17.36 -39.57 -13.38
CA GLY C 30 -15.96 -39.60 -12.98
C GLY C 30 -15.59 -38.33 -12.27
N ARG C 31 -16.15 -37.22 -12.75
CA ARG C 31 -16.03 -35.93 -12.07
C ARG C 31 -17.12 -35.01 -12.59
N ASN C 32 -17.33 -33.90 -11.88
CA ASN C 32 -18.42 -32.97 -12.17
C ASN C 32 -18.23 -32.19 -13.47
N PHE C 33 -19.29 -32.12 -14.27
CA PHE C 33 -19.29 -31.26 -15.46
C PHE C 33 -20.62 -30.54 -15.59
N VAL C 34 -20.56 -29.22 -15.81
CA VAL C 34 -21.77 -28.45 -16.07
C VAL C 34 -21.78 -28.03 -17.54
N THR C 35 -22.94 -28.21 -18.18
CA THR C 35 -23.10 -27.96 -19.61
C THR C 35 -24.33 -27.10 -19.90
N LEU C 36 -24.18 -26.16 -20.82
CA LEU C 36 -25.29 -25.33 -21.26
C LEU C 36 -25.76 -25.81 -22.63
N LYS C 37 -27.08 -25.96 -22.79
CA LYS C 37 -27.64 -26.32 -24.08
C LYS C 37 -28.60 -25.23 -24.56
N ILE C 38 -28.23 -24.57 -25.65
CA ILE C 38 -29.09 -23.54 -26.25
C ILE C 38 -29.93 -24.16 -27.36
N GLU C 39 -31.24 -24.23 -27.13
CA GLU C 39 -32.15 -24.75 -28.15
C GLU C 39 -32.81 -23.60 -28.92
N THR C 40 -33.14 -23.83 -30.19
CA THR C 40 -33.73 -22.77 -31.01
C THR C 40 -35.05 -23.22 -31.62
N ASP C 41 -35.73 -22.28 -32.28
CA ASP C 41 -36.98 -22.62 -32.98
C ASP C 41 -36.74 -23.12 -34.40
N GLN C 42 -35.48 -23.35 -34.73
CA GLN C 42 -35.08 -23.86 -36.03
C GLN C 42 -34.57 -25.29 -35.88
N GLY C 43 -34.85 -25.88 -34.71
CA GLY C 43 -34.44 -27.23 -34.42
C GLY C 43 -32.99 -27.35 -33.96
N VAL C 44 -32.11 -26.60 -34.61
CA VAL C 44 -30.68 -26.68 -34.32
C VAL C 44 -30.40 -26.28 -32.88
N TYR C 45 -29.47 -26.96 -32.22
CA TYR C 45 -29.06 -26.57 -30.88
C TYR C 45 -27.54 -26.50 -30.77
N GLY C 46 -27.06 -25.97 -29.65
CA GLY C 46 -25.64 -25.90 -29.39
C GLY C 46 -25.36 -26.11 -27.92
N ILE C 47 -24.17 -26.64 -27.60
CA ILE C 47 -23.78 -26.84 -26.22
C ILE C 47 -22.46 -26.16 -25.89
N GLY C 48 -22.29 -25.82 -24.61
CA GLY C 48 -21.08 -25.18 -24.15
C GLY C 48 -20.74 -25.60 -22.73
N ASP C 49 -19.44 -25.64 -22.43
CA ASP C 49 -18.99 -26.07 -21.12
C ASP C 49 -19.07 -24.92 -20.13
N ALA C 50 -19.50 -25.21 -18.91
CA ALA C 50 -19.62 -24.21 -17.86
C ALA C 50 -18.90 -24.64 -16.57
N THR C 51 -18.09 -25.69 -16.67
CA THR C 51 -17.48 -26.29 -15.49
C THR C 51 -16.44 -25.41 -14.82
N LEU C 52 -16.67 -25.11 -13.53
CA LEU C 52 -15.70 -24.38 -12.73
C LEU C 52 -15.31 -25.25 -11.54
N ASN C 53 -14.17 -25.94 -11.66
CA ASN C 53 -13.74 -26.95 -10.69
C ASN C 53 -13.75 -26.49 -9.23
N GLY C 54 -14.54 -27.17 -8.41
CA GLY C 54 -14.62 -26.84 -6.99
C GLY C 54 -15.62 -25.76 -6.59
N ARG C 55 -16.23 -25.09 -7.57
CA ARG C 55 -17.26 -24.08 -7.34
C ARG C 55 -18.37 -24.23 -8.38
N GLU C 56 -18.64 -25.47 -8.77
CA GLU C 56 -19.49 -25.76 -9.93
C GLU C 56 -20.89 -25.15 -9.89
N LEU C 57 -21.54 -25.26 -8.74
CA LEU C 57 -22.94 -24.88 -8.63
C LEU C 57 -23.16 -23.36 -8.64
N SER C 58 -22.09 -22.60 -8.42
CA SER C 58 -22.17 -21.15 -8.53
C SER C 58 -22.46 -20.74 -9.98
N VAL C 59 -21.85 -21.45 -10.92
CA VAL C 59 -22.07 -21.17 -12.34
C VAL C 59 -23.45 -21.65 -12.78
N VAL C 60 -23.85 -22.82 -12.30
CA VAL C 60 -25.20 -23.32 -12.54
C VAL C 60 -26.23 -22.26 -12.17
N ALA C 61 -26.05 -21.65 -11.00
CA ALA C 61 -26.98 -20.62 -10.53
C ALA C 61 -26.90 -19.34 -11.35
N TYR C 62 -25.68 -18.93 -11.70
CA TYR C 62 -25.47 -17.77 -12.55
C TYR C 62 -26.24 -17.91 -13.87
N LEU C 63 -26.10 -19.05 -14.53
CA LEU C 63 -26.81 -19.32 -15.78
C LEU C 63 -28.32 -19.47 -15.59
N GLN C 64 -28.73 -20.43 -14.77
CA GLN C 64 -30.13 -20.80 -14.63
C GLN C 64 -31.03 -19.65 -14.18
N GLU C 65 -30.59 -18.95 -13.14
CA GLU C 65 -31.45 -17.99 -12.47
C GLU C 65 -31.33 -16.59 -13.04
N HIS C 66 -30.28 -16.34 -13.81
CA HIS C 66 -30.02 -14.98 -14.25
C HIS C 66 -29.80 -14.84 -15.75
N VAL C 67 -28.78 -15.50 -16.29
CA VAL C 67 -28.45 -15.38 -17.70
C VAL C 67 -29.47 -16.05 -18.63
N ALA C 68 -29.77 -17.32 -18.36
CA ALA C 68 -30.64 -18.09 -19.24
C ALA C 68 -32.01 -17.44 -19.55
N PRO C 69 -32.73 -16.92 -18.52
CA PRO C 69 -34.00 -16.27 -18.82
C PRO C 69 -33.88 -15.08 -19.78
N CYS C 70 -32.74 -14.39 -19.76
CA CYS C 70 -32.52 -13.24 -20.63
C CYS C 70 -32.31 -13.66 -22.08
N LEU C 71 -31.79 -14.87 -22.28
CA LEU C 71 -31.47 -15.35 -23.62
C LEU C 71 -32.71 -15.73 -24.41
N ILE C 72 -33.77 -16.09 -23.70
CA ILE C 72 -34.96 -16.62 -24.36
C ILE C 72 -35.55 -15.58 -25.29
N GLY C 73 -35.70 -15.94 -26.56
CA GLY C 73 -36.25 -15.03 -27.55
C GLY C 73 -35.20 -14.23 -28.30
N MET C 74 -33.94 -14.33 -27.87
CA MET C 74 -32.86 -13.63 -28.57
C MET C 74 -32.51 -14.31 -29.89
N ASP C 75 -31.87 -13.55 -30.79
CA ASP C 75 -31.40 -14.10 -32.06
C ASP C 75 -30.04 -14.77 -31.84
N PRO C 76 -30.00 -16.11 -31.88
CA PRO C 76 -28.76 -16.82 -31.53
C PRO C 76 -27.65 -16.61 -32.55
N ARG C 77 -27.96 -16.04 -33.71
CA ARG C 77 -26.95 -15.75 -34.72
C ARG C 77 -26.06 -14.59 -34.27
N ARG C 78 -26.59 -13.74 -33.40
CA ARG C 78 -25.87 -12.55 -32.95
C ARG C 78 -24.87 -12.90 -31.84
N ILE C 79 -23.83 -13.65 -32.18
CA ILE C 79 -22.85 -14.09 -31.17
C ILE C 79 -22.18 -12.93 -30.45
N GLU C 80 -21.67 -11.96 -31.21
CA GLU C 80 -20.95 -10.82 -30.63
C GLU C 80 -21.87 -10.03 -29.71
N ASP C 81 -23.08 -9.74 -30.20
CA ASP C 81 -24.03 -8.94 -29.44
C ASP C 81 -24.39 -9.61 -28.12
N ILE C 82 -24.65 -10.90 -28.17
CA ILE C 82 -24.97 -11.64 -26.95
C ILE C 82 -23.79 -11.68 -25.98
N TRP C 83 -22.58 -11.88 -26.50
CA TRP C 83 -21.39 -11.82 -25.66
C TRP C 83 -21.33 -10.46 -24.95
N GLN C 84 -21.49 -9.39 -25.72
CA GLN C 84 -21.42 -8.05 -25.15
C GLN C 84 -22.55 -7.81 -24.15
N TYR C 85 -23.73 -8.34 -24.48
CA TYR C 85 -24.89 -8.21 -23.61
C TYR C 85 -24.61 -8.87 -22.26
N VAL C 86 -24.10 -10.09 -22.28
CA VAL C 86 -23.83 -10.78 -21.03
C VAL C 86 -22.60 -10.24 -20.29
N TYR C 87 -21.59 -9.78 -21.03
CA TYR C 87 -20.39 -9.23 -20.41
C TYR C 87 -20.62 -7.84 -19.83
N ARG C 88 -21.12 -6.93 -20.66
CA ARG C 88 -21.36 -5.57 -20.21
C ARG C 88 -22.57 -5.53 -19.29
N GLY C 89 -23.60 -6.27 -19.67
CA GLY C 89 -24.88 -6.24 -18.98
C GLY C 89 -24.87 -6.77 -17.56
N ALA C 90 -23.89 -7.61 -17.23
CA ALA C 90 -23.75 -8.09 -15.87
C ALA C 90 -23.48 -6.96 -14.88
N TYR C 91 -23.01 -5.83 -15.42
CA TYR C 91 -22.62 -4.64 -14.65
C TYR C 91 -21.37 -4.87 -13.80
N TRP C 92 -21.38 -5.93 -12.99
CA TRP C 92 -20.19 -6.36 -12.26
C TRP C 92 -19.41 -7.25 -13.23
N ARG C 93 -18.22 -6.81 -13.63
CA ARG C 93 -17.53 -7.40 -14.77
C ARG C 93 -16.38 -8.35 -14.42
N ARG C 94 -16.09 -9.26 -15.34
CA ARG C 94 -14.99 -10.23 -15.20
C ARG C 94 -15.30 -11.26 -14.11
N GLY C 95 -14.36 -12.17 -13.85
CA GLY C 95 -14.53 -13.10 -12.74
C GLY C 95 -14.69 -14.54 -13.18
N PRO C 96 -14.25 -15.48 -12.33
CA PRO C 96 -14.28 -16.91 -12.69
C PRO C 96 -15.70 -17.41 -12.97
N VAL C 97 -16.65 -17.04 -12.13
CA VAL C 97 -18.02 -17.51 -12.32
C VAL C 97 -18.66 -16.82 -13.53
N THR C 98 -18.58 -15.50 -13.53
CA THR C 98 -19.11 -14.68 -14.62
C THR C 98 -18.64 -15.17 -15.98
N MET C 99 -17.33 -15.33 -16.14
CA MET C 99 -16.77 -15.68 -17.44
C MET C 99 -17.01 -17.13 -17.84
N ARG C 100 -17.20 -18.02 -16.87
CA ARG C 100 -17.58 -19.41 -17.20
C ARG C 100 -18.97 -19.42 -17.82
N ALA C 101 -19.87 -18.62 -17.27
CA ALA C 101 -21.21 -18.50 -17.81
C ALA C 101 -21.19 -17.96 -19.23
N ILE C 102 -20.45 -16.88 -19.43
CA ILE C 102 -20.31 -16.26 -20.75
C ILE C 102 -19.69 -17.24 -21.74
N ALA C 103 -18.66 -17.96 -21.30
CA ALA C 103 -18.01 -18.97 -22.15
C ALA C 103 -18.99 -20.05 -22.59
N ALA C 104 -19.81 -20.52 -21.66
CA ALA C 104 -20.79 -21.57 -21.96
C ALA C 104 -21.74 -21.13 -23.06
N VAL C 105 -22.23 -19.90 -22.94
CA VAL C 105 -23.12 -19.34 -23.94
C VAL C 105 -22.40 -19.20 -25.27
N ASP C 106 -21.19 -18.64 -25.23
CA ASP C 106 -20.43 -18.38 -26.45
C ASP C 106 -20.13 -19.68 -27.21
N MET C 107 -19.70 -20.71 -26.50
CA MET C 107 -19.42 -22.01 -27.14
C MET C 107 -20.68 -22.56 -27.81
N ALA C 108 -21.79 -22.47 -27.10
CA ALA C 108 -23.04 -23.01 -27.63
C ALA C 108 -23.49 -22.25 -28.87
N LEU C 109 -23.27 -20.93 -28.86
CA LEU C 109 -23.62 -20.12 -30.03
C LEU C 109 -22.71 -20.37 -31.24
N TRP C 110 -21.41 -20.55 -31.01
CA TRP C 110 -20.52 -20.90 -32.10
C TRP C 110 -20.87 -22.29 -32.65
N ASP C 111 -21.30 -23.17 -31.75
CA ASP C 111 -21.69 -24.53 -32.11
C ASP C 111 -22.88 -24.46 -33.08
N ILE C 112 -23.85 -23.63 -32.74
CA ILE C 112 -25.03 -23.42 -33.59
C ILE C 112 -24.62 -22.77 -34.92
N LYS C 113 -23.74 -21.77 -34.87
CA LYS C 113 -23.33 -21.08 -36.09
C LYS C 113 -22.64 -22.03 -37.07
N ALA C 114 -21.73 -22.85 -36.55
CA ALA C 114 -21.03 -23.80 -37.39
C ALA C 114 -21.98 -24.86 -37.95
N LYS C 115 -22.89 -25.36 -37.10
CA LYS C 115 -23.92 -26.30 -37.57
C LYS C 115 -24.76 -25.68 -38.69
N MET C 116 -25.18 -24.44 -38.51
CA MET C 116 -25.96 -23.75 -39.53
C MET C 116 -25.19 -23.53 -40.83
N ALA C 117 -23.87 -23.34 -40.70
CA ALA C 117 -22.99 -23.15 -41.83
C ALA C 117 -22.63 -24.48 -42.51
N GLY C 118 -22.91 -25.58 -41.83
CA GLY C 118 -22.55 -26.90 -42.32
C GLY C 118 -21.05 -27.17 -42.29
N MET C 119 -20.37 -26.52 -41.35
CA MET C 119 -18.91 -26.58 -41.30
C MET C 119 -18.41 -26.94 -39.90
N PRO C 120 -17.26 -27.62 -39.83
CA PRO C 120 -16.63 -27.74 -38.51
C PRO C 120 -16.22 -26.34 -38.07
N LEU C 121 -16.21 -26.10 -36.76
CA LEU C 121 -15.98 -24.75 -36.24
C LEU C 121 -14.68 -24.08 -36.73
N TYR C 122 -13.60 -24.84 -36.87
CA TYR C 122 -12.33 -24.22 -37.26
C TYR C 122 -12.41 -23.51 -38.62
N GLN C 123 -13.33 -23.97 -39.47
CA GLN C 123 -13.52 -23.33 -40.77
C GLN C 123 -14.02 -21.89 -40.64
N LEU C 124 -14.92 -21.65 -39.69
CA LEU C 124 -15.48 -20.33 -39.45
C LEU C 124 -14.50 -19.35 -38.84
N LEU C 125 -13.56 -19.89 -38.07
CA LEU C 125 -12.55 -19.08 -37.41
C LEU C 125 -11.51 -18.56 -38.41
N GLY C 126 -11.47 -19.17 -39.59
CA GLY C 126 -10.48 -18.79 -40.60
C GLY C 126 -9.81 -19.99 -41.26
N GLY C 127 -10.25 -21.19 -40.91
CA GLY C 127 -9.73 -22.38 -41.56
C GLY C 127 -8.49 -22.95 -40.88
N ARG C 128 -7.98 -24.04 -41.46
CA ARG C 128 -6.91 -24.84 -40.87
C ARG C 128 -5.54 -24.20 -41.05
N SER C 129 -4.77 -24.12 -39.95
CA SER C 129 -3.38 -23.66 -39.99
C SER C 129 -2.39 -24.79 -39.80
N ARG C 130 -2.89 -25.94 -39.36
CA ARG C 130 -2.02 -27.08 -39.07
C ARG C 130 -2.82 -28.36 -39.07
N ASP C 131 -2.12 -29.49 -39.04
CA ASP C 131 -2.79 -30.78 -39.03
C ASP C 131 -3.10 -31.18 -37.61
N GLY C 132 -2.13 -31.82 -36.99
CA GLY C 132 -2.24 -32.26 -35.61
C GLY C 132 -1.87 -31.17 -34.63
N ILE C 133 -2.37 -31.33 -33.42
CA ILE C 133 -2.18 -30.37 -32.34
C ILE C 133 -1.25 -31.00 -31.31
N MET C 134 -0.04 -30.48 -31.17
CA MET C 134 0.90 -31.05 -30.21
C MET C 134 0.37 -30.91 -28.79
N VAL C 135 0.43 -31.98 -28.01
CA VAL C 135 0.01 -31.94 -26.62
C VAL C 135 1.17 -32.26 -25.68
N TYR C 136 0.96 -32.07 -24.38
CA TYR C 136 1.85 -32.63 -23.40
C TYR C 136 1.09 -33.47 -22.38
N GLY C 137 1.77 -34.51 -21.88
CA GLY C 137 1.21 -35.37 -20.86
C GLY C 137 1.81 -35.04 -19.51
N HIS C 138 1.27 -35.69 -18.47
CA HIS C 138 1.68 -35.42 -17.10
C HIS C 138 2.45 -36.57 -16.48
N ALA C 139 3.78 -36.43 -16.41
CA ALA C 139 4.60 -37.39 -15.70
C ALA C 139 4.81 -36.95 -14.25
N ASN C 140 4.24 -37.71 -13.32
CA ASN C 140 4.33 -37.40 -11.90
C ASN C 140 5.06 -38.50 -11.15
N GLY C 141 5.80 -38.13 -10.10
CA GLY C 141 6.43 -39.10 -9.23
C GLY C 141 6.54 -38.56 -7.82
N SER C 142 6.64 -39.45 -6.84
CA SER C 142 6.80 -39.02 -5.45
C SER C 142 8.19 -38.45 -5.21
N ASP C 143 9.16 -38.90 -6.01
CA ASP C 143 10.52 -38.39 -5.92
C ASP C 143 11.15 -38.34 -7.31
N ILE C 144 12.40 -37.88 -7.39
CA ILE C 144 13.06 -37.75 -8.69
C ILE C 144 13.11 -39.09 -9.44
N ALA C 145 13.49 -40.16 -8.76
CA ALA C 145 13.62 -41.46 -9.42
C ALA C 145 12.30 -41.88 -10.05
N GLU C 146 11.21 -41.74 -9.30
CA GLU C 146 9.89 -42.11 -9.79
C GLU C 146 9.45 -41.20 -10.93
N THR C 147 9.79 -39.91 -10.81
CA THR C 147 9.41 -38.95 -11.83
C THR C 147 10.18 -39.19 -13.13
N VAL C 148 11.46 -39.55 -13.00
CA VAL C 148 12.27 -39.90 -14.15
C VAL C 148 11.70 -41.12 -14.89
N GLU C 149 11.26 -42.14 -14.13
CA GLU C 149 10.60 -43.28 -14.74
C GLU C 149 9.31 -42.88 -15.46
N ALA C 150 8.53 -42.00 -14.83
CA ALA C 150 7.27 -41.55 -15.42
C ALA C 150 7.50 -40.80 -16.74
N VAL C 151 8.52 -39.95 -16.79
CA VAL C 151 8.81 -39.24 -18.04
C VAL C 151 9.13 -40.26 -19.13
N GLY C 152 9.91 -41.28 -18.76
CA GLY C 152 10.26 -42.35 -19.67
C GLY C 152 9.02 -43.04 -20.22
N HIS C 153 8.01 -43.24 -19.38
CA HIS C 153 6.79 -43.89 -19.82
C HIS C 153 6.09 -43.01 -20.85
N TYR C 154 6.07 -41.71 -20.60
CA TYR C 154 5.40 -40.79 -21.51
C TYR C 154 6.08 -40.70 -22.89
N ILE C 155 7.41 -40.70 -22.89
CA ILE C 155 8.18 -40.78 -24.12
C ILE C 155 7.83 -42.05 -24.88
N ASP C 156 7.80 -43.19 -24.17
CA ASP C 156 7.44 -44.47 -24.79
C ASP C 156 5.99 -44.53 -25.30
N MET C 157 5.10 -43.76 -24.68
CA MET C 157 3.72 -43.67 -25.15
C MET C 157 3.56 -42.72 -26.34
N GLY C 158 4.67 -42.14 -26.81
CA GLY C 158 4.64 -41.32 -28.01
C GLY C 158 4.48 -39.82 -27.82
N TYR C 159 4.55 -39.34 -26.58
CA TYR C 159 4.46 -37.90 -26.32
C TYR C 159 5.74 -37.16 -26.71
N LYS C 160 5.56 -36.02 -27.37
CA LYS C 160 6.70 -35.18 -27.78
C LYS C 160 7.06 -34.20 -26.67
N ALA C 161 6.08 -33.93 -25.82
CA ALA C 161 6.24 -32.94 -24.75
C ALA C 161 5.72 -33.54 -23.47
N ILE C 162 6.45 -33.35 -22.37
CA ILE C 162 6.08 -33.97 -21.11
C ILE C 162 6.27 -33.00 -19.96
N ARG C 163 5.22 -32.83 -19.16
CA ARG C 163 5.34 -32.04 -17.94
C ARG C 163 5.84 -32.98 -16.86
N ALA C 164 6.90 -32.58 -16.16
CA ALA C 164 7.45 -33.41 -15.09
C ALA C 164 7.27 -32.73 -13.76
N GLN C 165 6.58 -33.41 -12.84
CA GLN C 165 6.36 -32.88 -11.50
C GLN C 165 6.79 -33.94 -10.49
N THR C 166 7.58 -33.53 -9.50
CA THR C 166 8.01 -34.46 -8.48
C THR C 166 7.54 -34.01 -7.10
N GLY C 167 7.22 -34.98 -6.25
CA GLY C 167 7.10 -34.69 -4.84
C GLY C 167 8.47 -34.27 -4.32
N VAL C 168 8.50 -33.54 -3.23
CA VAL C 168 9.76 -33.15 -2.62
C VAL C 168 9.85 -33.78 -1.25
N PRO C 169 10.88 -34.63 -1.03
CA PRO C 169 11.01 -35.29 0.27
C PRO C 169 11.21 -34.25 1.36
N GLY C 170 10.49 -34.41 2.46
CA GLY C 170 10.58 -33.46 3.56
C GLY C 170 9.42 -32.49 3.60
N ILE C 171 8.70 -32.37 2.49
CA ILE C 171 7.54 -31.49 2.42
C ILE C 171 6.26 -32.21 2.83
N LEU C 191 -14.34 -32.73 1.16
CA LEU C 191 -13.66 -31.55 1.70
C LEU C 191 -12.22 -31.46 1.19
N PRO C 192 -11.73 -30.22 0.99
CA PRO C 192 -10.40 -30.00 0.40
C PRO C 192 -9.26 -30.53 1.26
N SER C 193 -8.34 -31.26 0.62
CA SER C 193 -7.15 -31.77 1.28
C SER C 193 -6.19 -30.62 1.60
N VAL C 194 -5.47 -30.75 2.71
CA VAL C 194 -4.48 -29.76 3.08
C VAL C 194 -3.09 -30.34 2.88
N THR C 195 -2.30 -29.68 2.03
CA THR C 195 -0.95 -30.12 1.72
C THR C 195 0.05 -29.12 2.26
N GLY C 196 1.30 -29.56 2.41
CA GLY C 196 2.35 -28.70 2.92
C GLY C 196 3.22 -28.19 1.80
N TRP C 197 4.02 -27.16 2.09
CA TRP C 197 4.97 -26.63 1.12
C TRP C 197 6.14 -25.97 1.84
N ASP C 198 7.34 -26.13 1.27
CA ASP C 198 8.51 -25.40 1.72
C ASP C 198 9.35 -25.02 0.50
N THR C 199 9.57 -23.73 0.33
CA THR C 199 10.20 -23.25 -0.89
C THR C 199 11.68 -23.63 -0.98
N ARG C 200 12.41 -23.50 0.12
CA ARG C 200 13.85 -23.81 0.11
C ARG C 200 14.04 -25.28 -0.28
N LYS C 201 13.25 -26.16 0.32
CA LYS C 201 13.37 -27.58 0.01
C LYS C 201 13.17 -27.84 -1.49
N ALA C 202 12.20 -27.17 -2.08
CA ALA C 202 11.93 -27.31 -3.51
C ALA C 202 13.03 -26.72 -4.37
N LEU C 203 13.55 -25.56 -3.97
CA LEU C 203 14.60 -24.92 -4.73
C LEU C 203 15.85 -25.80 -4.80
N ASN C 204 16.08 -26.56 -3.74
CA ASN C 204 17.22 -27.45 -3.65
C ASN C 204 17.01 -28.74 -4.44
N TYR C 205 15.76 -29.03 -4.82
CA TYR C 205 15.43 -30.38 -5.30
C TYR C 205 14.98 -30.38 -6.75
N VAL C 206 14.13 -29.42 -7.12
CA VAL C 206 13.57 -29.35 -8.47
C VAL C 206 14.60 -29.23 -9.62
N PRO C 207 15.67 -28.43 -9.44
CA PRO C 207 16.64 -28.40 -10.54
C PRO C 207 17.33 -29.74 -10.74
N LYS C 208 17.44 -30.55 -9.69
CA LYS C 208 18.07 -31.85 -9.84
C LYS C 208 17.18 -32.82 -10.62
N LEU C 209 15.86 -32.61 -10.56
CA LEU C 209 14.96 -33.42 -11.38
C LEU C 209 15.29 -33.23 -12.86
N PHE C 210 15.41 -31.97 -13.29
CA PHE C 210 15.64 -31.70 -14.70
C PHE C 210 17.05 -32.03 -15.16
N GLU C 211 18.00 -31.89 -14.25
CA GLU C 211 19.34 -32.42 -14.48
C GLU C 211 19.31 -33.91 -14.81
N GLU C 212 18.60 -34.67 -13.97
CA GLU C 212 18.52 -36.11 -14.14
C GLU C 212 17.74 -36.46 -15.39
N LEU C 213 16.72 -35.65 -15.70
CA LEU C 213 15.94 -35.89 -16.91
C LEU C 213 16.77 -35.74 -18.19
N ARG C 214 17.56 -34.67 -18.27
CA ARG C 214 18.39 -34.46 -19.45
C ARG C 214 19.57 -35.45 -19.53
N LYS C 215 20.10 -35.85 -18.38
CA LYS C 215 21.13 -36.89 -18.34
C LYS C 215 20.61 -38.19 -18.93
N THR C 216 19.38 -38.54 -18.59
CA THR C 216 18.81 -39.84 -18.92
C THR C 216 18.24 -39.91 -20.33
N TYR C 217 17.56 -38.84 -20.73
CA TYR C 217 16.76 -38.85 -21.96
C TYR C 217 17.29 -37.92 -23.04
N GLY C 218 18.26 -37.08 -22.70
CA GLY C 218 18.80 -36.13 -23.65
C GLY C 218 17.88 -34.94 -23.91
N PHE C 219 18.16 -34.19 -24.96
CA PHE C 219 17.51 -32.90 -25.19
C PHE C 219 16.47 -32.87 -26.30
N ASP C 220 16.11 -34.04 -26.85
CA ASP C 220 15.13 -34.10 -27.93
C ASP C 220 13.72 -33.74 -27.51
N HIS C 221 13.32 -34.16 -26.32
CA HIS C 221 11.94 -33.97 -25.86
C HIS C 221 11.68 -32.64 -25.17
N HIS C 222 10.47 -32.11 -25.37
CA HIS C 222 10.06 -30.88 -24.68
C HIS C 222 9.72 -31.22 -23.24
N LEU C 223 10.35 -30.51 -22.30
CA LEU C 223 10.12 -30.75 -20.89
C LEU C 223 9.50 -29.52 -20.26
N LEU C 224 8.41 -29.73 -19.53
CA LEU C 224 7.65 -28.64 -18.95
C LEU C 224 7.63 -28.78 -17.43
N HIS C 225 7.51 -27.66 -16.72
CA HIS C 225 7.34 -27.70 -15.27
C HIS C 225 6.33 -26.67 -14.84
N ASP C 226 5.45 -27.08 -13.92
CA ASP C 226 4.44 -26.20 -13.37
C ASP C 226 4.89 -25.82 -11.95
N GLY C 227 5.16 -24.54 -11.76
CA GLY C 227 5.57 -24.04 -10.45
C GLY C 227 4.39 -23.85 -9.52
N HIS C 228 3.19 -23.89 -10.08
CA HIS C 228 1.94 -23.91 -9.32
C HIS C 228 1.85 -22.84 -8.23
N HIS C 229 2.24 -21.63 -8.62
CA HIS C 229 2.05 -20.43 -7.79
C HIS C 229 2.88 -20.37 -6.52
N ARG C 230 3.89 -21.23 -6.40
CA ARG C 230 4.54 -21.43 -5.11
C ARG C 230 5.60 -20.38 -4.75
N TYR C 231 6.14 -19.71 -5.76
CA TYR C 231 7.35 -18.91 -5.59
C TYR C 231 7.08 -17.41 -5.58
N THR C 232 7.95 -16.65 -4.93
CA THR C 232 7.97 -15.20 -5.11
C THR C 232 8.65 -14.91 -6.46
N PRO C 233 8.54 -13.68 -6.96
CA PRO C 233 9.26 -13.35 -8.19
C PRO C 233 10.77 -13.63 -8.13
N GLN C 234 11.43 -13.21 -7.05
CA GLN C 234 12.86 -13.44 -6.91
C GLN C 234 13.18 -14.94 -6.90
N GLU C 235 12.35 -15.71 -6.22
CA GLU C 235 12.57 -17.15 -6.14
C GLU C 235 12.33 -17.81 -7.49
N ALA C 236 11.34 -17.33 -8.22
CA ALA C 236 11.09 -17.81 -9.58
C ALA C 236 12.25 -17.46 -10.53
N ALA C 237 12.82 -16.28 -10.39
CA ALA C 237 14.02 -15.88 -11.14
C ALA C 237 15.20 -16.83 -10.85
N ASN C 238 15.39 -17.11 -9.57
CA ASN C 238 16.39 -18.05 -9.07
C ASN C 238 16.17 -19.45 -9.69
N LEU C 239 14.98 -19.98 -9.54
CA LEU C 239 14.64 -21.29 -10.10
C LEU C 239 14.83 -21.31 -11.62
N GLY C 240 14.32 -20.30 -12.32
CA GLY C 240 14.47 -20.23 -13.76
C GLY C 240 15.92 -20.26 -14.24
N LYS C 241 16.79 -19.50 -13.58
CA LYS C 241 18.21 -19.54 -13.86
C LYS C 241 18.78 -20.93 -13.65
N MET C 242 18.40 -21.55 -12.55
CA MET C 242 18.90 -22.88 -12.23
C MET C 242 18.45 -23.90 -13.28
N LEU C 243 17.31 -23.65 -13.91
CA LEU C 243 16.78 -24.56 -14.91
C LEU C 243 17.30 -24.32 -16.33
N GLU C 244 18.00 -23.20 -16.54
CA GLU C 244 18.49 -22.83 -17.87
C GLU C 244 19.31 -23.91 -18.61
N PRO C 245 20.25 -24.58 -17.91
CA PRO C 245 21.03 -25.61 -18.62
C PRO C 245 20.18 -26.75 -19.20
N TYR C 246 18.95 -26.89 -18.73
CA TYR C 246 18.17 -28.05 -19.11
C TYR C 246 17.11 -27.75 -20.16
N GLN C 247 17.11 -26.50 -20.65
CA GLN C 247 16.33 -26.12 -21.83
C GLN C 247 14.85 -26.51 -21.74
N LEU C 248 14.15 -25.98 -20.74
CA LEU C 248 12.74 -26.33 -20.58
C LEU C 248 11.88 -25.67 -21.65
N PHE C 249 10.78 -26.33 -21.99
CA PHE C 249 9.76 -25.77 -22.87
C PHE C 249 9.04 -24.64 -22.17
N TRP C 250 8.73 -24.82 -20.89
CA TRP C 250 8.30 -23.69 -20.08
C TRP C 250 8.37 -23.96 -18.58
N LEU C 251 8.42 -22.88 -17.82
CA LEU C 251 8.18 -22.88 -16.39
C LEU C 251 6.88 -22.13 -16.22
N GLU C 252 5.89 -22.81 -15.66
CA GLU C 252 4.52 -22.32 -15.66
C GLU C 252 4.07 -21.82 -14.30
N ASP C 253 3.26 -20.76 -14.31
CA ASP C 253 2.63 -20.21 -13.11
C ASP C 253 3.63 -20.09 -11.97
N CYS C 254 4.79 -19.51 -12.24
CA CYS C 254 5.88 -19.52 -11.27
C CYS C 254 5.58 -18.74 -10.00
N THR C 255 4.80 -17.66 -10.14
CA THR C 255 4.49 -16.76 -9.02
C THR C 255 3.06 -16.26 -9.24
N PRO C 256 2.31 -15.98 -8.15
CA PRO C 256 0.96 -15.42 -8.32
C PRO C 256 0.97 -14.17 -9.22
N ALA C 257 -0.05 -14.04 -10.06
CA ALA C 257 -0.01 -13.04 -11.13
C ALA C 257 -1.17 -12.05 -11.12
N GLU C 258 -1.90 -11.93 -10.01
CA GLU C 258 -2.90 -10.87 -9.92
C GLU C 258 -2.26 -9.52 -10.13
N ASN C 259 -1.04 -9.38 -9.62
CA ASN C 259 -0.21 -8.22 -9.91
C ASN C 259 0.57 -8.58 -11.17
N GLN C 260 0.23 -7.98 -12.32
CA GLN C 260 0.92 -8.33 -13.55
C GLN C 260 2.38 -7.89 -13.60
N GLU C 261 2.79 -7.08 -12.62
CA GLU C 261 4.19 -6.72 -12.49
C GLU C 261 5.00 -7.85 -11.87
N ALA C 262 4.32 -8.89 -11.37
CA ALA C 262 5.02 -9.96 -10.65
C ALA C 262 6.03 -10.72 -11.49
N PHE C 263 5.80 -10.81 -12.80
CA PHE C 263 6.71 -11.53 -13.68
C PHE C 263 7.93 -10.69 -14.12
N ARG C 264 7.98 -9.42 -13.75
CA ARG C 264 9.04 -8.56 -14.24
C ARG C 264 10.44 -9.00 -13.82
N LEU C 265 10.64 -9.27 -12.53
CA LEU C 265 11.93 -9.75 -12.04
CA LEU C 265 11.94 -9.72 -12.07
C LEU C 265 12.32 -11.08 -12.66
N VAL C 266 11.33 -11.95 -12.85
CA VAL C 266 11.60 -13.28 -13.39
C VAL C 266 12.16 -13.14 -14.80
N ARG C 267 11.45 -12.35 -15.61
CA ARG C 267 11.79 -12.16 -17.01
C ARG C 267 13.15 -11.46 -17.18
N GLN C 268 13.47 -10.60 -16.22
CA GLN C 268 14.72 -9.85 -16.29
C GLN C 268 15.92 -10.75 -16.06
N HIS C 269 15.72 -11.83 -15.30
CA HIS C 269 16.84 -12.64 -14.81
C HIS C 269 17.01 -14.02 -15.47
N THR C 270 15.99 -14.51 -16.19
CA THR C 270 16.12 -15.83 -16.80
C THR C 270 15.68 -15.86 -18.25
N VAL C 271 16.28 -16.77 -19.02
CA VAL C 271 15.82 -17.08 -20.37
C VAL C 271 15.01 -18.37 -20.44
N THR C 272 14.75 -19.00 -19.29
CA THR C 272 13.82 -20.12 -19.26
C THR C 272 12.46 -19.58 -19.69
N PRO C 273 11.78 -20.26 -20.63
CA PRO C 273 10.49 -19.72 -21.08
C PRO C 273 9.45 -19.73 -19.97
N LEU C 274 8.57 -18.75 -20.00
CA LEU C 274 7.54 -18.61 -18.99
C LEU C 274 6.13 -18.75 -19.57
N ALA C 275 5.27 -19.41 -18.80
CA ALA C 275 3.86 -19.53 -19.14
C ALA C 275 2.98 -19.17 -17.95
N VAL C 276 1.76 -18.75 -18.24
CA VAL C 276 0.83 -18.39 -17.16
C VAL C 276 -0.56 -18.26 -17.74
N GLY C 277 -1.58 -18.39 -16.90
CA GLY C 277 -2.88 -17.93 -17.30
C GLY C 277 -4.05 -18.91 -17.24
N GLU C 278 -3.84 -20.13 -16.75
CA GLU C 278 -4.95 -21.07 -16.66
C GLU C 278 -6.12 -20.53 -15.82
N ILE C 279 -5.82 -19.73 -14.81
CA ILE C 279 -6.87 -19.19 -13.96
C ILE C 279 -7.35 -17.80 -14.41
N PHE C 280 -6.82 -17.31 -15.52
CA PHE C 280 -7.27 -16.02 -16.05
C PHE C 280 -8.67 -16.18 -16.67
N ASN C 281 -9.43 -15.09 -16.62
CA ASN C 281 -10.76 -15.12 -17.22
C ASN C 281 -11.07 -14.01 -18.21
N THR C 282 -10.18 -13.02 -18.35
CA THR C 282 -10.33 -12.02 -19.41
C THR C 282 -8.95 -11.56 -19.87
N ILE C 283 -8.95 -10.86 -21.00
CA ILE C 283 -7.74 -10.27 -21.57
C ILE C 283 -7.13 -9.27 -20.57
N TRP C 284 -7.96 -8.72 -19.69
CA TRP C 284 -7.50 -7.72 -18.73
C TRP C 284 -6.56 -8.30 -17.69
N ASP C 285 -6.60 -9.63 -17.53
CA ASP C 285 -5.71 -10.35 -16.62
C ASP C 285 -4.32 -10.51 -17.23
N ALA C 286 -4.23 -10.32 -18.55
CA ALA C 286 -3.01 -10.70 -19.25
C ALA C 286 -2.38 -9.60 -20.10
N LYS C 287 -3.09 -8.49 -20.27
CA LYS C 287 -2.64 -7.45 -21.21
C LYS C 287 -1.22 -7.00 -20.94
N ASP C 288 -0.90 -6.74 -19.67
CA ASP C 288 0.43 -6.23 -19.33
C ASP C 288 1.51 -7.31 -19.41
N LEU C 289 1.19 -8.50 -18.93
CA LEU C 289 2.08 -9.64 -19.07
C LEU C 289 2.49 -9.86 -20.53
N ILE C 290 1.54 -9.68 -21.45
CA ILE C 290 1.83 -9.82 -22.88
C ILE C 290 2.57 -8.60 -23.44
N GLN C 291 2.02 -7.40 -23.25
CA GLN C 291 2.62 -6.22 -23.85
C GLN C 291 4.00 -5.89 -23.32
N ASN C 292 4.26 -6.27 -22.07
CA ASN C 292 5.57 -6.05 -21.48
C ASN C 292 6.53 -7.21 -21.77
N GLN C 293 6.06 -8.16 -22.57
CA GLN C 293 6.85 -9.33 -22.98
C GLN C 293 7.42 -10.08 -21.78
N LEU C 294 6.53 -10.42 -20.86
CA LEU C 294 6.92 -11.13 -19.64
C LEU C 294 6.63 -12.62 -19.72
N ILE C 295 5.93 -13.07 -20.76
CA ILE C 295 5.60 -14.49 -20.90
C ILE C 295 5.75 -14.96 -22.33
N ASP C 296 5.95 -16.27 -22.50
CA ASP C 296 6.06 -16.86 -23.82
C ASP C 296 4.83 -17.61 -24.26
N TYR C 297 4.07 -18.13 -23.28
CA TYR C 297 2.85 -18.87 -23.57
C TYR C 297 1.73 -18.38 -22.68
N ILE C 298 0.57 -18.13 -23.29
CA ILE C 298 -0.62 -17.75 -22.55
C ILE C 298 -1.56 -18.95 -22.46
N ARG C 299 -1.94 -19.29 -21.22
CA ARG C 299 -2.56 -20.56 -20.91
C ARG C 299 -4.08 -20.46 -20.80
N ALA C 300 -4.64 -19.28 -21.07
CA ALA C 300 -6.09 -19.08 -20.93
C ALA C 300 -6.85 -20.06 -21.82
N THR C 301 -8.07 -20.41 -21.39
CA THR C 301 -8.84 -21.42 -22.10
C THR C 301 -10.19 -20.90 -22.58
N VAL C 302 -10.82 -21.69 -23.46
CA VAL C 302 -12.13 -21.33 -24.00
C VAL C 302 -13.17 -21.20 -22.88
N VAL C 303 -13.11 -22.12 -21.92
CA VAL C 303 -14.05 -22.10 -20.80
C VAL C 303 -13.65 -21.06 -19.73
N GLY C 304 -12.35 -20.87 -19.53
CA GLY C 304 -11.92 -19.96 -18.49
C GLY C 304 -12.11 -18.50 -18.87
N ALA C 305 -11.90 -18.20 -20.15
CA ALA C 305 -11.81 -16.79 -20.55
C ALA C 305 -12.84 -16.39 -21.58
N GLY C 306 -14.07 -16.84 -21.39
CA GLY C 306 -15.19 -16.26 -22.10
C GLY C 306 -15.42 -16.70 -23.54
N GLY C 307 -15.05 -17.95 -23.85
CA GLY C 307 -15.41 -18.56 -25.13
C GLY C 307 -14.45 -18.28 -26.28
N LEU C 308 -14.81 -18.72 -27.48
CA LEU C 308 -14.01 -18.45 -28.68
C LEU C 308 -13.94 -16.95 -28.96
N THR C 309 -15.05 -16.26 -28.78
CA THR C 309 -15.09 -14.82 -29.06
C THR C 309 -14.00 -14.06 -28.33
N HIS C 310 -13.83 -14.37 -27.05
CA HIS C 310 -12.84 -13.66 -26.25
C HIS C 310 -11.43 -14.26 -26.32
N LEU C 311 -11.33 -15.58 -26.33
CA LEU C 311 -10.01 -16.21 -26.39
C LEU C 311 -9.25 -15.78 -27.66
N ARG C 312 -9.99 -15.59 -28.75
CA ARG C 312 -9.43 -15.09 -30.00
C ARG C 312 -8.70 -13.75 -29.82
N ARG C 313 -9.32 -12.88 -29.03
N ARG C 313 -9.29 -12.88 -29.01
CA ARG C 313 -8.75 -11.57 -28.74
CA ARG C 313 -8.73 -11.56 -28.76
C ARG C 313 -7.43 -11.71 -27.98
C ARG C 313 -7.48 -11.60 -27.88
N ILE C 314 -7.45 -12.55 -26.96
CA ILE C 314 -6.26 -12.80 -26.15
C ILE C 314 -5.13 -13.33 -27.04
N ALA C 315 -5.45 -14.33 -27.88
CA ALA C 315 -4.46 -14.89 -28.79
C ALA C 315 -3.90 -13.85 -29.76
N ASP C 316 -4.77 -13.00 -30.31
CA ASP C 316 -4.31 -11.99 -31.26
C ASP C 316 -3.41 -10.96 -30.59
N LEU C 317 -3.75 -10.54 -29.38
CA LEU C 317 -2.87 -9.65 -28.62
C LEU C 317 -1.51 -10.33 -28.38
N ALA C 318 -1.55 -11.58 -27.91
CA ALA C 318 -0.32 -12.34 -27.71
C ALA C 318 0.52 -12.41 -28.99
N SER C 319 -0.13 -12.62 -30.14
CA SER C 319 0.61 -12.77 -31.40
C SER C 319 1.45 -11.54 -31.76
N LEU C 320 1.02 -10.36 -31.35
CA LEU C 320 1.76 -9.13 -31.62
C LEU C 320 3.17 -9.18 -31.04
N TYR C 321 3.34 -9.95 -29.97
CA TYR C 321 4.61 -10.03 -29.26
C TYR C 321 5.22 -11.44 -29.35
N GLN C 322 4.74 -12.21 -30.32
CA GLN C 322 5.19 -13.57 -30.58
C GLN C 322 4.97 -14.50 -29.40
N VAL C 323 4.01 -14.13 -28.55
CA VAL C 323 3.57 -15.00 -27.48
C VAL C 323 2.59 -16.02 -28.07
N ARG C 324 2.71 -17.27 -27.63
CA ARG C 324 1.95 -18.35 -28.24
C ARG C 324 0.90 -18.92 -27.31
N THR C 325 -0.06 -19.66 -27.87
CA THR C 325 -1.10 -20.22 -27.02
C THR C 325 -0.61 -21.52 -26.39
N GLY C 326 -0.98 -21.73 -25.13
CA GLY C 326 -0.67 -22.97 -24.45
C GLY C 326 -1.85 -23.38 -23.60
N CYS C 327 -3.02 -23.54 -24.22
CA CYS C 327 -4.26 -23.78 -23.48
C CYS C 327 -4.15 -24.89 -22.43
N HIS C 328 -4.46 -24.52 -21.20
CA HIS C 328 -4.68 -25.41 -20.07
C HIS C 328 -5.75 -26.44 -20.48
N GLY C 329 -5.61 -27.66 -20.01
CA GLY C 329 -6.47 -28.74 -20.47
C GLY C 329 -6.54 -29.95 -19.57
N PRO C 330 -6.91 -29.75 -18.30
CA PRO C 330 -7.03 -30.85 -17.34
C PRO C 330 -8.35 -31.56 -17.53
N THR C 331 -8.57 -32.62 -16.76
CA THR C 331 -9.83 -33.35 -16.84
C THR C 331 -11.03 -32.49 -16.45
N ASP C 332 -10.80 -31.43 -15.67
CA ASP C 332 -11.91 -30.59 -15.20
C ASP C 332 -12.43 -29.58 -16.24
N LEU C 333 -11.84 -29.64 -17.43
CA LEU C 333 -12.42 -28.99 -18.60
C LEU C 333 -13.05 -30.12 -19.42
N SER C 334 -14.36 -30.03 -19.67
CA SER C 334 -15.08 -31.14 -20.29
C SER C 334 -14.69 -31.34 -21.77
N PRO C 335 -15.07 -32.48 -22.36
CA PRO C 335 -14.83 -32.67 -23.80
C PRO C 335 -15.47 -31.59 -24.69
N VAL C 336 -16.50 -30.91 -24.20
CA VAL C 336 -17.03 -29.77 -24.92
C VAL C 336 -15.95 -28.68 -25.08
N THR C 337 -15.28 -28.36 -23.98
CA THR C 337 -14.18 -27.39 -24.04
C THR C 337 -13.09 -27.90 -24.96
N MET C 338 -12.75 -29.19 -24.85
CA MET C 338 -11.65 -29.73 -25.66
C MET C 338 -11.97 -29.66 -27.15
N GLY C 339 -13.20 -29.99 -27.52
CA GLY C 339 -13.64 -29.81 -28.89
C GLY C 339 -13.43 -28.39 -29.36
N CYS C 340 -13.93 -27.42 -28.59
CA CYS C 340 -13.74 -26.03 -28.95
C CYS C 340 -12.26 -25.65 -28.96
N ALA C 341 -11.52 -26.11 -27.96
CA ALA C 341 -10.09 -25.79 -27.89
C ALA C 341 -9.34 -26.28 -29.12
N LEU C 342 -9.70 -27.47 -29.61
CA LEU C 342 -8.99 -28.07 -30.72
C LEU C 342 -9.35 -27.39 -32.04
N HIS C 343 -10.61 -26.99 -32.19
CA HIS C 343 -11.00 -26.17 -33.33
C HIS C 343 -10.22 -24.84 -33.31
N PHE C 344 -10.20 -24.21 -32.14
CA PHE C 344 -9.36 -23.03 -31.92
C PHE C 344 -7.89 -23.32 -32.24
N ASP C 345 -7.34 -24.40 -31.67
CA ASP C 345 -5.92 -24.75 -31.88
C ASP C 345 -5.59 -25.03 -33.35
N THR C 346 -6.57 -25.55 -34.07
CA THR C 346 -6.37 -25.95 -35.45
C THR C 346 -6.23 -24.72 -36.35
N TRP C 347 -6.89 -23.63 -35.96
CA TRP C 347 -6.86 -22.41 -36.74
C TRP C 347 -5.79 -21.40 -36.29
N VAL C 348 -5.65 -21.22 -34.97
CA VAL C 348 -4.93 -20.05 -34.45
C VAL C 348 -3.47 -20.01 -34.93
N PRO C 349 -3.04 -18.88 -35.50
CA PRO C 349 -1.70 -18.93 -36.11
C PRO C 349 -0.60 -19.11 -35.08
N ASN C 350 -0.69 -18.41 -33.95
CA ASN C 350 0.34 -18.49 -32.92
C ASN C 350 0.12 -19.61 -31.90
N PHE C 351 -0.29 -20.78 -32.37
CA PHE C 351 -0.40 -21.97 -31.53
C PHE C 351 0.96 -22.40 -30.95
N GLY C 352 0.99 -22.72 -29.67
CA GLY C 352 2.19 -23.27 -29.06
C GLY C 352 2.08 -24.74 -28.68
N ILE C 353 1.12 -25.04 -27.82
CA ILE C 353 0.92 -26.42 -27.35
C ILE C 353 -0.47 -26.51 -26.74
N GLN C 354 -0.98 -27.73 -26.58
CA GLN C 354 -2.26 -27.93 -25.91
C GLN C 354 -2.08 -28.91 -24.75
N GLU C 355 -2.51 -28.54 -23.56
CA GLU C 355 -2.48 -29.51 -22.46
C GLU C 355 -3.52 -30.61 -22.69
N TYR C 356 -3.14 -31.85 -22.39
CA TYR C 356 -4.07 -32.98 -22.57
C TYR C 356 -3.99 -33.96 -21.41
N MET C 357 -5.08 -34.06 -20.65
CA MET C 357 -5.28 -35.15 -19.71
C MET C 357 -6.51 -35.94 -20.16
N ARG C 358 -6.35 -37.25 -20.34
CA ARG C 358 -7.45 -38.08 -20.83
C ARG C 358 -8.61 -38.11 -19.85
N HIS C 359 -9.83 -38.01 -20.38
CA HIS C 359 -11.03 -38.16 -19.57
C HIS C 359 -11.34 -39.64 -19.36
N THR C 360 -12.23 -39.93 -18.40
CA THR C 360 -12.65 -41.30 -18.17
C THR C 360 -13.53 -41.80 -19.30
N GLU C 361 -13.69 -43.11 -19.40
CA GLU C 361 -14.53 -43.71 -20.43
C GLU C 361 -15.97 -43.22 -20.28
N GLU C 362 -16.42 -43.10 -19.04
CA GLU C 362 -17.77 -42.64 -18.74
C GLU C 362 -17.96 -41.21 -19.23
N THR C 363 -16.93 -40.39 -19.09
CA THR C 363 -16.99 -39.01 -19.55
C THR C 363 -17.06 -38.97 -21.07
N ASP C 364 -16.23 -39.77 -21.73
CA ASP C 364 -16.25 -39.81 -23.20
C ASP C 364 -17.61 -40.27 -23.74
N ALA C 365 -18.26 -41.17 -23.01
CA ALA C 365 -19.57 -41.69 -23.39
C ALA C 365 -20.67 -40.63 -23.26
N VAL C 366 -20.63 -39.88 -22.16
CA VAL C 366 -21.61 -38.83 -21.91
C VAL C 366 -21.44 -37.67 -22.89
N PHE C 367 -20.20 -37.42 -23.30
CA PHE C 367 -19.92 -36.36 -24.25
C PHE C 367 -19.29 -36.86 -25.54
N PRO C 368 -20.09 -37.49 -26.43
CA PRO C 368 -19.55 -37.99 -27.70
C PRO C 368 -18.92 -36.85 -28.48
N HIS C 369 -17.75 -37.10 -29.07
CA HIS C 369 -16.97 -36.02 -29.67
C HIS C 369 -16.20 -36.47 -30.90
N ASP C 370 -15.91 -35.52 -31.78
CA ASP C 370 -15.18 -35.79 -33.00
C ASP C 370 -13.75 -35.26 -32.89
N TYR C 371 -12.95 -35.94 -32.08
CA TYR C 371 -11.52 -35.71 -32.05
C TYR C 371 -10.78 -36.96 -31.60
N TRP C 372 -9.51 -37.07 -31.98
CA TRP C 372 -8.75 -38.28 -31.71
C TRP C 372 -7.27 -37.99 -31.50
N PHE C 373 -6.58 -38.95 -30.90
CA PHE C 373 -5.19 -38.82 -30.53
C PHE C 373 -4.35 -39.79 -31.33
N GLU C 374 -3.30 -39.26 -31.97
CA GLU C 374 -2.38 -40.06 -32.76
C GLU C 374 -0.95 -39.53 -32.60
N LYS C 375 -0.07 -40.37 -32.06
CA LYS C 375 1.36 -40.07 -31.94
C LYS C 375 1.69 -38.68 -31.36
N GLY C 376 1.27 -38.43 -30.12
CA GLY C 376 1.62 -37.20 -29.43
C GLY C 376 0.83 -35.97 -29.87
N GLU C 377 -0.18 -36.16 -30.71
CA GLU C 377 -1.01 -35.04 -31.18
C GLU C 377 -2.50 -35.34 -31.10
N LEU C 378 -3.30 -34.32 -30.80
CA LEU C 378 -4.75 -34.44 -30.92
C LEU C 378 -5.19 -33.91 -32.29
N PHE C 379 -6.28 -34.45 -32.82
CA PHE C 379 -6.80 -34.02 -34.11
C PHE C 379 -8.29 -33.74 -33.98
N VAL C 380 -8.78 -32.67 -34.59
CA VAL C 380 -10.21 -32.37 -34.57
C VAL C 380 -10.87 -32.83 -35.87
N GLY C 381 -12.11 -33.30 -35.78
CA GLY C 381 -12.80 -33.88 -36.91
C GLY C 381 -13.61 -32.86 -37.71
N GLU C 382 -14.36 -33.36 -38.69
CA GLU C 382 -15.07 -32.52 -39.64
C GLU C 382 -16.55 -32.31 -39.31
N THR C 383 -17.02 -32.91 -38.22
CA THR C 383 -18.42 -32.77 -37.80
C THR C 383 -18.78 -31.31 -37.61
N PRO C 384 -19.83 -30.83 -38.30
CA PRO C 384 -20.26 -29.44 -38.16
C PRO C 384 -20.59 -29.11 -36.71
N GLY C 385 -20.32 -27.87 -36.31
CA GLY C 385 -20.38 -27.49 -34.92
C GLY C 385 -18.99 -27.60 -34.35
N HIS C 386 -18.85 -27.61 -33.03
CA HIS C 386 -17.55 -27.92 -32.43
C HIS C 386 -17.33 -29.44 -32.39
N GLY C 387 -18.35 -30.18 -32.80
CA GLY C 387 -18.22 -31.62 -32.98
C GLY C 387 -18.51 -32.42 -31.73
N VAL C 388 -18.83 -31.74 -30.63
CA VAL C 388 -19.17 -32.42 -29.39
C VAL C 388 -20.69 -32.37 -29.15
N ASP C 389 -21.20 -33.39 -28.47
CA ASP C 389 -22.60 -33.37 -28.05
C ASP C 389 -22.71 -33.95 -26.65
N ILE C 390 -23.92 -33.93 -26.10
CA ILE C 390 -24.17 -34.50 -24.78
C ILE C 390 -25.33 -35.50 -24.78
N ASP C 391 -25.04 -36.72 -24.33
CA ASP C 391 -26.09 -37.74 -24.15
C ASP C 391 -26.81 -37.46 -22.85
N GLU C 392 -27.89 -36.69 -22.93
CA GLU C 392 -28.62 -36.27 -21.73
C GLU C 392 -29.16 -37.45 -20.94
N GLU C 393 -29.63 -38.48 -21.63
CA GLU C 393 -30.14 -39.68 -20.97
C GLU C 393 -29.06 -40.34 -20.13
N LEU C 394 -27.88 -40.52 -20.72
CA LEU C 394 -26.77 -41.15 -20.03
C LEU C 394 -26.18 -40.27 -18.92
N ALA C 395 -26.16 -38.96 -19.16
CA ALA C 395 -25.63 -38.02 -18.19
C ALA C 395 -26.42 -38.08 -16.87
N ALA C 396 -27.72 -38.33 -16.98
CA ALA C 396 -28.59 -38.40 -15.81
C ALA C 396 -28.28 -39.60 -14.91
N LYS C 397 -27.50 -40.55 -15.42
CA LYS C 397 -27.12 -41.73 -14.67
C LYS C 397 -25.95 -41.45 -13.72
N TYR C 398 -25.37 -40.26 -13.82
CA TYR C 398 -24.23 -39.87 -13.00
C TYR C 398 -24.49 -38.58 -12.23
N PRO C 399 -25.08 -38.70 -11.03
CA PRO C 399 -25.47 -37.53 -10.22
C PRO C 399 -24.28 -36.73 -9.71
N TYR C 400 -24.50 -35.44 -9.45
CA TYR C 400 -23.47 -34.54 -8.96
C TYR C 400 -22.89 -35.01 -7.63
N LYS C 401 -21.58 -34.86 -7.47
CA LYS C 401 -20.90 -35.24 -6.24
C LYS C 401 -19.85 -34.19 -5.91
N PRO C 402 -20.03 -33.48 -4.79
CA PRO C 402 -19.13 -32.40 -4.36
C PRO C 402 -17.67 -32.84 -4.26
N ALA C 403 -16.77 -32.02 -4.79
CA ALA C 403 -15.33 -32.29 -4.77
C ALA C 403 -14.58 -30.98 -4.80
N TYR C 404 -13.62 -30.84 -3.87
CA TYR C 404 -12.85 -29.61 -3.74
C TYR C 404 -11.42 -29.76 -4.25
N LEU C 405 -10.85 -28.65 -4.69
CA LEU C 405 -9.41 -28.59 -4.96
C LEU C 405 -8.69 -28.48 -3.62
N PRO C 406 -7.46 -29.00 -3.55
CA PRO C 406 -6.71 -28.95 -2.29
C PRO C 406 -6.31 -27.53 -1.96
N VAL C 407 -5.91 -27.31 -0.70
CA VAL C 407 -5.25 -26.07 -0.32
C VAL C 407 -3.83 -26.39 0.13
N ALA C 408 -2.97 -25.38 0.19
CA ALA C 408 -1.60 -25.57 0.65
C ALA C 408 -1.27 -24.63 1.80
N ARG C 409 -0.52 -25.12 2.78
CA ARG C 409 -0.02 -24.27 3.85
C ARG C 409 1.49 -24.42 3.98
N LEU C 410 2.16 -23.35 4.40
CA LEU C 410 3.58 -23.44 4.72
C LEU C 410 3.77 -24.26 5.99
N GLU C 411 5.03 -24.55 6.30
CA GLU C 411 5.34 -25.39 7.46
C GLU C 411 4.87 -24.78 8.78
N ASP C 412 4.79 -23.45 8.87
CA ASP C 412 4.35 -22.81 10.12
C ASP C 412 2.83 -22.66 10.17
N GLY C 413 2.17 -23.05 9.08
CA GLY C 413 0.71 -23.04 9.03
C GLY C 413 0.16 -21.94 8.14
N THR C 414 1.04 -21.10 7.61
CA THR C 414 0.64 -19.98 6.76
C THR C 414 -0.15 -20.42 5.54
N MET C 415 -1.35 -19.86 5.38
CA MET C 415 -2.14 -20.11 4.17
C MET C 415 -1.31 -19.72 2.95
N TRP C 416 -1.17 -20.66 2.02
CA TRP C 416 -0.33 -20.40 0.85
C TRP C 416 -1.11 -20.67 -0.43
N ASN C 417 -0.40 -20.62 -1.55
CA ASN C 417 -1.02 -20.82 -2.85
C ASN C 417 -0.85 -22.27 -3.28
N TRP C 418 -1.96 -23.01 -3.34
CA TRP C 418 -1.87 -24.38 -3.80
C TRP C 418 -1.53 -24.43 -5.29
N HIS D 16 -10.56 -24.88 21.28
CA HIS D 16 -10.89 -23.60 20.64
C HIS D 16 -12.33 -23.60 20.14
N MET D 17 -12.94 -22.44 20.09
CA MET D 17 -14.31 -22.32 19.59
C MET D 17 -14.35 -22.62 18.10
N LYS D 18 -15.50 -23.08 17.63
CA LYS D 18 -15.66 -23.52 16.27
C LYS D 18 -16.92 -22.93 15.65
N ILE D 19 -16.87 -22.73 14.35
CA ILE D 19 -18.06 -22.46 13.55
C ILE D 19 -18.89 -23.74 13.47
N THR D 20 -20.17 -23.65 13.81
CA THR D 20 -21.06 -24.81 13.79
C THR D 20 -21.99 -24.77 12.59
N ALA D 21 -22.25 -23.56 12.10
CA ALA D 21 -23.09 -23.38 10.93
C ALA D 21 -22.72 -22.09 10.21
N ALA D 22 -22.93 -22.09 8.90
CA ALA D 22 -22.74 -20.91 8.07
C ALA D 22 -23.91 -20.88 7.10
N ARG D 23 -24.97 -20.18 7.49
CA ARG D 23 -26.26 -20.28 6.80
C ARG D 23 -26.54 -19.09 5.92
N VAL D 24 -27.10 -19.36 4.74
CA VAL D 24 -27.47 -18.30 3.80
C VAL D 24 -28.95 -17.98 3.94
N ILE D 25 -29.26 -16.69 4.12
CA ILE D 25 -30.64 -16.24 4.25
C ILE D 25 -30.98 -15.28 3.11
N ILE D 26 -32.10 -15.54 2.44
CA ILE D 26 -32.49 -14.73 1.31
C ILE D 26 -33.80 -14.01 1.64
N THR D 27 -33.89 -12.72 1.32
CA THR D 27 -35.11 -11.98 1.58
C THR D 27 -35.31 -10.84 0.59
N CYS D 28 -36.56 -10.44 0.37
CA CYS D 28 -36.86 -9.35 -0.56
C CYS D 28 -37.84 -8.33 0.02
N PRO D 29 -37.41 -7.57 1.04
CA PRO D 29 -38.27 -6.52 1.61
C PRO D 29 -38.16 -5.23 0.79
N GLY D 30 -38.64 -5.25 -0.44
CA GLY D 30 -38.51 -4.10 -1.33
C GLY D 30 -37.50 -4.35 -2.44
N ARG D 31 -36.54 -5.23 -2.17
CA ARG D 31 -35.55 -5.68 -3.15
C ARG D 31 -34.76 -6.83 -2.53
N ASN D 32 -34.07 -7.59 -3.37
CA ASN D 32 -33.38 -8.80 -2.91
C ASN D 32 -32.14 -8.52 -2.07
N PHE D 33 -32.02 -9.22 -0.94
CA PHE D 33 -30.78 -9.22 -0.18
C PHE D 33 -30.41 -10.64 0.20
N VAL D 34 -29.10 -10.92 0.15
CA VAL D 34 -28.58 -12.21 0.59
C VAL D 34 -27.69 -11.98 1.80
N THR D 35 -27.85 -12.81 2.82
CA THR D 35 -27.12 -12.62 4.06
C THR D 35 -26.52 -13.95 4.53
N LEU D 36 -25.27 -13.90 4.99
CA LEU D 36 -24.64 -15.07 5.58
C LEU D 36 -24.64 -14.93 7.09
N LYS D 37 -25.09 -15.96 7.79
CA LYS D 37 -25.04 -15.97 9.24
C LYS D 37 -24.10 -17.07 9.71
N ILE D 38 -23.03 -16.68 10.40
CA ILE D 38 -22.07 -17.63 10.92
C ILE D 38 -22.31 -17.85 12.40
N GLU D 39 -22.67 -19.08 12.75
CA GLU D 39 -22.93 -19.45 14.14
C GLU D 39 -21.77 -20.24 14.72
N THR D 40 -21.59 -20.12 16.04
CA THR D 40 -20.48 -20.78 16.71
C THR D 40 -20.96 -21.61 17.89
N ASP D 41 -20.08 -22.48 18.39
CA ASP D 41 -20.43 -23.36 19.51
C ASP D 41 -20.28 -22.63 20.84
N GLN D 42 -20.02 -21.33 20.78
CA GLN D 42 -19.89 -20.52 21.99
C GLN D 42 -21.02 -19.49 22.04
N GLY D 43 -22.10 -19.78 21.32
CA GLY D 43 -23.28 -18.93 21.32
C GLY D 43 -23.25 -17.78 20.34
N VAL D 44 -22.15 -17.03 20.33
CA VAL D 44 -22.04 -15.82 19.52
C VAL D 44 -22.20 -16.10 18.01
N TYR D 45 -22.86 -15.18 17.31
CA TYR D 45 -22.96 -15.27 15.86
C TYR D 45 -22.64 -13.94 15.19
N GLY D 46 -22.30 -14.01 13.91
CA GLY D 46 -22.03 -12.82 13.12
C GLY D 46 -22.77 -12.90 11.80
N ILE D 47 -23.07 -11.76 11.19
CA ILE D 47 -23.68 -11.78 9.87
C ILE D 47 -22.92 -10.91 8.87
N GLY D 48 -23.01 -11.26 7.59
CA GLY D 48 -22.35 -10.48 6.55
C GLY D 48 -23.22 -10.38 5.30
N ASP D 49 -23.12 -9.26 4.59
CA ASP D 49 -23.89 -9.05 3.38
C ASP D 49 -23.24 -9.81 2.23
N ALA D 50 -24.07 -10.45 1.41
CA ALA D 50 -23.58 -11.21 0.25
C ALA D 50 -24.27 -10.78 -1.04
N THR D 51 -24.99 -9.66 -0.99
CA THR D 51 -25.83 -9.25 -2.11
C THR D 51 -25.06 -8.78 -3.34
N LEU D 52 -25.34 -9.43 -4.47
CA LEU D 52 -24.79 -9.02 -5.76
C LEU D 52 -25.97 -8.72 -6.69
N ASN D 53 -26.32 -7.45 -6.84
CA ASN D 53 -27.51 -7.03 -7.56
C ASN D 53 -27.63 -7.59 -8.98
N GLY D 54 -28.72 -8.30 -9.23
CA GLY D 54 -29.01 -8.86 -10.54
C GLY D 54 -28.37 -10.23 -10.82
N ARG D 55 -27.56 -10.70 -9.89
CA ARG D 55 -26.92 -12.01 -10.00
C ARG D 55 -26.90 -12.67 -8.63
N GLU D 56 -27.92 -12.40 -7.81
CA GLU D 56 -27.90 -12.75 -6.39
C GLU D 56 -27.69 -14.22 -6.05
N LEU D 57 -28.31 -15.09 -6.83
CA LEU D 57 -28.38 -16.50 -6.49
C LEU D 57 -27.08 -17.23 -6.84
N SER D 58 -26.23 -16.59 -7.64
CA SER D 58 -24.92 -17.17 -7.94
C SER D 58 -24.07 -17.15 -6.67
N VAL D 59 -24.20 -16.09 -5.87
CA VAL D 59 -23.47 -15.98 -4.62
C VAL D 59 -24.06 -16.92 -3.57
N VAL D 60 -25.39 -17.03 -3.56
CA VAL D 60 -26.05 -17.99 -2.69
C VAL D 60 -25.45 -19.39 -2.88
N ALA D 61 -25.30 -19.80 -4.14
CA ALA D 61 -24.75 -21.12 -4.45
C ALA D 61 -23.28 -21.22 -4.09
N TYR D 62 -22.52 -20.17 -4.39
CA TYR D 62 -21.09 -20.14 -4.08
C TYR D 62 -20.88 -20.39 -2.59
N LEU D 63 -21.68 -19.73 -1.76
CA LEU D 63 -21.59 -19.87 -0.31
C LEU D 63 -22.17 -21.20 0.17
N GLN D 64 -23.42 -21.46 -0.16
CA GLN D 64 -24.15 -22.61 0.37
C GLN D 64 -23.54 -23.94 -0.05
N GLU D 65 -23.15 -24.03 -1.31
CA GLU D 65 -22.74 -25.32 -1.86
C GLU D 65 -21.24 -25.56 -1.76
N HIS D 66 -20.46 -24.50 -1.56
CA HIS D 66 -19.02 -24.66 -1.61
C HIS D 66 -18.27 -24.10 -0.39
N VAL D 67 -18.38 -22.81 -0.15
CA VAL D 67 -17.64 -22.18 0.96
C VAL D 67 -18.11 -22.61 2.35
N ALA D 68 -19.41 -22.50 2.60
CA ALA D 68 -19.96 -22.80 3.93
C ALA D 68 -19.54 -24.17 4.51
N PRO D 69 -19.64 -25.26 3.72
CA PRO D 69 -19.22 -26.55 4.26
C PRO D 69 -17.76 -26.58 4.70
N CYS D 70 -16.91 -25.76 4.07
CA CYS D 70 -15.51 -25.69 4.45
C CYS D 70 -15.30 -24.96 5.79
N LEU D 71 -16.23 -24.07 6.13
CA LEU D 71 -16.08 -23.25 7.34
C LEU D 71 -16.36 -24.04 8.61
N ILE D 72 -17.19 -25.07 8.51
CA ILE D 72 -17.59 -25.83 9.68
C ILE D 72 -16.42 -26.46 10.41
N GLY D 73 -16.32 -26.17 11.70
CA GLY D 73 -15.21 -26.68 12.50
C GLY D 73 -14.00 -25.75 12.55
N MET D 74 -14.00 -24.69 11.74
CA MET D 74 -12.90 -23.71 11.79
C MET D 74 -13.02 -22.78 12.99
N ASP D 75 -11.88 -22.22 13.39
CA ASP D 75 -11.82 -21.24 14.47
C ASP D 75 -12.20 -19.86 13.90
N PRO D 76 -13.36 -19.32 14.30
CA PRO D 76 -13.83 -18.05 13.74
C PRO D 76 -12.99 -16.85 14.16
N ARG D 77 -12.11 -17.02 15.14
CA ARG D 77 -11.24 -15.93 15.59
C ARG D 77 -10.16 -15.61 14.56
N ARG D 78 -9.88 -16.59 13.71
CA ARG D 78 -8.81 -16.49 12.73
C ARG D 78 -9.32 -15.83 11.45
N ILE D 79 -9.64 -14.54 11.54
CA ILE D 79 -10.24 -13.82 10.43
C ILE D 79 -9.33 -13.80 9.21
N GLU D 80 -8.07 -13.42 9.43
CA GLU D 80 -7.10 -13.35 8.34
C GLU D 80 -6.91 -14.70 7.66
N ASP D 81 -6.74 -15.75 8.47
CA ASP D 81 -6.48 -17.07 7.93
C ASP D 81 -7.64 -17.54 7.05
N ILE D 82 -8.85 -17.32 7.55
CA ILE D 82 -10.06 -17.70 6.82
C ILE D 82 -10.18 -16.89 5.52
N TRP D 83 -9.91 -15.58 5.60
CA TRP D 83 -9.89 -14.75 4.39
C TRP D 83 -8.95 -15.35 3.36
N GLN D 84 -7.73 -15.68 3.79
CA GLN D 84 -6.74 -16.24 2.89
C GLN D 84 -7.16 -17.61 2.36
N TYR D 85 -7.79 -18.39 3.23
CA TYR D 85 -8.26 -19.72 2.86
C TYR D 85 -9.32 -19.65 1.75
N VAL D 86 -10.29 -18.76 1.89
CA VAL D 86 -11.33 -18.62 0.88
C VAL D 86 -10.81 -17.91 -0.37
N TYR D 87 -9.90 -16.96 -0.19
CA TYR D 87 -9.38 -16.23 -1.35
C TYR D 87 -8.39 -17.07 -2.16
N ARG D 88 -7.38 -17.60 -1.48
CA ARG D 88 -6.37 -18.38 -2.17
C ARG D 88 -6.92 -19.76 -2.54
N GLY D 89 -7.67 -20.34 -1.61
CA GLY D 89 -8.17 -21.70 -1.77
C GLY D 89 -9.18 -21.90 -2.89
N ALA D 90 -9.84 -20.81 -3.29
CA ALA D 90 -10.78 -20.85 -4.40
C ALA D 90 -10.10 -21.32 -5.68
N TYR D 91 -8.78 -21.07 -5.73
CA TYR D 91 -7.92 -21.36 -6.88
C TYR D 91 -8.15 -20.41 -8.05
N TRP D 92 -9.41 -20.29 -8.47
CA TRP D 92 -9.81 -19.27 -9.45
C TRP D 92 -10.06 -18.00 -8.63
N ARG D 93 -9.21 -16.99 -8.79
CA ARG D 93 -9.20 -15.83 -7.88
C ARG D 93 -9.91 -14.59 -8.42
N ARG D 94 -10.35 -13.73 -7.49
CA ARG D 94 -11.01 -12.46 -7.79
C ARG D 94 -12.43 -12.69 -8.33
N GLY D 95 -13.11 -11.61 -8.70
CA GLY D 95 -14.40 -11.75 -9.35
C GLY D 95 -15.56 -11.33 -8.48
N PRO D 96 -16.65 -10.87 -9.12
CA PRO D 96 -17.79 -10.31 -8.38
C PRO D 96 -18.46 -11.33 -7.47
N VAL D 97 -18.65 -12.56 -7.94
CA VAL D 97 -19.31 -13.58 -7.15
C VAL D 97 -18.38 -14.06 -6.04
N THR D 98 -17.16 -14.43 -6.43
CA THR D 98 -16.13 -14.85 -5.48
C THR D 98 -15.92 -13.87 -4.31
N MET D 99 -15.76 -12.58 -4.61
CA MET D 99 -15.44 -11.62 -3.57
C MET D 99 -16.66 -11.23 -2.73
N ARG D 100 -17.85 -11.39 -3.31
CA ARG D 100 -19.08 -11.16 -2.58
C ARG D 100 -19.18 -12.23 -1.49
N ALA D 101 -18.83 -13.45 -1.84
CA ALA D 101 -18.86 -14.57 -0.91
C ALA D 101 -17.83 -14.35 0.21
N ILE D 102 -16.63 -13.95 -0.18
CA ILE D 102 -15.58 -13.66 0.78
C ILE D 102 -15.92 -12.50 1.71
N ALA D 103 -16.48 -11.42 1.14
CA ALA D 103 -16.92 -10.28 1.95
C ALA D 103 -17.94 -10.67 3.01
N ALA D 104 -18.88 -11.54 2.65
CA ALA D 104 -19.92 -11.97 3.58
C ALA D 104 -19.31 -12.69 4.77
N VAL D 105 -18.38 -13.59 4.49
CA VAL D 105 -17.67 -14.31 5.55
C VAL D 105 -16.87 -13.35 6.42
N ASP D 106 -16.11 -12.47 5.78
CA ASP D 106 -15.28 -11.53 6.51
C ASP D 106 -16.12 -10.60 7.40
N MET D 107 -17.23 -10.09 6.87
CA MET D 107 -18.11 -9.24 7.68
C MET D 107 -18.63 -9.99 8.91
N ALA D 108 -19.05 -11.23 8.71
CA ALA D 108 -19.60 -12.04 9.78
C ALA D 108 -18.55 -12.35 10.85
N LEU D 109 -17.31 -12.56 10.44
CA LEU D 109 -16.25 -12.85 11.41
C LEU D 109 -15.83 -11.60 12.19
N TRP D 110 -15.80 -10.44 11.52
CA TRP D 110 -15.48 -9.20 12.21
C TRP D 110 -16.58 -8.85 13.21
N ASP D 111 -17.81 -9.18 12.84
CA ASP D 111 -18.99 -9.03 13.70
C ASP D 111 -18.80 -9.86 14.96
N ILE D 112 -18.50 -11.15 14.79
CA ILE D 112 -18.17 -12.03 15.91
C ILE D 112 -17.02 -11.51 16.79
N LYS D 113 -15.92 -11.11 16.16
CA LYS D 113 -14.77 -10.62 16.92
C LYS D 113 -15.13 -9.38 17.73
N ALA D 114 -15.86 -8.45 17.13
CA ALA D 114 -16.26 -7.24 17.83
C ALA D 114 -17.20 -7.57 19.00
N LYS D 115 -18.10 -8.54 18.80
CA LYS D 115 -19.00 -8.93 19.87
C LYS D 115 -18.24 -9.55 21.03
N MET D 116 -17.25 -10.37 20.71
CA MET D 116 -16.42 -11.03 21.71
C MET D 116 -15.55 -10.03 22.46
N ALA D 117 -15.13 -8.96 21.76
CA ALA D 117 -14.37 -7.89 22.38
C ALA D 117 -15.26 -6.94 23.20
N GLY D 118 -16.57 -7.05 23.02
CA GLY D 118 -17.50 -6.16 23.70
C GLY D 118 -17.38 -4.72 23.22
N MET D 119 -17.06 -4.56 21.94
CA MET D 119 -16.80 -3.25 21.37
C MET D 119 -17.48 -3.10 20.02
N PRO D 120 -17.93 -1.87 19.71
CA PRO D 120 -18.33 -1.60 18.34
C PRO D 120 -17.13 -1.83 17.42
N LEU D 121 -17.39 -2.32 16.21
CA LEU D 121 -16.32 -2.68 15.27
C LEU D 121 -15.24 -1.62 15.00
N TYR D 122 -15.63 -0.34 14.90
CA TYR D 122 -14.66 0.69 14.57
C TYR D 122 -13.52 0.74 15.61
N GLN D 123 -13.83 0.38 16.86
CA GLN D 123 -12.81 0.38 17.91
C GLN D 123 -11.69 -0.62 17.62
N LEU D 124 -12.04 -1.78 17.09
CA LEU D 124 -11.05 -2.81 16.76
C LEU D 124 -10.18 -2.41 15.58
N LEU D 125 -10.74 -1.58 14.69
CA LEU D 125 -10.02 -1.15 13.51
C LEU D 125 -8.96 -0.10 13.83
N GLY D 126 -9.03 0.47 15.02
CA GLY D 126 -8.12 1.54 15.40
C GLY D 126 -8.81 2.73 16.03
N GLY D 127 -10.10 2.60 16.27
CA GLY D 127 -10.84 3.64 16.98
C GLY D 127 -11.33 4.76 16.07
N ARG D 128 -11.97 5.74 16.69
CA ARG D 128 -12.69 6.79 16.00
C ARG D 128 -11.77 7.90 15.49
N SER D 129 -11.91 8.25 14.21
CA SER D 129 -11.14 9.35 13.61
C SER D 129 -12.03 10.59 13.37
N ARG D 130 -13.33 10.39 13.41
CA ARG D 130 -14.28 11.47 13.15
C ARG D 130 -15.61 11.22 13.84
N ASP D 131 -16.46 12.24 13.86
N ASP D 131 -16.44 12.26 13.87
CA ASP D 131 -17.77 12.09 14.47
CA ASP D 131 -17.76 12.15 14.47
C ASP D 131 -18.79 11.57 13.46
C ASP D 131 -18.76 11.60 13.46
N GLY D 132 -19.35 12.48 12.66
CA GLY D 132 -20.30 12.08 11.63
C GLY D 132 -19.63 11.73 10.32
N ILE D 133 -20.36 11.03 9.47
CA ILE D 133 -19.88 10.57 8.18
C ILE D 133 -20.59 11.36 7.10
N MET D 134 -19.86 12.21 6.38
CA MET D 134 -20.51 13.01 5.34
C MET D 134 -21.07 12.10 4.25
N VAL D 135 -22.32 12.33 3.85
CA VAL D 135 -22.92 11.58 2.76
C VAL D 135 -23.32 12.48 1.60
N TYR D 136 -23.62 11.85 0.47
CA TYR D 136 -24.34 12.55 -0.58
C TYR D 136 -25.64 11.83 -0.88
N GLY D 137 -26.63 12.59 -1.33
CA GLY D 137 -27.89 12.04 -1.78
C GLY D 137 -28.02 12.15 -3.29
N HIS D 138 -29.13 11.66 -3.83
CA HIS D 138 -29.30 11.55 -5.28
C HIS D 138 -30.38 12.48 -5.80
N ALA D 139 -29.97 13.61 -6.37
CA ALA D 139 -30.91 14.50 -7.04
C ALA D 139 -31.03 14.09 -8.50
N ASN D 140 -32.18 13.55 -8.86
CA ASN D 140 -32.45 13.09 -10.21
C ASN D 140 -33.58 13.89 -10.86
N GLY D 141 -33.49 14.08 -12.17
CA GLY D 141 -34.53 14.80 -12.90
C GLY D 141 -34.52 14.39 -14.37
N SER D 142 -35.64 14.54 -15.05
CA SER D 142 -35.70 14.14 -16.45
C SER D 142 -35.04 15.20 -17.32
N ASP D 143 -34.97 16.42 -16.81
CA ASP D 143 -34.25 17.48 -17.49
C ASP D 143 -33.55 18.38 -16.49
N ILE D 144 -32.84 19.39 -16.98
CA ILE D 144 -32.07 20.26 -16.10
C ILE D 144 -32.97 20.94 -15.08
N ALA D 145 -34.11 21.46 -15.54
CA ALA D 145 -35.02 22.18 -14.65
C ALA D 145 -35.44 21.33 -13.46
N GLU D 146 -35.80 20.07 -13.72
CA GLU D 146 -36.21 19.15 -12.66
C GLU D 146 -35.05 18.76 -11.75
N THR D 147 -33.89 18.52 -12.33
CA THR D 147 -32.72 18.18 -11.53
C THR D 147 -32.34 19.34 -10.61
N VAL D 148 -32.42 20.57 -11.13
CA VAL D 148 -32.10 21.74 -10.31
C VAL D 148 -33.04 21.83 -9.12
N GLU D 149 -34.33 21.57 -9.35
CA GLU D 149 -35.31 21.54 -8.27
C GLU D 149 -34.96 20.46 -7.24
N ALA D 150 -34.53 19.30 -7.71
CA ALA D 150 -34.20 18.17 -6.84
C ALA D 150 -32.98 18.44 -5.97
N VAL D 151 -31.97 19.09 -6.54
CA VAL D 151 -30.79 19.46 -5.77
C VAL D 151 -31.21 20.37 -4.61
N GLY D 152 -32.08 21.34 -4.92
CA GLY D 152 -32.58 22.28 -3.92
C GLY D 152 -33.31 21.59 -2.78
N HIS D 153 -34.05 20.53 -3.11
CA HIS D 153 -34.71 19.72 -2.10
C HIS D 153 -33.69 19.08 -1.14
N TYR D 154 -32.63 18.49 -1.69
CA TYR D 154 -31.59 17.90 -0.85
C TYR D 154 -30.85 18.95 -0.03
N ILE D 155 -30.62 20.12 -0.62
CA ILE D 155 -30.02 21.24 0.10
C ILE D 155 -30.91 21.58 1.29
N ASP D 156 -32.23 21.65 1.06
CA ASP D 156 -33.17 21.97 2.13
C ASP D 156 -33.26 20.89 3.21
N MET D 157 -32.85 19.67 2.88
CA MET D 157 -32.83 18.59 3.87
C MET D 157 -31.54 18.59 4.67
N GLY D 158 -30.67 19.55 4.42
CA GLY D 158 -29.42 19.65 5.17
C GLY D 158 -28.25 18.85 4.60
N TYR D 159 -28.39 18.36 3.37
CA TYR D 159 -27.27 17.66 2.72
C TYR D 159 -26.15 18.63 2.36
N LYS D 160 -24.91 18.20 2.59
CA LYS D 160 -23.74 19.02 2.29
C LYS D 160 -23.25 18.71 0.89
N ALA D 161 -23.64 17.55 0.39
CA ALA D 161 -23.12 17.04 -0.87
C ALA D 161 -24.26 16.38 -1.62
N ILE D 162 -24.36 16.64 -2.92
CA ILE D 162 -25.48 16.13 -3.71
C ILE D 162 -24.99 15.69 -5.08
N ARG D 163 -25.35 14.47 -5.45
CA ARG D 163 -25.09 14.02 -6.81
C ARG D 163 -26.24 14.48 -7.71
N ALA D 164 -25.88 15.07 -8.84
CA ALA D 164 -26.89 15.58 -9.75
C ALA D 164 -26.85 14.81 -11.06
N GLN D 165 -27.97 14.16 -11.42
CA GLN D 165 -28.07 13.43 -12.67
C GLN D 165 -29.31 13.88 -13.42
N THR D 166 -29.15 14.18 -14.71
CA THR D 166 -30.28 14.61 -15.52
C THR D 166 -30.46 13.66 -16.70
N GLY D 167 -31.72 13.46 -17.06
CA GLY D 167 -32.02 12.83 -18.33
C GLY D 167 -31.55 13.78 -19.41
N VAL D 168 -31.33 13.24 -20.60
CA VAL D 168 -30.90 14.05 -21.72
C VAL D 168 -32.00 14.00 -22.78
N PRO D 169 -32.52 15.18 -23.18
CA PRO D 169 -33.57 15.21 -24.20
C PRO D 169 -33.08 14.65 -25.53
N GLY D 170 -33.91 13.83 -26.18
CA GLY D 170 -33.50 13.19 -27.42
C GLY D 170 -32.82 11.85 -27.23
N ILE D 171 -32.56 11.48 -25.98
CA ILE D 171 -31.98 10.16 -25.69
C ILE D 171 -33.07 9.20 -25.19
N LEU D 191 -36.92 -8.96 -16.21
CA LEU D 191 -35.96 -8.86 -17.32
C LEU D 191 -35.34 -7.47 -17.41
N PRO D 192 -34.08 -7.38 -17.89
CA PRO D 192 -33.42 -6.08 -17.95
C PRO D 192 -34.09 -5.13 -18.93
N SER D 193 -34.39 -3.90 -18.49
CA SER D 193 -34.90 -2.88 -19.39
C SER D 193 -33.77 -2.37 -20.29
N VAL D 194 -34.12 -1.91 -21.48
CA VAL D 194 -33.10 -1.45 -22.42
C VAL D 194 -33.17 0.06 -22.60
N THR D 195 -32.08 0.74 -22.23
CA THR D 195 -32.02 2.20 -22.35
C THR D 195 -31.17 2.63 -23.53
N GLY D 196 -31.41 3.85 -24.01
CA GLY D 196 -30.64 4.40 -25.11
C GLY D 196 -29.60 5.37 -24.60
N TRP D 197 -28.59 5.65 -25.42
CA TRP D 197 -27.55 6.61 -25.07
C TRP D 197 -26.94 7.25 -26.31
N ASP D 198 -26.54 8.51 -26.19
CA ASP D 198 -25.77 9.17 -27.22
C ASP D 198 -24.80 10.14 -26.56
N THR D 199 -23.51 9.95 -26.84
CA THR D 199 -22.52 10.74 -26.14
C THR D 199 -22.52 12.21 -26.54
N ARG D 200 -22.66 12.47 -27.83
CA ARG D 200 -22.68 13.86 -28.30
C ARG D 200 -23.83 14.61 -27.67
N LYS D 201 -25.00 14.01 -27.61
CA LYS D 201 -26.14 14.67 -26.99
C LYS D 201 -25.84 14.99 -25.53
N ALA D 202 -25.21 14.04 -24.83
CA ALA D 202 -24.82 14.24 -23.44
C ALA D 202 -23.78 15.34 -23.25
N LEU D 203 -22.72 15.32 -24.08
CA LEU D 203 -21.65 16.29 -23.93
C LEU D 203 -22.15 17.71 -24.12
N ASN D 204 -23.19 17.85 -24.92
CA ASN D 204 -23.79 19.15 -25.20
C ASN D 204 -24.70 19.64 -24.07
N TYR D 205 -25.08 18.74 -23.16
CA TYR D 205 -26.17 19.02 -22.21
C TYR D 205 -25.71 19.00 -20.76
N VAL D 206 -24.94 17.97 -20.39
CA VAL D 206 -24.50 17.79 -19.01
C VAL D 206 -23.75 18.99 -18.41
N PRO D 207 -22.84 19.63 -19.17
CA PRO D 207 -22.19 20.79 -18.55
C PRO D 207 -23.19 21.91 -18.23
N LYS D 208 -24.27 22.01 -18.99
CA LYS D 208 -25.25 23.06 -18.71
C LYS D 208 -25.99 22.82 -17.40
N LEU D 209 -26.09 21.56 -16.99
CA LEU D 209 -26.71 21.24 -15.71
C LEU D 209 -25.91 21.87 -14.57
N PHE D 210 -24.60 21.71 -14.63
CA PHE D 210 -23.74 22.19 -13.53
C PHE D 210 -23.57 23.70 -13.59
N GLU D 211 -23.65 24.25 -14.79
CA GLU D 211 -23.72 25.70 -14.94
C GLU D 211 -24.94 26.24 -14.22
N GLU D 212 -26.09 25.62 -14.47
CA GLU D 212 -27.33 26.06 -13.86
C GLU D 212 -27.32 25.89 -12.36
N LEU D 213 -26.73 24.79 -11.90
CA LEU D 213 -26.64 24.53 -10.47
C LEU D 213 -25.82 25.58 -9.72
N ARG D 214 -24.66 25.94 -10.26
CA ARG D 214 -23.84 26.97 -9.64
C ARG D 214 -24.49 28.36 -9.75
N LYS D 215 -25.15 28.64 -10.87
CA LYS D 215 -25.84 29.94 -10.94
C LYS D 215 -26.99 30.04 -9.94
N THR D 216 -27.63 28.90 -9.68
CA THR D 216 -28.79 28.88 -8.78
C THR D 216 -28.44 28.76 -7.30
N TYR D 217 -27.43 27.95 -6.98
CA TYR D 217 -27.15 27.64 -5.58
C TYR D 217 -25.77 28.10 -5.09
N GLY D 218 -24.96 28.64 -5.99
CA GLY D 218 -23.62 29.06 -5.62
C GLY D 218 -22.68 27.89 -5.44
N PHE D 219 -21.54 28.14 -4.78
CA PHE D 219 -20.45 27.16 -4.75
C PHE D 219 -20.20 26.55 -3.38
N ASP D 220 -21.11 26.78 -2.43
CA ASP D 220 -20.96 26.23 -1.07
C ASP D 220 -21.13 24.72 -1.00
N HIS D 221 -21.99 24.16 -1.83
CA HIS D 221 -22.31 22.74 -1.73
C HIS D 221 -21.40 21.87 -2.60
N HIS D 222 -21.07 20.68 -2.11
CA HIS D 222 -20.33 19.71 -2.91
C HIS D 222 -21.27 19.14 -3.97
N LEU D 223 -20.86 19.17 -5.24
CA LEU D 223 -21.70 18.63 -6.31
C LEU D 223 -20.98 17.49 -7.02
N LEU D 224 -21.69 16.38 -7.18
CA LEU D 224 -21.11 15.17 -7.76
C LEU D 224 -21.84 14.79 -9.03
N HIS D 225 -21.15 14.06 -9.89
CA HIS D 225 -21.78 13.52 -11.08
C HIS D 225 -21.24 12.14 -11.39
N ASP D 226 -22.13 11.23 -11.78
CA ASP D 226 -21.76 9.86 -12.11
C ASP D 226 -21.86 9.72 -13.62
N GLY D 227 -20.71 9.54 -14.26
CA GLY D 227 -20.65 9.39 -15.70
C GLY D 227 -21.12 8.03 -16.16
N HIS D 228 -21.19 7.09 -15.21
CA HIS D 228 -21.78 5.77 -15.44
C HIS D 228 -21.26 5.03 -16.67
N HIS D 229 -19.94 5.11 -16.85
CA HIS D 229 -19.19 4.29 -17.80
C HIS D 229 -19.45 4.65 -19.25
N ARG D 230 -20.02 5.82 -19.53
CA ARG D 230 -20.53 6.08 -20.87
C ARG D 230 -19.54 6.62 -21.89
N TYR D 231 -18.44 7.21 -21.39
CA TYR D 231 -17.51 7.96 -22.23
C TYR D 231 -16.22 7.18 -22.51
N THR D 232 -15.59 7.48 -23.66
CA THR D 232 -14.19 7.11 -23.88
C THR D 232 -13.30 8.00 -23.02
N PRO D 233 -12.01 7.65 -22.86
CA PRO D 233 -11.09 8.51 -22.11
C PRO D 233 -11.03 9.94 -22.68
N GLN D 234 -10.95 10.07 -23.99
CA GLN D 234 -10.89 11.41 -24.58
C GLN D 234 -12.18 12.19 -24.30
N GLU D 235 -13.32 11.53 -24.43
CA GLU D 235 -14.60 12.19 -24.15
C GLU D 235 -14.71 12.59 -22.68
N ALA D 236 -14.18 11.74 -21.80
CA ALA D 236 -14.18 12.05 -20.36
C ALA D 236 -13.29 13.24 -20.06
N ALA D 237 -12.18 13.35 -20.78
CA ALA D 237 -11.27 14.48 -20.65
C ALA D 237 -11.98 15.75 -21.08
N ASN D 238 -12.66 15.66 -22.23
CA ASN D 238 -13.52 16.73 -22.75
C ASN D 238 -14.57 17.17 -21.73
N LEU D 239 -15.36 16.21 -21.25
CA LEU D 239 -16.38 16.50 -20.25
C LEU D 239 -15.80 17.10 -18.97
N GLY D 240 -14.70 16.52 -18.48
CA GLY D 240 -14.03 17.02 -17.29
C GLY D 240 -13.63 18.48 -17.42
N LYS D 241 -12.97 18.82 -18.52
CA LYS D 241 -12.58 20.21 -18.78
C LYS D 241 -13.80 21.14 -18.79
N MET D 242 -14.86 20.71 -19.47
CA MET D 242 -16.07 21.52 -19.54
C MET D 242 -16.72 21.73 -18.15
N LEU D 243 -16.45 20.83 -17.21
CA LEU D 243 -17.01 20.90 -15.85
C LEU D 243 -16.15 21.69 -14.86
N GLU D 244 -14.89 21.95 -15.22
CA GLU D 244 -13.97 22.72 -14.37
C GLU D 244 -14.51 24.03 -13.77
N PRO D 245 -15.23 24.85 -14.57
CA PRO D 245 -15.71 26.11 -13.99
C PRO D 245 -16.67 25.89 -12.84
N TYR D 246 -17.23 24.69 -12.73
CA TYR D 246 -18.28 24.44 -11.76
C TYR D 246 -17.81 23.71 -10.51
N GLN D 247 -16.51 23.44 -10.44
CA GLN D 247 -15.86 22.95 -9.23
C GLN D 247 -16.57 21.73 -8.63
N LEU D 248 -16.62 20.64 -9.39
CA LEU D 248 -17.29 19.43 -8.89
C LEU D 248 -16.47 18.75 -7.80
N PHE D 249 -17.17 18.05 -6.92
CA PHE D 249 -16.56 17.20 -5.90
C PHE D 249 -15.96 15.97 -6.58
N TRP D 250 -16.70 15.39 -7.52
CA TRP D 250 -16.14 14.37 -8.39
C TRP D 250 -16.93 14.14 -9.67
N LEU D 251 -16.21 13.63 -10.67
CA LEU D 251 -16.81 13.00 -11.84
C LEU D 251 -16.47 11.53 -11.67
N GLU D 252 -17.51 10.70 -11.64
CA GLU D 252 -17.39 9.30 -11.24
C GLU D 252 -17.55 8.33 -12.42
N ASP D 253 -16.78 7.25 -12.39
CA ASP D 253 -16.87 6.19 -13.40
C ASP D 253 -16.95 6.72 -14.83
N CYS D 254 -16.07 7.64 -15.19
CA CYS D 254 -16.25 8.36 -16.45
C CYS D 254 -16.10 7.47 -17.67
N THR D 255 -15.27 6.45 -17.55
CA THR D 255 -14.95 5.54 -18.64
C THR D 255 -14.71 4.15 -18.04
N PRO D 256 -15.06 3.08 -18.78
CA PRO D 256 -14.79 1.71 -18.31
C PRO D 256 -13.34 1.54 -17.88
N ALA D 257 -13.12 0.84 -16.79
CA ALA D 257 -11.81 0.82 -16.16
C ALA D 257 -11.16 -0.56 -16.00
N GLU D 258 -11.61 -1.55 -16.76
CA GLU D 258 -10.92 -2.85 -16.76
C GLU D 258 -9.48 -2.67 -17.20
N ASN D 259 -9.27 -1.75 -18.13
CA ASN D 259 -7.93 -1.27 -18.47
C ASN D 259 -7.62 -0.11 -17.56
N GLN D 260 -6.73 -0.32 -16.59
CA GLN D 260 -6.42 0.75 -15.63
C GLN D 260 -5.69 1.94 -16.26
N GLU D 261 -5.25 1.78 -17.51
CA GLU D 261 -4.67 2.91 -18.24
C GLU D 261 -5.75 3.80 -18.81
N ALA D 262 -7.02 3.40 -18.69
CA ALA D 262 -8.09 4.19 -19.30
C ALA D 262 -8.21 5.60 -18.73
N PHE D 263 -7.80 5.78 -17.49
CA PHE D 263 -7.95 7.10 -16.85
C PHE D 263 -6.78 8.02 -17.15
N ARG D 264 -5.76 7.54 -17.84
CA ARG D 264 -4.56 8.37 -18.03
C ARG D 264 -4.83 9.66 -18.80
N LEU D 265 -5.50 9.56 -19.94
CA LEU D 265 -5.81 10.74 -20.74
CA LEU D 265 -5.84 10.73 -20.75
C LEU D 265 -6.72 11.70 -20.00
N VAL D 266 -7.64 11.15 -19.21
CA VAL D 266 -8.57 11.98 -18.45
C VAL D 266 -7.77 12.80 -17.45
N ARG D 267 -6.90 12.15 -16.69
CA ARG D 267 -6.16 12.80 -15.64
C ARG D 267 -5.18 13.83 -16.20
N GLN D 268 -4.64 13.54 -17.36
CA GLN D 268 -3.70 14.45 -18.02
C GLN D 268 -4.36 15.78 -18.40
N HIS D 269 -5.65 15.73 -18.71
CA HIS D 269 -6.32 16.87 -19.32
C HIS D 269 -7.26 17.69 -18.43
N THR D 270 -7.64 17.17 -17.27
CA THR D 270 -8.58 17.91 -16.41
C THR D 270 -8.20 17.87 -14.95
N VAL D 271 -8.57 18.93 -14.22
CA VAL D 271 -8.41 18.97 -12.78
C VAL D 271 -9.75 18.74 -12.07
N THR D 272 -10.77 18.37 -12.82
CA THR D 272 -12.01 17.92 -12.19
C THR D 272 -11.67 16.63 -11.44
N PRO D 273 -12.08 16.52 -10.16
CA PRO D 273 -11.68 15.33 -9.41
C PRO D 273 -12.34 14.07 -9.97
N LEU D 274 -11.64 12.93 -9.91
CA LEU D 274 -12.12 11.69 -10.50
C LEU D 274 -12.37 10.64 -9.43
N ALA D 275 -13.43 9.88 -9.60
CA ALA D 275 -13.76 8.78 -8.70
C ALA D 275 -14.05 7.53 -9.52
N VAL D 276 -13.72 6.36 -8.96
CA VAL D 276 -14.03 5.10 -9.63
C VAL D 276 -14.04 3.95 -8.64
N GLY D 277 -14.79 2.89 -8.95
CA GLY D 277 -14.52 1.60 -8.34
C GLY D 277 -15.65 0.87 -7.64
N GLU D 278 -16.88 1.32 -7.79
CA GLU D 278 -18.00 0.63 -7.15
C GLU D 278 -18.07 -0.82 -7.60
N ILE D 279 -17.66 -1.08 -8.84
CA ILE D 279 -17.76 -2.46 -9.37
C ILE D 279 -16.47 -3.25 -9.19
N PHE D 280 -15.47 -2.64 -8.56
CA PHE D 280 -14.21 -3.35 -8.31
C PHE D 280 -14.41 -4.39 -7.23
N ASN D 281 -13.59 -5.44 -7.24
CA ASN D 281 -13.72 -6.46 -6.19
C ASN D 281 -12.41 -6.85 -5.50
N THR D 282 -11.28 -6.39 -6.02
CA THR D 282 -10.01 -6.55 -5.30
C THR D 282 -9.12 -5.34 -5.51
N ILE D 283 -8.07 -5.27 -4.70
CA ILE D 283 -7.06 -4.22 -4.81
C ILE D 283 -6.39 -4.28 -6.19
N TRP D 284 -6.40 -5.44 -6.81
CA TRP D 284 -5.79 -5.62 -8.11
C TRP D 284 -6.51 -4.86 -9.23
N ASP D 285 -7.78 -4.50 -9.00
CA ASP D 285 -8.51 -3.67 -9.95
C ASP D 285 -8.13 -2.20 -9.88
N ALA D 286 -7.46 -1.83 -8.79
CA ALA D 286 -7.28 -0.41 -8.49
C ALA D 286 -5.83 0.02 -8.30
N LYS D 287 -4.93 -0.94 -8.14
CA LYS D 287 -3.55 -0.61 -7.78
C LYS D 287 -2.88 0.41 -8.71
N ASP D 288 -3.10 0.28 -10.02
CA ASP D 288 -2.48 1.22 -10.97
C ASP D 288 -3.20 2.57 -11.03
N LEU D 289 -4.52 2.56 -10.97
CA LEU D 289 -5.29 3.81 -10.89
C LEU D 289 -4.83 4.63 -9.70
N ILE D 290 -4.50 3.95 -8.61
CA ILE D 290 -4.04 4.62 -7.41
C ILE D 290 -2.57 5.02 -7.51
N GLN D 291 -1.68 4.09 -7.82
CA GLN D 291 -0.25 4.42 -7.80
C GLN D 291 0.17 5.41 -8.88
N ASN D 292 -0.58 5.43 -9.98
CA ASN D 292 -0.31 6.37 -11.06
C ASN D 292 -1.07 7.68 -10.85
N GLN D 293 -1.76 7.78 -9.71
CA GLN D 293 -2.45 9.00 -9.29
C GLN D 293 -3.45 9.43 -10.34
N LEU D 294 -4.31 8.50 -10.74
CA LEU D 294 -5.31 8.78 -11.76
C LEU D 294 -6.69 9.07 -11.18
N ILE D 295 -6.86 8.87 -9.86
CA ILE D 295 -8.14 9.12 -9.19
C ILE D 295 -7.96 9.80 -7.86
N ASP D 296 -9.03 10.47 -7.42
CA ASP D 296 -9.06 11.14 -6.14
C ASP D 296 -9.83 10.37 -5.08
N TYR D 297 -10.81 9.61 -5.53
CA TYR D 297 -11.64 8.82 -4.63
C TYR D 297 -11.77 7.40 -5.15
N ILE D 298 -11.56 6.45 -4.25
CA ILE D 298 -11.75 5.04 -4.56
C ILE D 298 -13.10 4.57 -3.99
N ARG D 299 -13.93 3.97 -4.84
CA ARG D 299 -15.34 3.77 -4.53
C ARG D 299 -15.68 2.35 -4.08
N ALA D 300 -14.66 1.51 -3.96
CA ALA D 300 -14.85 0.11 -3.57
C ALA D 300 -15.56 0.02 -2.22
N THR D 301 -16.31 -1.06 -2.01
CA THR D 301 -17.13 -1.20 -0.82
C THR D 301 -16.78 -2.45 -0.02
N VAL D 302 -17.30 -2.52 1.21
CA VAL D 302 -17.05 -3.66 2.08
C VAL D 302 -17.57 -4.95 1.45
N VAL D 303 -18.74 -4.88 0.82
CA VAL D 303 -19.33 -6.08 0.19
C VAL D 303 -18.75 -6.38 -1.18
N GLY D 304 -18.38 -5.34 -1.93
CA GLY D 304 -17.88 -5.53 -3.28
C GLY D 304 -16.47 -6.09 -3.31
N ALA D 305 -15.66 -5.70 -2.33
CA ALA D 305 -14.22 -5.94 -2.41
C ALA D 305 -13.65 -6.70 -1.21
N GLY D 306 -14.39 -7.70 -0.75
CA GLY D 306 -13.80 -8.69 0.14
C GLY D 306 -13.73 -8.35 1.61
N GLY D 307 -14.64 -7.50 2.07
CA GLY D 307 -14.78 -7.27 3.51
C GLY D 307 -13.91 -6.17 4.07
N LEU D 308 -13.95 -6.03 5.39
CA LEU D 308 -13.08 -5.08 6.10
C LEU D 308 -11.61 -5.44 5.88
N THR D 309 -11.31 -6.72 5.95
CA THR D 309 -9.93 -7.19 5.78
C THR D 309 -9.30 -6.66 4.49
N HIS D 310 -10.01 -6.77 3.38
CA HIS D 310 -9.46 -6.35 2.10
C HIS D 310 -9.65 -4.85 1.83
N LEU D 311 -10.80 -4.31 2.21
CA LEU D 311 -11.07 -2.89 1.96
C LEU D 311 -10.04 -2.01 2.67
N ARG D 312 -9.61 -2.43 3.85
CA ARG D 312 -8.60 -1.71 4.63
C ARG D 312 -7.28 -1.59 3.84
N ARG D 313 -6.96 -2.64 3.10
CA ARG D 313 -5.76 -2.68 2.27
CA ARG D 313 -5.75 -2.67 2.29
C ARG D 313 -5.86 -1.71 1.09
N ILE D 314 -7.03 -1.68 0.47
CA ILE D 314 -7.29 -0.73 -0.61
C ILE D 314 -7.18 0.71 -0.08
N ALA D 315 -7.83 1.00 1.05
CA ALA D 315 -7.80 2.34 1.64
C ALA D 315 -6.39 2.78 2.00
N ASP D 316 -5.60 1.85 2.55
CA ASP D 316 -4.23 2.19 2.95
CA ASP D 316 -4.23 2.16 2.94
C ASP D 316 -3.36 2.49 1.72
N LEU D 317 -3.52 1.73 0.65
CA LEU D 317 -2.74 1.98 -0.54
C LEU D 317 -3.13 3.35 -1.08
N ALA D 318 -4.43 3.62 -1.08
CA ALA D 318 -4.97 4.91 -1.51
C ALA D 318 -4.33 6.04 -0.72
N SER D 319 -4.22 5.87 0.60
CA SER D 319 -3.72 6.94 1.45
CA SER D 319 -3.70 6.92 1.49
C SER D 319 -2.31 7.40 1.10
N LEU D 320 -1.48 6.48 0.59
CA LEU D 320 -0.11 6.81 0.22
C LEU D 320 -0.05 7.93 -0.80
N TYR D 321 -1.09 8.01 -1.63
CA TYR D 321 -1.16 9.01 -2.70
C TYR D 321 -2.26 10.05 -2.45
N GLN D 322 -2.70 10.14 -1.21
CA GLN D 322 -3.74 11.08 -0.80
C GLN D 322 -5.08 10.85 -1.49
N VAL D 323 -5.26 9.63 -2.01
CA VAL D 323 -6.54 9.20 -2.53
C VAL D 323 -7.44 8.90 -1.33
N ARG D 324 -8.72 9.28 -1.42
CA ARG D 324 -9.63 9.16 -0.30
C ARG D 324 -10.72 8.11 -0.57
N THR D 325 -11.37 7.65 0.48
CA THR D 325 -12.48 6.70 0.30
C THR D 325 -13.77 7.40 -0.09
N GLY D 326 -14.50 6.79 -1.02
CA GLY D 326 -15.80 7.29 -1.42
C GLY D 326 -16.72 6.12 -1.65
N CYS D 327 -16.89 5.30 -0.62
CA CYS D 327 -17.67 4.06 -0.72
C CYS D 327 -19.04 4.23 -1.37
N HIS D 328 -19.26 3.43 -2.40
CA HIS D 328 -20.55 3.26 -3.06
C HIS D 328 -21.55 2.75 -2.04
N GLY D 329 -22.81 3.14 -2.20
CA GLY D 329 -23.80 2.86 -1.17
C GLY D 329 -25.25 3.01 -1.60
N PRO D 330 -25.63 2.27 -2.65
CA PRO D 330 -27.01 2.26 -3.12
C PRO D 330 -27.83 1.32 -2.25
N THR D 331 -29.12 1.21 -2.56
CA THR D 331 -29.97 0.32 -1.77
C THR D 331 -29.60 -1.15 -1.93
N ASP D 332 -28.87 -1.50 -2.99
CA ASP D 332 -28.57 -2.93 -3.22
C ASP D 332 -27.39 -3.45 -2.38
N LEU D 333 -26.80 -2.57 -1.57
CA LEU D 333 -25.95 -3.00 -0.48
C LEU D 333 -26.82 -2.97 0.76
N SER D 334 -26.95 -4.10 1.45
CA SER D 334 -27.89 -4.21 2.57
C SER D 334 -27.46 -3.36 3.76
N PRO D 335 -28.38 -3.13 4.72
CA PRO D 335 -27.99 -2.48 5.97
C PRO D 335 -26.80 -3.15 6.67
N VAL D 336 -26.55 -4.43 6.43
CA VAL D 336 -25.37 -5.09 6.99
C VAL D 336 -24.09 -4.44 6.43
N THR D 337 -24.05 -4.21 5.12
CA THR D 337 -22.91 -3.52 4.51
C THR D 337 -22.78 -2.11 5.05
N MET D 338 -23.90 -1.41 5.19
CA MET D 338 -23.86 -0.02 5.64
C MET D 338 -23.29 0.08 7.04
N GLY D 339 -23.71 -0.83 7.92
CA GLY D 339 -23.15 -0.89 9.26
C GLY D 339 -21.64 -1.05 9.20
N CYS D 340 -21.18 -2.03 8.43
CA CYS D 340 -19.74 -2.23 8.27
C CYS D 340 -19.07 -1.02 7.61
N ALA D 341 -19.70 -0.44 6.60
CA ALA D 341 -19.14 0.73 5.91
C ALA D 341 -18.96 1.89 6.88
N LEU D 342 -19.94 2.08 7.76
CA LEU D 342 -19.91 3.21 8.67
C LEU D 342 -18.86 3.02 9.77
N HIS D 343 -18.69 1.79 10.21
CA HIS D 343 -17.60 1.49 11.14
C HIS D 343 -16.26 1.77 10.50
N PHE D 344 -16.11 1.29 9.27
CA PHE D 344 -14.92 1.56 8.47
C PHE D 344 -14.73 3.07 8.28
N ASP D 345 -15.79 3.75 7.85
CA ASP D 345 -15.75 5.19 7.62
C ASP D 345 -15.38 5.99 8.88
N THR D 346 -15.80 5.51 10.03
CA THR D 346 -15.60 6.20 11.30
C THR D 346 -14.14 6.18 11.73
N TRP D 347 -13.43 5.12 11.33
CA TRP D 347 -12.03 4.94 11.68
C TRP D 347 -11.07 5.44 10.61
N VAL D 348 -11.36 5.13 9.34
CA VAL D 348 -10.36 5.29 8.28
C VAL D 348 -9.81 6.72 8.14
N PRO D 349 -8.49 6.88 8.22
CA PRO D 349 -7.96 8.25 8.22
C PRO D 349 -8.28 9.01 6.93
N ASN D 350 -8.15 8.35 5.79
CA ASN D 350 -8.36 9.03 4.51
C ASN D 350 -9.80 8.92 4.00
N PHE D 351 -10.76 9.11 4.89
CA PHE D 351 -12.16 9.15 4.51
C PHE D 351 -12.46 10.33 3.61
N GLY D 352 -13.26 10.12 2.56
CA GLY D 352 -13.71 11.22 1.72
C GLY D 352 -15.18 11.52 1.85
N ILE D 353 -16.02 10.54 1.53
CA ILE D 353 -17.47 10.70 1.58
C ILE D 353 -18.08 9.30 1.55
N GLN D 354 -19.36 9.19 1.93
CA GLN D 354 -20.07 7.91 1.86
C GLN D 354 -21.35 8.10 1.07
N GLU D 355 -21.60 7.22 0.10
CA GLU D 355 -22.86 7.26 -0.62
C GLU D 355 -23.99 6.74 0.28
N TYR D 356 -25.15 7.37 0.22
CA TYR D 356 -26.29 6.93 1.01
C TYR D 356 -27.61 7.03 0.26
N MET D 357 -28.16 5.86 -0.11
CA MET D 357 -29.52 5.77 -0.62
C MET D 357 -30.36 5.10 0.46
N ARG D 358 -31.46 5.73 0.88
CA ARG D 358 -32.25 5.19 1.98
C ARG D 358 -32.94 3.89 1.57
N HIS D 359 -32.87 2.90 2.45
CA HIS D 359 -33.60 1.65 2.25
C HIS D 359 -35.07 1.84 2.58
N THR D 360 -35.90 0.90 2.17
CA THR D 360 -37.32 0.94 2.48
C THR D 360 -37.51 0.65 3.97
N GLU D 361 -38.68 1.01 4.46
CA GLU D 361 -39.04 0.75 5.85
C GLU D 361 -38.95 -0.76 6.15
N GLU D 362 -39.42 -1.56 5.21
CA GLU D 362 -39.44 -3.01 5.35
C GLU D 362 -38.03 -3.58 5.43
N THR D 363 -37.12 -3.02 4.66
CA THR D 363 -35.72 -3.46 4.70
C THR D 363 -35.12 -3.14 6.06
N ASP D 364 -35.39 -1.93 6.56
CA ASP D 364 -34.89 -1.52 7.87
C ASP D 364 -35.41 -2.44 8.97
N ALA D 365 -36.65 -2.92 8.84
CA ALA D 365 -37.24 -3.78 9.85
C ALA D 365 -36.62 -5.18 9.86
N VAL D 366 -36.31 -5.69 8.67
CA VAL D 366 -35.66 -6.99 8.54
C VAL D 366 -34.22 -6.93 9.06
N PHE D 367 -33.57 -5.79 8.88
CA PHE D 367 -32.18 -5.63 9.30
C PHE D 367 -32.01 -4.54 10.35
N PRO D 368 -32.42 -4.82 11.60
CA PRO D 368 -32.27 -3.78 12.63
C PRO D 368 -30.80 -3.40 12.80
N HIS D 369 -30.54 -2.10 12.94
CA HIS D 369 -29.16 -1.58 12.94
C HIS D 369 -29.01 -0.41 13.91
N ASP D 370 -27.78 -0.05 14.27
CA ASP D 370 -27.63 1.03 15.26
C ASP D 370 -27.22 2.39 14.66
N TYR D 371 -27.10 2.45 13.35
CA TYR D 371 -26.68 3.70 12.72
C TYR D 371 -27.85 4.63 12.45
N TRP D 372 -27.57 5.93 12.37
CA TRP D 372 -28.64 6.89 12.13
C TRP D 372 -28.21 8.07 11.25
N PHE D 373 -29.19 8.76 10.68
CA PHE D 373 -28.90 9.89 9.80
C PHE D 373 -29.35 11.18 10.46
N GLU D 374 -28.51 12.20 10.36
CA GLU D 374 -28.82 13.51 10.94
C GLU D 374 -28.11 14.61 10.17
N LYS D 375 -28.89 15.49 9.54
CA LYS D 375 -28.37 16.71 8.91
C LYS D 375 -27.20 16.45 7.94
N GLY D 376 -27.42 15.59 6.94
CA GLY D 376 -26.41 15.32 5.93
C GLY D 376 -25.24 14.44 6.37
N GLU D 377 -25.34 13.82 7.55
CA GLU D 377 -24.31 12.90 8.03
C GLU D 377 -24.90 11.60 8.57
N LEU D 378 -24.22 10.49 8.33
CA LEU D 378 -24.55 9.24 9.01
C LEU D 378 -23.63 9.08 10.21
N PHE D 379 -24.13 8.35 11.21
CA PHE D 379 -23.37 8.09 12.42
C PHE D 379 -23.48 6.62 12.75
N VAL D 380 -22.38 6.01 13.16
CA VAL D 380 -22.43 4.62 13.61
C VAL D 380 -22.64 4.58 15.13
N GLY D 381 -23.34 3.56 15.61
CA GLY D 381 -23.60 3.41 17.04
C GLY D 381 -22.48 2.68 17.77
N GLU D 382 -22.77 2.32 19.02
CA GLU D 382 -21.76 1.75 19.92
C GLU D 382 -21.99 0.28 20.24
N THR D 383 -22.97 -0.33 19.57
CA THR D 383 -23.32 -1.72 19.84
C THR D 383 -22.16 -2.63 19.47
N PRO D 384 -21.80 -3.57 20.37
CA PRO D 384 -20.72 -4.50 20.01
C PRO D 384 -21.09 -5.30 18.78
N GLY D 385 -20.12 -5.49 17.89
CA GLY D 385 -20.36 -6.06 16.57
C GLY D 385 -20.31 -4.95 15.54
N HIS D 386 -20.90 -5.18 14.38
CA HIS D 386 -21.05 -4.09 13.41
C HIS D 386 -22.38 -3.35 13.60
N GLY D 387 -23.15 -3.78 14.61
CA GLY D 387 -24.34 -3.07 15.00
C GLY D 387 -25.58 -3.48 14.24
N VAL D 388 -25.43 -4.43 13.32
CA VAL D 388 -26.56 -4.87 12.51
C VAL D 388 -26.93 -6.30 12.85
N ASP D 389 -28.22 -6.61 12.76
CA ASP D 389 -28.67 -7.99 12.89
C ASP D 389 -29.74 -8.28 11.84
N ILE D 390 -30.22 -9.51 11.79
CA ILE D 390 -31.28 -9.85 10.85
C ILE D 390 -32.41 -10.56 11.58
N ASP D 391 -33.63 -10.09 11.33
CA ASP D 391 -34.83 -10.73 11.88
C ASP D 391 -35.24 -11.86 10.95
N GLU D 392 -34.84 -13.08 11.27
CA GLU D 392 -35.06 -14.22 10.38
C GLU D 392 -36.54 -14.52 10.16
N GLU D 393 -37.29 -14.56 11.24
CA GLU D 393 -38.72 -14.76 11.17
C GLU D 393 -39.40 -13.74 10.25
N LEU D 394 -38.97 -12.48 10.33
CA LEU D 394 -39.56 -11.43 9.50
C LEU D 394 -39.04 -11.50 8.06
N ALA D 395 -37.76 -11.84 7.91
CA ALA D 395 -37.17 -11.95 6.58
C ALA D 395 -37.91 -12.98 5.74
N ALA D 396 -38.38 -14.03 6.39
CA ALA D 396 -39.12 -15.11 5.75
C ALA D 396 -40.48 -14.70 5.19
N LYS D 397 -40.95 -13.51 5.57
CA LYS D 397 -42.23 -13.02 5.07
C LYS D 397 -42.06 -12.32 3.72
N TYR D 398 -40.82 -12.11 3.30
CA TYR D 398 -40.54 -11.42 2.04
C TYR D 398 -39.72 -12.30 1.11
N PRO D 399 -40.40 -13.17 0.33
CA PRO D 399 -39.72 -14.13 -0.55
C PRO D 399 -39.01 -13.51 -1.75
N TYR D 400 -37.91 -14.16 -2.15
CA TYR D 400 -37.11 -13.77 -3.31
C TYR D 400 -37.93 -13.39 -4.55
N LYS D 401 -37.50 -12.34 -5.23
CA LYS D 401 -38.17 -11.89 -6.45
C LYS D 401 -37.15 -11.38 -7.46
N PRO D 402 -36.98 -12.12 -8.56
CA PRO D 402 -35.97 -11.81 -9.60
C PRO D 402 -36.08 -10.38 -10.12
N ALA D 403 -34.94 -9.69 -10.19
CA ALA D 403 -34.88 -8.32 -10.66
C ALA D 403 -33.53 -8.08 -11.33
N TYR D 404 -33.54 -7.42 -12.49
CA TYR D 404 -32.31 -7.19 -13.25
C TYR D 404 -31.91 -5.74 -13.34
N LEU D 405 -30.61 -5.51 -13.49
CA LEU D 405 -30.12 -4.18 -13.81
C LEU D 405 -30.40 -3.89 -15.28
N PRO D 406 -30.59 -2.61 -15.63
CA PRO D 406 -30.83 -2.28 -17.03
C PRO D 406 -29.57 -2.48 -17.88
N VAL D 407 -29.74 -2.51 -19.20
CA VAL D 407 -28.62 -2.44 -20.13
C VAL D 407 -28.81 -1.23 -21.02
N ALA D 408 -27.73 -0.80 -21.65
CA ALA D 408 -27.75 0.37 -22.52
C ALA D 408 -27.29 0.02 -23.92
N ARG D 409 -27.93 0.63 -24.92
CA ARG D 409 -27.48 0.50 -26.30
C ARG D 409 -27.35 1.89 -26.91
N LEU D 410 -26.35 2.07 -27.77
CA LEU D 410 -26.25 3.27 -28.58
C LEU D 410 -27.43 3.34 -29.55
N GLU D 411 -27.64 4.50 -30.17
CA GLU D 411 -28.77 4.71 -31.08
C GLU D 411 -28.80 3.71 -32.24
N ASP D 412 -27.64 3.25 -32.67
CA ASP D 412 -27.56 2.30 -33.77
C ASP D 412 -27.79 0.84 -33.34
N GLY D 413 -27.92 0.62 -32.04
CA GLY D 413 -28.16 -0.71 -31.51
C GLY D 413 -26.97 -1.32 -30.76
N THR D 414 -25.81 -0.66 -30.83
CA THR D 414 -24.58 -1.18 -30.21
C THR D 414 -24.70 -1.39 -28.69
N MET D 415 -24.44 -2.61 -28.24
CA MET D 415 -24.36 -2.89 -26.81
C MET D 415 -23.34 -1.98 -26.13
N TRP D 416 -23.78 -1.26 -25.11
CA TRP D 416 -22.92 -0.29 -24.46
C TRP D 416 -22.86 -0.54 -22.96
N ASN D 417 -22.32 0.43 -22.24
CA ASN D 417 -22.09 0.29 -20.81
C ASN D 417 -23.15 1.03 -20.04
N TRP D 418 -24.08 0.30 -19.44
CA TRP D 418 -25.11 0.98 -18.67
C TRP D 418 -24.52 1.68 -17.44
#